data_7D8I
# 
_entry.id   7D8I 
# 
_audit_conform.dict_name       mmcif_pdbx.dic 
_audit_conform.dict_version    5.392 
_audit_conform.dict_location   http://mmcif.pdb.org/dictionaries/ascii/mmcif_pdbx.dic 
# 
loop_
_database_2.database_id 
_database_2.database_code 
_database_2.pdbx_database_accession 
_database_2.pdbx_DOI 
PDB   7D8I         pdb_00007d8i 10.2210/pdb7d8i/pdb 
WWPDB D_1300018896 ?            ?                   
# 
loop_
_pdbx_audit_revision_history.ordinal 
_pdbx_audit_revision_history.data_content_type 
_pdbx_audit_revision_history.major_revision 
_pdbx_audit_revision_history.minor_revision 
_pdbx_audit_revision_history.revision_date 
1 'Structure model' 1 0 2021-03-17 
2 'Structure model' 1 1 2021-10-06 
3 'Structure model' 1 2 2022-02-16 
4 'Structure model' 1 3 2024-05-29 
# 
_pdbx_audit_revision_details.ordinal             1 
_pdbx_audit_revision_details.revision_ordinal    1 
_pdbx_audit_revision_details.data_content_type   'Structure model' 
_pdbx_audit_revision_details.provider            repository 
_pdbx_audit_revision_details.type                'Initial release' 
_pdbx_audit_revision_details.description         ? 
_pdbx_audit_revision_details.details             ? 
# 
loop_
_pdbx_audit_revision_group.ordinal 
_pdbx_audit_revision_group.revision_ordinal 
_pdbx_audit_revision_group.data_content_type 
_pdbx_audit_revision_group.group 
1 2 'Structure model' 'Database references' 
2 3 'Structure model' 'Database references' 
3 4 'Structure model' 'Data collection'     
# 
loop_
_pdbx_audit_revision_category.ordinal 
_pdbx_audit_revision_category.revision_ordinal 
_pdbx_audit_revision_category.data_content_type 
_pdbx_audit_revision_category.category 
1 2 'Structure model' citation        
2 2 'Structure model' citation_author 
3 2 'Structure model' database_2      
4 3 'Structure model' citation        
5 3 'Structure model' citation_author 
6 4 'Structure model' chem_comp_atom  
7 4 'Structure model' chem_comp_bond  
# 
loop_
_pdbx_audit_revision_item.ordinal 
_pdbx_audit_revision_item.revision_ordinal 
_pdbx_audit_revision_item.data_content_type 
_pdbx_audit_revision_item.item 
1  2 'Structure model' '_citation.country'                   
2  2 'Structure model' '_citation.journal_abbrev'            
3  2 'Structure model' '_citation.journal_id_CSD'            
4  2 'Structure model' '_citation.journal_id_ISSN'           
5  2 'Structure model' '_citation.pdbx_database_id_DOI'      
6  2 'Structure model' '_citation.pdbx_database_id_PubMed'   
7  2 'Structure model' '_citation.title'                     
8  2 'Structure model' '_citation.year'                      
9  2 'Structure model' '_database_2.pdbx_DOI'                
10 2 'Structure model' '_database_2.pdbx_database_accession' 
11 3 'Structure model' '_citation.journal_volume'            
12 3 'Structure model' '_citation.page_first'                
13 3 'Structure model' '_citation.page_last'                 
14 3 'Structure model' '_citation_author.identifier_ORCID'   
# 
_pdbx_database_status.status_code                     REL 
_pdbx_database_status.status_code_sf                  REL 
_pdbx_database_status.status_code_mr                  ? 
_pdbx_database_status.entry_id                        7D8I 
_pdbx_database_status.recvd_initial_deposition_date   2020-10-08 
_pdbx_database_status.SG_entry                        N 
_pdbx_database_status.deposit_site                    PDBJ 
_pdbx_database_status.process_site                    PDBJ 
_pdbx_database_status.status_code_cs                  ? 
_pdbx_database_status.status_code_nmr_data            ? 
_pdbx_database_status.methods_development_category    ? 
_pdbx_database_status.pdb_format_compatible           Y 
# 
loop_
_audit_author.name 
_audit_author.pdbx_ordinal 
_audit_author.identifier_ORCID 
'Wang, Z.' 1 0000-0001-6476-9781 
'Li, X.'   2 0000-0001-5221-0817 
# 
loop_
_citation.abstract 
_citation.abstract_id_CAS 
_citation.book_id_ISBN 
_citation.book_publisher 
_citation.book_publisher_city 
_citation.book_title 
_citation.coordinate_linkage 
_citation.country 
_citation.database_id_Medline 
_citation.details 
_citation.id 
_citation.journal_abbrev 
_citation.journal_id_ASTM 
_citation.journal_id_CSD 
_citation.journal_id_ISSN 
_citation.journal_full 
_citation.journal_issue 
_citation.journal_volume 
_citation.language 
_citation.page_first 
_citation.page_last 
_citation.title 
_citation.year 
_citation.database_id_CSD 
_citation.pdbx_database_id_DOI 
_citation.pdbx_database_id_PubMed 
_citation.unpublished_flag 
? ? ? ? ? ? ? UK ? ? primary 'Febs J.'        ?      ?    1742-464X ? ? 288 ? 6019  6034  
'The structural mechanism for the nucleoside tri- and diphosphate hydrolysis activity of Ntdp from Staphylococcus aureus.' 2021 ? 
10.1111/febs.15911      33955674 ? 
? ? ? ? ? ? ? US ? ? 1       'J. Biol. Chem.' JBCHA3 0071 0021-9258 ? ? 291 ? 18608 18619 
'Novel Nucleoside Diphosphatase Contributes to Staphylococcus aureus Virulence'                                            2016 ? 
10.1074/jbc.M116.721845 27422825 ? 
# 
loop_
_citation_author.citation_id 
_citation_author.name 
_citation_author.ordinal 
_citation_author.identifier_ORCID 
primary 'Wang, Z.'  1 ? 
primary 'Shen, H.'  2 ? 
primary 'He, B.'    3 ? 
primary 'Teng, M.'  4 ? 
primary 'Guo, Q.'   5 ? 
primary 'Li, X.'    6 ? 
1       'Kenta, I.' 7 ? 
1       'Yuki, S.'  8 ? 
# 
loop_
_entity.id 
_entity.type 
_entity.src_method 
_entity.pdbx_description 
_entity.formula_weight 
_entity.pdbx_number_of_molecules 
_entity.pdbx_ec 
_entity.pdbx_mutation 
_entity.pdbx_fragment 
_entity.details 
1 polymer     man 'UPF0374 protein SA1684'                     21734.592 1   ? ? ? ? 
2 non-polymer syn 'PHOSPHOTHIOPHOSPHORIC ACID-ADENYLATE ESTER' 523.247   1   ? ? ? ? 
3 non-polymer syn 'CALCIUM ION'                                40.078    2   ? ? ? ? 
4 water       nat water                                        18.015    107 ? ? ? ? 
# 
_entity_poly.entity_id                      1 
_entity_poly.type                           'polypeptide(L)' 
_entity_poly.nstd_linkage                   no 
_entity_poly.nstd_monomer                   no 
_entity_poly.pdbx_seq_one_letter_code       
;MVRESIPKEGENIKIQSYKHDGKIHRVWSETTILKGTDHVVIGGNDHTLVTESDGRTWITREPAIVYFHSEYWFNVICMF
REDGIYYYCNLSSPFVCDEEALKYIDYDLDIKVYPNGKYHLLDEDEYEQHMNQMNYPHDIDIILRRNVDILQQWIEQKKG
PFAPDFIKVWKERYKKIRQY
;
_entity_poly.pdbx_seq_one_letter_code_can   
;MVRESIPKEGENIKIQSYKHDGKIHRVWSETTILKGTDHVVIGGNDHTLVTESDGRTWITREPAIVYFHSEYWFNVICMF
REDGIYYYCNLSSPFVCDEEALKYIDYDLDIKVYPNGKYHLLDEDEYEQHMNQMNYPHDIDIILRRNVDILQQWIEQKKG
PFAPDFIKVWKERYKKIRQY
;
_entity_poly.pdbx_strand_id                 A 
_entity_poly.pdbx_target_identifier         ? 
# 
loop_
_pdbx_entity_nonpoly.entity_id 
_pdbx_entity_nonpoly.name 
_pdbx_entity_nonpoly.comp_id 
2 'PHOSPHOTHIOPHOSPHORIC ACID-ADENYLATE ESTER' AGS 
3 'CALCIUM ION'                                CA  
4 water                                        HOH 
# 
loop_
_entity_poly_seq.entity_id 
_entity_poly_seq.num 
_entity_poly_seq.mon_id 
_entity_poly_seq.hetero 
1 1   MET n 
1 2   VAL n 
1 3   ARG n 
1 4   GLU n 
1 5   SER n 
1 6   ILE n 
1 7   PRO n 
1 8   LYS n 
1 9   GLU n 
1 10  GLY n 
1 11  GLU n 
1 12  ASN n 
1 13  ILE n 
1 14  LYS n 
1 15  ILE n 
1 16  GLN n 
1 17  SER n 
1 18  TYR n 
1 19  LYS n 
1 20  HIS n 
1 21  ASP n 
1 22  GLY n 
1 23  LYS n 
1 24  ILE n 
1 25  HIS n 
1 26  ARG n 
1 27  VAL n 
1 28  TRP n 
1 29  SER n 
1 30  GLU n 
1 31  THR n 
1 32  THR n 
1 33  ILE n 
1 34  LEU n 
1 35  LYS n 
1 36  GLY n 
1 37  THR n 
1 38  ASP n 
1 39  HIS n 
1 40  VAL n 
1 41  VAL n 
1 42  ILE n 
1 43  GLY n 
1 44  GLY n 
1 45  ASN n 
1 46  ASP n 
1 47  HIS n 
1 48  THR n 
1 49  LEU n 
1 50  VAL n 
1 51  THR n 
1 52  GLU n 
1 53  SER n 
1 54  ASP n 
1 55  GLY n 
1 56  ARG n 
1 57  THR n 
1 58  TRP n 
1 59  ILE n 
1 60  THR n 
1 61  ARG n 
1 62  GLU n 
1 63  PRO n 
1 64  ALA n 
1 65  ILE n 
1 66  VAL n 
1 67  TYR n 
1 68  PHE n 
1 69  HIS n 
1 70  SER n 
1 71  GLU n 
1 72  TYR n 
1 73  TRP n 
1 74  PHE n 
1 75  ASN n 
1 76  VAL n 
1 77  ILE n 
1 78  CYS n 
1 79  MET n 
1 80  PHE n 
1 81  ARG n 
1 82  GLU n 
1 83  ASP n 
1 84  GLY n 
1 85  ILE n 
1 86  TYR n 
1 87  TYR n 
1 88  TYR n 
1 89  CYS n 
1 90  ASN n 
1 91  LEU n 
1 92  SER n 
1 93  SER n 
1 94  PRO n 
1 95  PHE n 
1 96  VAL n 
1 97  CYS n 
1 98  ASP n 
1 99  GLU n 
1 100 GLU n 
1 101 ALA n 
1 102 LEU n 
1 103 LYS n 
1 104 TYR n 
1 105 ILE n 
1 106 ASP n 
1 107 TYR n 
1 108 ASP n 
1 109 LEU n 
1 110 ASP n 
1 111 ILE n 
1 112 LYS n 
1 113 VAL n 
1 114 TYR n 
1 115 PRO n 
1 116 ASN n 
1 117 GLY n 
1 118 LYS n 
1 119 TYR n 
1 120 HIS n 
1 121 LEU n 
1 122 LEU n 
1 123 ASP n 
1 124 GLU n 
1 125 ASP n 
1 126 GLU n 
1 127 TYR n 
1 128 GLU n 
1 129 GLN n 
1 130 HIS n 
1 131 MET n 
1 132 ASN n 
1 133 GLN n 
1 134 MET n 
1 135 ASN n 
1 136 TYR n 
1 137 PRO n 
1 138 HIS n 
1 139 ASP n 
1 140 ILE n 
1 141 ASP n 
1 142 ILE n 
1 143 ILE n 
1 144 LEU n 
1 145 ARG n 
1 146 ARG n 
1 147 ASN n 
1 148 VAL n 
1 149 ASP n 
1 150 ILE n 
1 151 LEU n 
1 152 GLN n 
1 153 GLN n 
1 154 TRP n 
1 155 ILE n 
1 156 GLU n 
1 157 GLN n 
1 158 LYS n 
1 159 LYS n 
1 160 GLY n 
1 161 PRO n 
1 162 PHE n 
1 163 ALA n 
1 164 PRO n 
1 165 ASP n 
1 166 PHE n 
1 167 ILE n 
1 168 LYS n 
1 169 VAL n 
1 170 TRP n 
1 171 LYS n 
1 172 GLU n 
1 173 ARG n 
1 174 TYR n 
1 175 LYS n 
1 176 LYS n 
1 177 ILE n 
1 178 ARG n 
1 179 GLN n 
1 180 TYR n 
# 
_entity_src_gen.entity_id                          1 
_entity_src_gen.pdbx_src_id                        1 
_entity_src_gen.pdbx_alt_source_flag               sample 
_entity_src_gen.pdbx_seq_type                      'Biological sequence' 
_entity_src_gen.pdbx_beg_seq_num                   1 
_entity_src_gen.pdbx_end_seq_num                   180 
_entity_src_gen.gene_src_common_name               ? 
_entity_src_gen.gene_src_genus                     ? 
_entity_src_gen.pdbx_gene_src_gene                 SA1684 
_entity_src_gen.gene_src_species                   ? 
_entity_src_gen.gene_src_strain                    N315 
_entity_src_gen.gene_src_tissue                    ? 
_entity_src_gen.gene_src_tissue_fraction           ? 
_entity_src_gen.gene_src_details                   ? 
_entity_src_gen.pdbx_gene_src_fragment             ? 
_entity_src_gen.pdbx_gene_src_scientific_name      'Staphylococcus aureus subsp. aureus N315' 
_entity_src_gen.pdbx_gene_src_ncbi_taxonomy_id     158879 
_entity_src_gen.pdbx_gene_src_variant              ? 
_entity_src_gen.pdbx_gene_src_cell_line            ? 
_entity_src_gen.pdbx_gene_src_atcc                 ? 
_entity_src_gen.pdbx_gene_src_organ                ? 
_entity_src_gen.pdbx_gene_src_organelle            ? 
_entity_src_gen.pdbx_gene_src_cell                 ? 
_entity_src_gen.pdbx_gene_src_cellular_location    ? 
_entity_src_gen.host_org_common_name               ? 
_entity_src_gen.pdbx_host_org_scientific_name      'Escherichia coli' 
_entity_src_gen.pdbx_host_org_ncbi_taxonomy_id     562 
_entity_src_gen.host_org_genus                     ? 
_entity_src_gen.pdbx_host_org_gene                 ? 
_entity_src_gen.pdbx_host_org_organ                ? 
_entity_src_gen.host_org_species                   ? 
_entity_src_gen.pdbx_host_org_tissue               ? 
_entity_src_gen.pdbx_host_org_tissue_fraction      ? 
_entity_src_gen.pdbx_host_org_strain               ? 
_entity_src_gen.pdbx_host_org_variant              ? 
_entity_src_gen.pdbx_host_org_cell_line            ? 
_entity_src_gen.pdbx_host_org_atcc                 ? 
_entity_src_gen.pdbx_host_org_culture_collection   ? 
_entity_src_gen.pdbx_host_org_cell                 ? 
_entity_src_gen.pdbx_host_org_organelle            ? 
_entity_src_gen.pdbx_host_org_cellular_location    ? 
_entity_src_gen.pdbx_host_org_vector_type          ? 
_entity_src_gen.pdbx_host_org_vector               ? 
_entity_src_gen.host_org_details                   ? 
_entity_src_gen.expression_system_id               ? 
_entity_src_gen.plasmid_name                       ? 
_entity_src_gen.plasmid_details                    ? 
_entity_src_gen.pdbx_description                   ? 
# 
loop_
_chem_comp.id 
_chem_comp.type 
_chem_comp.mon_nstd_flag 
_chem_comp.name 
_chem_comp.pdbx_synonyms 
_chem_comp.formula 
_chem_comp.formula_weight 
AGS non-polymer         . 'PHOSPHOTHIOPHOSPHORIC ACID-ADENYLATE ESTER' 
;ATP-GAMMA-S; ADENOSINE 5'-(3-THIOTRIPHOSPHATE); ADENOSINE 5'-(GAMMA-THIOTRIPHOSPHATE); ADENOSINE-5'-DIPHOSPHATE MONOTHIOPHOSPHATE
;
'C10 H16 N5 O12 P3 S' 523.247 
ALA 'L-peptide linking' y ALANINE                                      ? 'C3 H7 N O2'          89.093  
ARG 'L-peptide linking' y ARGININE                                     ? 'C6 H15 N4 O2 1'      175.209 
ASN 'L-peptide linking' y ASPARAGINE                                   ? 'C4 H8 N2 O3'         132.118 
ASP 'L-peptide linking' y 'ASPARTIC ACID'                              ? 'C4 H7 N O4'          133.103 
CA  non-polymer         . 'CALCIUM ION'                                ? 'Ca 2'                40.078  
CYS 'L-peptide linking' y CYSTEINE                                     ? 'C3 H7 N O2 S'        121.158 
GLN 'L-peptide linking' y GLUTAMINE                                    ? 'C5 H10 N2 O3'        146.144 
GLU 'L-peptide linking' y 'GLUTAMIC ACID'                              ? 'C5 H9 N O4'          147.129 
GLY 'peptide linking'   y GLYCINE                                      ? 'C2 H5 N O2'          75.067  
HIS 'L-peptide linking' y HISTIDINE                                    ? 'C6 H10 N3 O2 1'      156.162 
HOH non-polymer         . WATER                                        ? 'H2 O'                18.015  
ILE 'L-peptide linking' y ISOLEUCINE                                   ? 'C6 H13 N O2'         131.173 
LEU 'L-peptide linking' y LEUCINE                                      ? 'C6 H13 N O2'         131.173 
LYS 'L-peptide linking' y LYSINE                                       ? 'C6 H15 N2 O2 1'      147.195 
MET 'L-peptide linking' y METHIONINE                                   ? 'C5 H11 N O2 S'       149.211 
PHE 'L-peptide linking' y PHENYLALANINE                                ? 'C9 H11 N O2'         165.189 
PRO 'L-peptide linking' y PROLINE                                      ? 'C5 H9 N O2'          115.130 
SER 'L-peptide linking' y SERINE                                       ? 'C3 H7 N O3'          105.093 
THR 'L-peptide linking' y THREONINE                                    ? 'C4 H9 N O3'          119.119 
TRP 'L-peptide linking' y TRYPTOPHAN                                   ? 'C11 H12 N2 O2'       204.225 
TYR 'L-peptide linking' y TYROSINE                                     ? 'C9 H11 N O3'         181.189 
VAL 'L-peptide linking' y VALINE                                       ? 'C5 H11 N O2'         117.146 
# 
loop_
_pdbx_poly_seq_scheme.asym_id 
_pdbx_poly_seq_scheme.entity_id 
_pdbx_poly_seq_scheme.seq_id 
_pdbx_poly_seq_scheme.mon_id 
_pdbx_poly_seq_scheme.ndb_seq_num 
_pdbx_poly_seq_scheme.pdb_seq_num 
_pdbx_poly_seq_scheme.auth_seq_num 
_pdbx_poly_seq_scheme.pdb_mon_id 
_pdbx_poly_seq_scheme.auth_mon_id 
_pdbx_poly_seq_scheme.pdb_strand_id 
_pdbx_poly_seq_scheme.pdb_ins_code 
_pdbx_poly_seq_scheme.hetero 
A 1 1   MET 1   1   ?   ?   ?   A . n 
A 1 2   VAL 2   2   ?   ?   ?   A . n 
A 1 3   ARG 3   3   ?   ?   ?   A . n 
A 1 4   GLU 4   4   ?   ?   ?   A . n 
A 1 5   SER 5   5   5   SER SER A . n 
A 1 6   ILE 6   6   6   ILE ILE A . n 
A 1 7   PRO 7   7   7   PRO PRO A . n 
A 1 8   LYS 8   8   8   LYS LYS A . n 
A 1 9   GLU 9   9   9   GLU GLU A . n 
A 1 10  GLY 10  10  10  GLY GLY A . n 
A 1 11  GLU 11  11  11  GLU GLU A . n 
A 1 12  ASN 12  12  12  ASN ASN A . n 
A 1 13  ILE 13  13  13  ILE ILE A . n 
A 1 14  LYS 14  14  14  LYS LYS A . n 
A 1 15  ILE 15  15  15  ILE ILE A . n 
A 1 16  GLN 16  16  16  GLN GLN A . n 
A 1 17  SER 17  17  17  SER SER A . n 
A 1 18  TYR 18  18  18  TYR TYR A . n 
A 1 19  LYS 19  19  19  LYS LYS A . n 
A 1 20  HIS 20  20  20  HIS HIS A . n 
A 1 21  ASP 21  21  21  ASP ASP A . n 
A 1 22  GLY 22  22  22  GLY GLY A . n 
A 1 23  LYS 23  23  23  LYS LYS A . n 
A 1 24  ILE 24  24  24  ILE ILE A . n 
A 1 25  HIS 25  25  25  HIS HIS A . n 
A 1 26  ARG 26  26  26  ARG ARG A . n 
A 1 27  VAL 27  27  27  VAL VAL A . n 
A 1 28  TRP 28  28  28  TRP TRP A . n 
A 1 29  SER 29  29  29  SER SER A . n 
A 1 30  GLU 30  30  30  GLU GLU A . n 
A 1 31  THR 31  31  31  THR THR A . n 
A 1 32  THR 32  32  32  THR THR A . n 
A 1 33  ILE 33  33  33  ILE ILE A . n 
A 1 34  LEU 34  34  34  LEU LEU A . n 
A 1 35  LYS 35  35  35  LYS LYS A . n 
A 1 36  GLY 36  36  36  GLY GLY A . n 
A 1 37  THR 37  37  37  THR THR A . n 
A 1 38  ASP 38  38  38  ASP ASP A . n 
A 1 39  HIS 39  39  39  HIS HIS A . n 
A 1 40  VAL 40  40  40  VAL VAL A . n 
A 1 41  VAL 41  41  41  VAL VAL A . n 
A 1 42  ILE 42  42  42  ILE ILE A . n 
A 1 43  GLY 43  43  43  GLY GLY A . n 
A 1 44  GLY 44  44  44  GLY GLY A . n 
A 1 45  ASN 45  45  45  ASN ASN A . n 
A 1 46  ASP 46  46  46  ASP ASP A . n 
A 1 47  HIS 47  47  47  HIS HIS A . n 
A 1 48  THR 48  48  48  THR THR A . n 
A 1 49  LEU 49  49  49  LEU LEU A . n 
A 1 50  VAL 50  50  50  VAL VAL A . n 
A 1 51  THR 51  51  51  THR THR A . n 
A 1 52  GLU 52  52  52  GLU GLU A . n 
A 1 53  SER 53  53  53  SER SER A . n 
A 1 54  ASP 54  54  54  ASP ASP A . n 
A 1 55  GLY 55  55  55  GLY GLY A . n 
A 1 56  ARG 56  56  56  ARG ARG A . n 
A 1 57  THR 57  57  57  THR THR A . n 
A 1 58  TRP 58  58  58  TRP TRP A . n 
A 1 59  ILE 59  59  59  ILE ILE A . n 
A 1 60  THR 60  60  60  THR THR A . n 
A 1 61  ARG 61  61  61  ARG ARG A . n 
A 1 62  GLU 62  62  62  GLU GLU A . n 
A 1 63  PRO 63  63  63  PRO PRO A . n 
A 1 64  ALA 64  64  64  ALA ALA A . n 
A 1 65  ILE 65  65  65  ILE ILE A . n 
A 1 66  VAL 66  66  66  VAL VAL A . n 
A 1 67  TYR 67  67  67  TYR TYR A . n 
A 1 68  PHE 68  68  68  PHE PHE A . n 
A 1 69  HIS 69  69  69  HIS HIS A . n 
A 1 70  SER 70  70  70  SER SER A . n 
A 1 71  GLU 71  71  71  GLU GLU A . n 
A 1 72  TYR 72  72  72  TYR TYR A . n 
A 1 73  TRP 73  73  73  TRP TRP A . n 
A 1 74  PHE 74  74  74  PHE PHE A . n 
A 1 75  ASN 75  75  75  ASN ASN A . n 
A 1 76  VAL 76  76  76  VAL VAL A . n 
A 1 77  ILE 77  77  77  ILE ILE A . n 
A 1 78  CYS 78  78  78  CYS CYS A . n 
A 1 79  MET 79  79  79  MET MET A . n 
A 1 80  PHE 80  80  80  PHE PHE A . n 
A 1 81  ARG 81  81  81  ARG ARG A . n 
A 1 82  GLU 82  82  82  GLU GLU A . n 
A 1 83  ASP 83  83  83  ASP ASP A . n 
A 1 84  GLY 84  84  84  GLY GLY A . n 
A 1 85  ILE 85  85  85  ILE ILE A . n 
A 1 86  TYR 86  86  86  TYR TYR A . n 
A 1 87  TYR 87  87  87  TYR TYR A . n 
A 1 88  TYR 88  88  88  TYR TYR A . n 
A 1 89  CYS 89  89  89  CYS CYS A . n 
A 1 90  ASN 90  90  90  ASN ASN A . n 
A 1 91  LEU 91  91  91  LEU LEU A . n 
A 1 92  SER 92  92  92  SER SER A . n 
A 1 93  SER 93  93  93  SER SER A . n 
A 1 94  PRO 94  94  94  PRO PRO A . n 
A 1 95  PHE 95  95  95  PHE PHE A . n 
A 1 96  VAL 96  96  96  VAL VAL A . n 
A 1 97  CYS 97  97  97  CYS CYS A . n 
A 1 98  ASP 98  98  98  ASP ASP A . n 
A 1 99  GLU 99  99  99  GLU GLU A . n 
A 1 100 GLU 100 100 100 GLU GLU A . n 
A 1 101 ALA 101 101 101 ALA ALA A . n 
A 1 102 LEU 102 102 102 LEU LEU A . n 
A 1 103 LYS 103 103 103 LYS LYS A . n 
A 1 104 TYR 104 104 104 TYR TYR A . n 
A 1 105 ILE 105 105 105 ILE ILE A . n 
A 1 106 ASP 106 106 106 ASP ASP A . n 
A 1 107 TYR 107 107 107 TYR TYR A . n 
A 1 108 ASP 108 108 108 ASP ASP A . n 
A 1 109 LEU 109 109 109 LEU LEU A . n 
A 1 110 ASP 110 110 110 ASP ASP A . n 
A 1 111 ILE 111 111 111 ILE ILE A . n 
A 1 112 LYS 112 112 112 LYS LYS A . n 
A 1 113 VAL 113 113 113 VAL VAL A . n 
A 1 114 TYR 114 114 114 TYR TYR A . n 
A 1 115 PRO 115 115 115 PRO PRO A . n 
A 1 116 ASN 116 116 116 ASN ASN A . n 
A 1 117 GLY 117 117 117 GLY GLY A . n 
A 1 118 LYS 118 118 118 LYS LYS A . n 
A 1 119 TYR 119 119 119 TYR TYR A . n 
A 1 120 HIS 120 120 120 HIS HIS A . n 
A 1 121 LEU 121 121 121 LEU LEU A . n 
A 1 122 LEU 122 122 122 LEU LEU A . n 
A 1 123 ASP 123 123 123 ASP ASP A . n 
A 1 124 GLU 124 124 124 GLU GLU A . n 
A 1 125 ASP 125 125 125 ASP ASP A . n 
A 1 126 GLU 126 126 126 GLU GLU A . n 
A 1 127 TYR 127 127 127 TYR TYR A . n 
A 1 128 GLU 128 128 128 GLU GLU A . n 
A 1 129 GLN 129 129 129 GLN GLN A . n 
A 1 130 HIS 130 130 130 HIS HIS A . n 
A 1 131 MET 131 131 131 MET MET A . n 
A 1 132 ASN 132 132 132 ASN ASN A . n 
A 1 133 GLN 133 133 133 GLN GLN A . n 
A 1 134 MET 134 134 134 MET MET A . n 
A 1 135 ASN 135 135 135 ASN ASN A . n 
A 1 136 TYR 136 136 136 TYR TYR A . n 
A 1 137 PRO 137 137 137 PRO PRO A . n 
A 1 138 HIS 138 138 138 HIS HIS A . n 
A 1 139 ASP 139 139 139 ASP ASP A . n 
A 1 140 ILE 140 140 140 ILE ILE A . n 
A 1 141 ASP 141 141 141 ASP ASP A . n 
A 1 142 ILE 142 142 142 ILE ILE A . n 
A 1 143 ILE 143 143 143 ILE ILE A . n 
A 1 144 LEU 144 144 144 LEU LEU A . n 
A 1 145 ARG 145 145 145 ARG ARG A . n 
A 1 146 ARG 146 146 146 ARG ARG A . n 
A 1 147 ASN 147 147 147 ASN ASN A . n 
A 1 148 VAL 148 148 148 VAL VAL A . n 
A 1 149 ASP 149 149 149 ASP ASP A . n 
A 1 150 ILE 150 150 150 ILE ILE A . n 
A 1 151 LEU 151 151 151 LEU LEU A . n 
A 1 152 GLN 152 152 152 GLN GLN A . n 
A 1 153 GLN 153 153 153 GLN GLN A . n 
A 1 154 TRP 154 154 154 TRP TRP A . n 
A 1 155 ILE 155 155 155 ILE ILE A . n 
A 1 156 GLU 156 156 156 GLU GLU A . n 
A 1 157 GLN 157 157 157 GLN GLN A . n 
A 1 158 LYS 158 158 158 LYS LYS A . n 
A 1 159 LYS 159 159 159 LYS LYS A . n 
A 1 160 GLY 160 160 160 GLY GLY A . n 
A 1 161 PRO 161 161 161 PRO PRO A . n 
A 1 162 PHE 162 162 162 PHE PHE A . n 
A 1 163 ALA 163 163 163 ALA ALA A . n 
A 1 164 PRO 164 164 164 PRO PRO A . n 
A 1 165 ASP 165 165 165 ASP ASP A . n 
A 1 166 PHE 166 166 166 PHE PHE A . n 
A 1 167 ILE 167 167 167 ILE ILE A . n 
A 1 168 LYS 168 168 168 LYS LYS A . n 
A 1 169 VAL 169 169 169 VAL VAL A . n 
A 1 170 TRP 170 170 170 TRP TRP A . n 
A 1 171 LYS 171 171 171 LYS LYS A . n 
A 1 172 GLU 172 172 172 GLU GLU A . n 
A 1 173 ARG 173 173 173 ARG ARG A . n 
A 1 174 TYR 174 174 174 TYR TYR A . n 
A 1 175 LYS 175 175 175 LYS LYS A . n 
A 1 176 LYS 176 176 176 LYS LYS A . n 
A 1 177 ILE 177 177 177 ILE ILE A . n 
A 1 178 ARG 178 178 178 ARG ARG A . n 
A 1 179 GLN 179 179 ?   ?   ?   A . n 
A 1 180 TYR 180 180 ?   ?   ?   A . n 
# 
loop_
_pdbx_nonpoly_scheme.asym_id 
_pdbx_nonpoly_scheme.entity_id 
_pdbx_nonpoly_scheme.mon_id 
_pdbx_nonpoly_scheme.ndb_seq_num 
_pdbx_nonpoly_scheme.pdb_seq_num 
_pdbx_nonpoly_scheme.auth_seq_num 
_pdbx_nonpoly_scheme.pdb_mon_id 
_pdbx_nonpoly_scheme.auth_mon_id 
_pdbx_nonpoly_scheme.pdb_strand_id 
_pdbx_nonpoly_scheme.pdb_ins_code 
B 2 AGS 1   201 201 AGS AGS A . 
C 3 CA  1   202 501 CA  CA  A . 
D 3 CA  1   203 701 CA  CA  A . 
E 4 HOH 1   301 67  HOH HOH A . 
E 4 HOH 2   302 15  HOH HOH A . 
E 4 HOH 3   303 77  HOH HOH A . 
E 4 HOH 4   304 34  HOH HOH A . 
E 4 HOH 5   305 99  HOH HOH A . 
E 4 HOH 6   306 48  HOH HOH A . 
E 4 HOH 7   307 78  HOH HOH A . 
E 4 HOH 8   308 44  HOH HOH A . 
E 4 HOH 9   309 18  HOH HOH A . 
E 4 HOH 10  310 35  HOH HOH A . 
E 4 HOH 11  311 24  HOH HOH A . 
E 4 HOH 12  312 9   HOH HOH A . 
E 4 HOH 13  313 22  HOH HOH A . 
E 4 HOH 14  314 100 HOH HOH A . 
E 4 HOH 15  315 11  HOH HOH A . 
E 4 HOH 16  316 1   HOH HOH A . 
E 4 HOH 17  317 5   HOH HOH A . 
E 4 HOH 18  318 30  HOH HOH A . 
E 4 HOH 19  319 66  HOH HOH A . 
E 4 HOH 20  320 42  HOH HOH A . 
E 4 HOH 21  321 3   HOH HOH A . 
E 4 HOH 22  322 13  HOH HOH A . 
E 4 HOH 23  323 20  HOH HOH A . 
E 4 HOH 24  324 23  HOH HOH A . 
E 4 HOH 25  325 40  HOH HOH A . 
E 4 HOH 26  326 56  HOH HOH A . 
E 4 HOH 27  327 32  HOH HOH A . 
E 4 HOH 28  328 95  HOH HOH A . 
E 4 HOH 29  329 106 HOH HOH A . 
E 4 HOH 30  330 2   HOH HOH A . 
E 4 HOH 31  331 89  HOH HOH A . 
E 4 HOH 32  332 26  HOH HOH A . 
E 4 HOH 33  333 62  HOH HOH A . 
E 4 HOH 34  334 33  HOH HOH A . 
E 4 HOH 35  335 65  HOH HOH A . 
E 4 HOH 36  336 92  HOH HOH A . 
E 4 HOH 37  337 87  HOH HOH A . 
E 4 HOH 38  338 7   HOH HOH A . 
E 4 HOH 39  339 93  HOH HOH A . 
E 4 HOH 40  340 50  HOH HOH A . 
E 4 HOH 41  341 47  HOH HOH A . 
E 4 HOH 42  342 64  HOH HOH A . 
E 4 HOH 43  343 98  HOH HOH A . 
E 4 HOH 44  344 59  HOH HOH A . 
E 4 HOH 45  345 107 HOH HOH A . 
E 4 HOH 46  346 94  HOH HOH A . 
E 4 HOH 47  347 76  HOH HOH A . 
E 4 HOH 48  348 14  HOH HOH A . 
E 4 HOH 49  349 19  HOH HOH A . 
E 4 HOH 50  350 82  HOH HOH A . 
E 4 HOH 51  351 4   HOH HOH A . 
E 4 HOH 52  352 52  HOH HOH A . 
E 4 HOH 53  353 103 HOH HOH A . 
E 4 HOH 54  354 69  HOH HOH A . 
E 4 HOH 55  355 8   HOH HOH A . 
E 4 HOH 56  356 10  HOH HOH A . 
E 4 HOH 57  357 75  HOH HOH A . 
E 4 HOH 58  358 31  HOH HOH A . 
E 4 HOH 59  359 83  HOH HOH A . 
E 4 HOH 60  360 27  HOH HOH A . 
E 4 HOH 61  361 49  HOH HOH A . 
E 4 HOH 62  362 73  HOH HOH A . 
E 4 HOH 63  363 63  HOH HOH A . 
E 4 HOH 64  364 45  HOH HOH A . 
E 4 HOH 65  365 29  HOH HOH A . 
E 4 HOH 66  366 16  HOH HOH A . 
E 4 HOH 67  367 25  HOH HOH A . 
E 4 HOH 68  368 21  HOH HOH A . 
E 4 HOH 69  369 38  HOH HOH A . 
E 4 HOH 70  370 37  HOH HOH A . 
E 4 HOH 71  371 53  HOH HOH A . 
E 4 HOH 72  372 6   HOH HOH A . 
E 4 HOH 73  373 28  HOH HOH A . 
E 4 HOH 74  374 68  HOH HOH A . 
E 4 HOH 75  375 12  HOH HOH A . 
E 4 HOH 76  376 101 HOH HOH A . 
E 4 HOH 77  377 36  HOH HOH A . 
E 4 HOH 78  378 96  HOH HOH A . 
E 4 HOH 79  379 79  HOH HOH A . 
E 4 HOH 80  380 81  HOH HOH A . 
E 4 HOH 81  381 55  HOH HOH A . 
E 4 HOH 82  382 85  HOH HOH A . 
E 4 HOH 83  383 39  HOH HOH A . 
E 4 HOH 84  384 58  HOH HOH A . 
E 4 HOH 85  385 41  HOH HOH A . 
E 4 HOH 86  386 80  HOH HOH A . 
E 4 HOH 87  387 84  HOH HOH A . 
E 4 HOH 88  388 86  HOH HOH A . 
E 4 HOH 89  389 102 HOH HOH A . 
E 4 HOH 90  390 46  HOH HOH A . 
E 4 HOH 91  391 57  HOH HOH A . 
E 4 HOH 92  392 17  HOH HOH A . 
E 4 HOH 93  393 105 HOH HOH A . 
E 4 HOH 94  394 43  HOH HOH A . 
E 4 HOH 95  395 97  HOH HOH A . 
E 4 HOH 96  396 108 HOH HOH A . 
E 4 HOH 97  397 91  HOH HOH A . 
E 4 HOH 98  398 72  HOH HOH A . 
E 4 HOH 99  399 71  HOH HOH A . 
E 4 HOH 100 400 88  HOH HOH A . 
E 4 HOH 101 401 51  HOH HOH A . 
E 4 HOH 102 402 104 HOH HOH A . 
E 4 HOH 103 403 60  HOH HOH A . 
E 4 HOH 104 404 61  HOH HOH A . 
E 4 HOH 105 405 74  HOH HOH A . 
E 4 HOH 106 406 70  HOH HOH A . 
E 4 HOH 107 407 90  HOH HOH A . 
# 
loop_
_software.citation_id 
_software.classification 
_software.compiler_name 
_software.compiler_version 
_software.contact_author 
_software.contact_author_email 
_software.date 
_software.description 
_software.dependencies 
_software.hardware 
_software.language 
_software.location 
_software.mods 
_software.name 
_software.os 
_software.os_version 
_software.type 
_software.version 
_software.pdbx_ordinal 
? refinement        ? ? ? ? ? ? ? ? ? ? ? REFMAC      ? ? ? 5.8.0258 1 
? 'data extraction' ? ? ? ? ? ? ? ? ? ? ? PDB_EXTRACT ? ? ? 3.25     2 
? 'data reduction'  ? ? ? ? ? ? ? ? ? ? ? HKL-2000    ? ? ? .        3 
? 'data scaling'    ? ? ? ? ? ? ? ? ? ? ? HKL-2000    ? ? ? .        4 
? phasing           ? ? ? ? ? ? ? ? ? ? ? PHENIX      ? ? ? .        5 
# 
_cell.angle_alpha                  90.000 
_cell.angle_alpha_esd              ? 
_cell.angle_beta                   108.520 
_cell.angle_beta_esd               ? 
_cell.angle_gamma                  90.000 
_cell.angle_gamma_esd              ? 
_cell.entry_id                     7D8I 
_cell.details                      ? 
_cell.formula_units_Z              ? 
_cell.length_a                     49.298 
_cell.length_a_esd                 ? 
_cell.length_b                     36.478 
_cell.length_b_esd                 ? 
_cell.length_c                     56.074 
_cell.length_c_esd                 ? 
_cell.volume                       ? 
_cell.volume_esd                   ? 
_cell.Z_PDB                        2 
_cell.reciprocal_angle_alpha       ? 
_cell.reciprocal_angle_beta        ? 
_cell.reciprocal_angle_gamma       ? 
_cell.reciprocal_angle_alpha_esd   ? 
_cell.reciprocal_angle_beta_esd    ? 
_cell.reciprocal_angle_gamma_esd   ? 
_cell.reciprocal_length_a          ? 
_cell.reciprocal_length_b          ? 
_cell.reciprocal_length_c          ? 
_cell.reciprocal_length_a_esd      ? 
_cell.reciprocal_length_b_esd      ? 
_cell.reciprocal_length_c_esd      ? 
_cell.pdbx_unique_axis             ? 
# 
_symmetry.entry_id                         7D8I 
_symmetry.cell_setting                     ? 
_symmetry.Int_Tables_number                4 
_symmetry.space_group_name_Hall            ? 
_symmetry.space_group_name_H-M             'P 1 21 1' 
_symmetry.pdbx_full_space_group_name_H-M   ? 
# 
_exptl.absorpt_coefficient_mu     ? 
_exptl.absorpt_correction_T_max   ? 
_exptl.absorpt_correction_T_min   ? 
_exptl.absorpt_correction_type    ? 
_exptl.absorpt_process_details    ? 
_exptl.entry_id                   7D8I 
_exptl.crystals_number            1 
_exptl.details                    ? 
_exptl.method                     'X-RAY DIFFRACTION' 
_exptl.method_details             ? 
# 
_exptl_crystal.colour                      ? 
_exptl_crystal.density_diffrn              ? 
_exptl_crystal.density_Matthews            2.20 
_exptl_crystal.density_method              ? 
_exptl_crystal.density_percent_sol         44.08 
_exptl_crystal.description                 ? 
_exptl_crystal.F_000                       ? 
_exptl_crystal.id                          1 
_exptl_crystal.preparation                 ? 
_exptl_crystal.size_max                    ? 
_exptl_crystal.size_mid                    ? 
_exptl_crystal.size_min                    ? 
_exptl_crystal.size_rad                    ? 
_exptl_crystal.colour_lustre               ? 
_exptl_crystal.colour_modifier             ? 
_exptl_crystal.colour_primary              ? 
_exptl_crystal.density_meas                ? 
_exptl_crystal.density_meas_esd            ? 
_exptl_crystal.density_meas_gt             ? 
_exptl_crystal.density_meas_lt             ? 
_exptl_crystal.density_meas_temp           ? 
_exptl_crystal.density_meas_temp_esd       ? 
_exptl_crystal.density_meas_temp_gt        ? 
_exptl_crystal.density_meas_temp_lt        ? 
_exptl_crystal.pdbx_crystal_image_url      ? 
_exptl_crystal.pdbx_crystal_image_format   ? 
_exptl_crystal.pdbx_mosaicity              ? 
_exptl_crystal.pdbx_mosaicity_esd          ? 
# 
_exptl_crystal_grow.apparatus       ? 
_exptl_crystal_grow.atmosphere      ? 
_exptl_crystal_grow.crystal_id      1 
_exptl_crystal_grow.details         ? 
_exptl_crystal_grow.method          'VAPOR DIFFUSION, HANGING DROP' 
_exptl_crystal_grow.method_ref      ? 
_exptl_crystal_grow.pH              5.5 
_exptl_crystal_grow.pressure        ? 
_exptl_crystal_grow.pressure_esd    ? 
_exptl_crystal_grow.seeding         ? 
_exptl_crystal_grow.seeding_ref     ? 
_exptl_crystal_grow.temp            289.15 
_exptl_crystal_grow.temp_details    ? 
_exptl_crystal_grow.temp_esd        ? 
_exptl_crystal_grow.time            ? 
_exptl_crystal_grow.pdbx_details    '20% PEG400, 0.1M sodium citrate pH 5.5' 
_exptl_crystal_grow.pdbx_pH_range   ? 
# 
_diffrn.ambient_environment              ? 
_diffrn.ambient_temp                     80 
_diffrn.ambient_temp_details             ? 
_diffrn.ambient_temp_esd                 ? 
_diffrn.crystal_id                       1 
_diffrn.crystal_support                  ? 
_diffrn.crystal_treatment                ? 
_diffrn.details                          ? 
_diffrn.id                               1 
_diffrn.ambient_pressure                 ? 
_diffrn.ambient_pressure_esd             ? 
_diffrn.ambient_pressure_gt              ? 
_diffrn.ambient_pressure_lt              ? 
_diffrn.ambient_temp_gt                  ? 
_diffrn.ambient_temp_lt                  ? 
_diffrn.pdbx_serial_crystal_experiment   N 
# 
_diffrn_detector.details                      ? 
_diffrn_detector.detector                     CCD 
_diffrn_detector.diffrn_id                    1 
_diffrn_detector.type                         'ADSC QUANTUM 315r' 
_diffrn_detector.area_resol_mean              ? 
_diffrn_detector.dtime                        ? 
_diffrn_detector.pdbx_frames_total            ? 
_diffrn_detector.pdbx_collection_time_total   ? 
_diffrn_detector.pdbx_collection_date         2017-01-18 
_diffrn_detector.pdbx_frequency               ? 
# 
_diffrn_radiation.collimation                      ? 
_diffrn_radiation.diffrn_id                        1 
_diffrn_radiation.filter_edge                      ? 
_diffrn_radiation.inhomogeneity                    ? 
_diffrn_radiation.monochromator                    ? 
_diffrn_radiation.polarisn_norm                    ? 
_diffrn_radiation.polarisn_ratio                   ? 
_diffrn_radiation.probe                            ? 
_diffrn_radiation.type                             ? 
_diffrn_radiation.xray_symbol                      ? 
_diffrn_radiation.wavelength_id                    1 
_diffrn_radiation.pdbx_monochromatic_or_laue_m_l   M 
_diffrn_radiation.pdbx_wavelength_list             ? 
_diffrn_radiation.pdbx_wavelength                  ? 
_diffrn_radiation.pdbx_diffrn_protocol             'SINGLE WAVELENGTH' 
_diffrn_radiation.pdbx_analyzer                    ? 
_diffrn_radiation.pdbx_scattering_type             x-ray 
# 
_diffrn_radiation_wavelength.id           1 
_diffrn_radiation_wavelength.wavelength   1.2809 
_diffrn_radiation_wavelength.wt           1.0 
# 
_diffrn_source.current                     ? 
_diffrn_source.details                     ? 
_diffrn_source.diffrn_id                   1 
_diffrn_source.power                       ? 
_diffrn_source.size                        ? 
_diffrn_source.source                      SYNCHROTRON 
_diffrn_source.target                      ? 
_diffrn_source.type                        'SSRF BEAMLINE BL17U1' 
_diffrn_source.voltage                     ? 
_diffrn_source.take-off_angle              ? 
_diffrn_source.pdbx_wavelength_list        1.2809 
_diffrn_source.pdbx_wavelength             ? 
_diffrn_source.pdbx_synchrotron_beamline   BL17U1 
_diffrn_source.pdbx_synchrotron_site       SSRF 
# 
_reflns.B_iso_Wilson_estimate            ? 
_reflns.entry_id                         7D8I 
_reflns.data_reduction_details           ? 
_reflns.data_reduction_method            ? 
_reflns.d_resolution_high                1.62 
_reflns.d_resolution_low                 50 
_reflns.details                          ? 
_reflns.limit_h_max                      ? 
_reflns.limit_h_min                      ? 
_reflns.limit_k_max                      ? 
_reflns.limit_k_min                      ? 
_reflns.limit_l_max                      ? 
_reflns.limit_l_min                      ? 
_reflns.number_all                       ? 
_reflns.number_obs                       24142 
_reflns.observed_criterion               ? 
_reflns.observed_criterion_F_max         ? 
_reflns.observed_criterion_F_min         ? 
_reflns.observed_criterion_I_max         ? 
_reflns.observed_criterion_I_min         ? 
_reflns.observed_criterion_sigma_F       ? 
_reflns.observed_criterion_sigma_I       ? 
_reflns.percent_possible_obs             99.7 
_reflns.R_free_details                   ? 
_reflns.Rmerge_F_all                     ? 
_reflns.Rmerge_F_obs                     ? 
_reflns.Friedel_coverage                 ? 
_reflns.number_gt                        ? 
_reflns.threshold_expression             ? 
_reflns.pdbx_redundancy                  7.2 
_reflns.pdbx_Rmerge_I_obs                0.07 
_reflns.pdbx_Rmerge_I_all                ? 
_reflns.pdbx_Rsym_value                  ? 
_reflns.pdbx_netI_over_av_sigmaI         ? 
_reflns.pdbx_netI_over_sigmaI            23.05 
_reflns.pdbx_res_netI_over_av_sigmaI_2   ? 
_reflns.pdbx_res_netI_over_sigmaI_2      ? 
_reflns.pdbx_chi_squared                 ? 
_reflns.pdbx_scaling_rejects             ? 
_reflns.pdbx_d_res_high_opt              ? 
_reflns.pdbx_d_res_low_opt               ? 
_reflns.pdbx_d_res_opt_method            ? 
_reflns.phase_calculation_details        ? 
_reflns.pdbx_Rrim_I_all                  ? 
_reflns.pdbx_Rpim_I_all                  ? 
_reflns.pdbx_d_opt                       ? 
_reflns.pdbx_number_measured_all         ? 
_reflns.pdbx_diffrn_id                   1 
_reflns.pdbx_ordinal                     1 
_reflns.pdbx_CC_half                     ? 
_reflns.pdbx_CC_star                     ? 
_reflns.pdbx_R_split                     ? 
# 
_reflns_shell.d_res_high                  1.62 
_reflns_shell.d_res_low                   1.65 
_reflns_shell.meanI_over_sigI_all         ? 
_reflns_shell.meanI_over_sigI_obs         ? 
_reflns_shell.number_measured_all         ? 
_reflns_shell.number_measured_obs         ? 
_reflns_shell.number_possible             ? 
_reflns_shell.number_unique_all           ? 
_reflns_shell.number_unique_obs           1219 
_reflns_shell.percent_possible_all        ? 
_reflns_shell.percent_possible_obs        ? 
_reflns_shell.Rmerge_F_all                ? 
_reflns_shell.Rmerge_F_obs                ? 
_reflns_shell.Rmerge_I_all                ? 
_reflns_shell.Rmerge_I_obs                ? 
_reflns_shell.meanI_over_sigI_gt          ? 
_reflns_shell.meanI_over_uI_all           ? 
_reflns_shell.meanI_over_uI_gt            ? 
_reflns_shell.number_measured_gt          ? 
_reflns_shell.number_unique_gt            ? 
_reflns_shell.percent_possible_gt         ? 
_reflns_shell.Rmerge_F_gt                 ? 
_reflns_shell.Rmerge_I_gt                 ? 
_reflns_shell.pdbx_redundancy             ? 
_reflns_shell.pdbx_Rsym_value             ? 
_reflns_shell.pdbx_chi_squared            ? 
_reflns_shell.pdbx_netI_over_sigmaI_all   ? 
_reflns_shell.pdbx_netI_over_sigmaI_obs   ? 
_reflns_shell.pdbx_Rrim_I_all             ? 
_reflns_shell.pdbx_Rpim_I_all             ? 
_reflns_shell.pdbx_rejects                ? 
_reflns_shell.pdbx_ordinal                1 
_reflns_shell.pdbx_diffrn_id              1 
_reflns_shell.pdbx_CC_half                0.96 
_reflns_shell.pdbx_CC_star                ? 
_reflns_shell.pdbx_R_split                ? 
# 
_refine.aniso_B[1][1]                            0.4500 
_refine.aniso_B[1][2]                            0.0000 
_refine.aniso_B[1][3]                            -0.2800 
_refine.aniso_B[2][2]                            -0.9500 
_refine.aniso_B[2][3]                            0.0000 
_refine.aniso_B[3][3]                            0.5600 
_refine.B_iso_max                                61.370 
_refine.B_iso_mean                               21.0870 
_refine.B_iso_min                                9.190 
_refine.correlation_coeff_Fo_to_Fc               0.9630 
_refine.correlation_coeff_Fo_to_Fc_free          0.9520 
_refine.details                                  
'HYDROGENS HAVE BEEN ADDED IN THE RIDING POSITIONS U VALUES      : REFINED INDIVIDUALLY' 
_refine.diff_density_max                         ? 
_refine.diff_density_max_esd                     ? 
_refine.diff_density_min                         ? 
_refine.diff_density_min_esd                     ? 
_refine.diff_density_rms                         ? 
_refine.diff_density_rms_esd                     ? 
_refine.entry_id                                 7D8I 
_refine.pdbx_refine_id                           'X-RAY DIFFRACTION' 
_refine.ls_abs_structure_details                 ? 
_refine.ls_abs_structure_Flack                   ? 
_refine.ls_abs_structure_Flack_esd               ? 
_refine.ls_abs_structure_Rogers                  ? 
_refine.ls_abs_structure_Rogers_esd              ? 
_refine.ls_d_res_high                            1.6200 
_refine.ls_d_res_low                             42.4500 
_refine.ls_extinction_coef                       ? 
_refine.ls_extinction_coef_esd                   ? 
_refine.ls_extinction_expression                 ? 
_refine.ls_extinction_method                     ? 
_refine.ls_goodness_of_fit_all                   ? 
_refine.ls_goodness_of_fit_all_esd               ? 
_refine.ls_goodness_of_fit_obs                   ? 
_refine.ls_goodness_of_fit_obs_esd               ? 
_refine.ls_hydrogen_treatment                    ? 
_refine.ls_matrix_type                           ? 
_refine.ls_number_constraints                    ? 
_refine.ls_number_parameters                     ? 
_refine.ls_number_reflns_all                     ? 
_refine.ls_number_reflns_obs                     22883 
_refine.ls_number_reflns_R_free                  1248 
_refine.ls_number_reflns_R_work                  ? 
_refine.ls_number_restraints                     ? 
_refine.ls_percent_reflns_obs                    99.4800 
_refine.ls_percent_reflns_R_free                 5.2000 
_refine.ls_R_factor_all                          ? 
_refine.ls_R_factor_obs                          0.1783 
_refine.ls_R_factor_R_free                       0.1963 
_refine.ls_R_factor_R_free_error                 ? 
_refine.ls_R_factor_R_free_error_details         ? 
_refine.ls_R_factor_R_work                       0.1773 
_refine.ls_R_Fsqd_factor_obs                     ? 
_refine.ls_R_I_factor_obs                        ? 
_refine.ls_redundancy_reflns_all                 ? 
_refine.ls_redundancy_reflns_obs                 ? 
_refine.ls_restrained_S_all                      ? 
_refine.ls_restrained_S_obs                      ? 
_refine.ls_shift_over_esd_max                    ? 
_refine.ls_shift_over_esd_mean                   ? 
_refine.ls_structure_factor_coef                 ? 
_refine.ls_weighting_details                     ? 
_refine.ls_weighting_scheme                      ? 
_refine.ls_wR_factor_all                         ? 
_refine.ls_wR_factor_obs                         ? 
_refine.ls_wR_factor_R_free                      ? 
_refine.ls_wR_factor_R_work                      ? 
_refine.occupancy_max                            ? 
_refine.occupancy_min                            ? 
_refine.solvent_model_details                    MASK 
_refine.solvent_model_param_bsol                 ? 
_refine.solvent_model_param_ksol                 ? 
_refine.pdbx_R_complete                          ? 
_refine.ls_R_factor_gt                           ? 
_refine.ls_goodness_of_fit_gt                    ? 
_refine.ls_goodness_of_fit_ref                   ? 
_refine.ls_shift_over_su_max                     ? 
_refine.ls_shift_over_su_max_lt                  ? 
_refine.ls_shift_over_su_mean                    ? 
_refine.ls_shift_over_su_mean_lt                 ? 
_refine.pdbx_ls_sigma_I                          ? 
_refine.pdbx_ls_sigma_F                          0.000 
_refine.pdbx_ls_sigma_Fsqd                       ? 
_refine.pdbx_data_cutoff_high_absF               ? 
_refine.pdbx_data_cutoff_high_rms_absF           ? 
_refine.pdbx_data_cutoff_low_absF                ? 
_refine.pdbx_isotropic_thermal_model             ? 
_refine.pdbx_ls_cross_valid_method               THROUGHOUT 
_refine.pdbx_method_to_determine_struct          SAD 
_refine.pdbx_starting_model                      ? 
_refine.pdbx_stereochemistry_target_values       'MAXIMUM LIKELIHOOD' 
_refine.pdbx_R_Free_selection_details            RANDOM 
_refine.pdbx_stereochem_target_val_spec_case     ? 
_refine.pdbx_overall_ESU_R                       0.0920 
_refine.pdbx_overall_ESU_R_Free                  0.0860 
_refine.pdbx_solvent_vdw_probe_radii             1.2000 
_refine.pdbx_solvent_ion_probe_radii             0.8000 
_refine.pdbx_solvent_shrinkage_radii             0.8000 
_refine.pdbx_real_space_R                        ? 
_refine.pdbx_density_correlation                 ? 
_refine.pdbx_pd_number_of_powder_patterns        ? 
_refine.pdbx_pd_number_of_points                 ? 
_refine.pdbx_pd_meas_number_of_points            ? 
_refine.pdbx_pd_proc_ls_prof_R_factor            ? 
_refine.pdbx_pd_proc_ls_prof_wR_factor           ? 
_refine.pdbx_pd_Marquardt_correlation_coeff      ? 
_refine.pdbx_pd_Fsqrd_R_factor                   ? 
_refine.pdbx_pd_ls_matrix_band_width             ? 
_refine.pdbx_overall_phase_error                 ? 
_refine.pdbx_overall_SU_R_free_Cruickshank_DPI   ? 
_refine.pdbx_overall_SU_R_free_Blow_DPI          ? 
_refine.pdbx_overall_SU_R_Blow_DPI               ? 
_refine.pdbx_TLS_residual_ADP_flag               ? 
_refine.pdbx_diffrn_id                           1 
_refine.overall_SU_B                             1.6160 
_refine.overall_SU_ML                            0.0570 
_refine.overall_SU_R_Cruickshank_DPI             ? 
_refine.overall_SU_R_free                        ? 
_refine.overall_FOM_free_R_set                   ? 
_refine.overall_FOM_work_R_set                   ? 
_refine.pdbx_average_fsc_overall                 ? 
_refine.pdbx_average_fsc_work                    ? 
_refine.pdbx_average_fsc_free                    ? 
# 
_refine_hist.pdbx_refine_id                   'X-RAY DIFFRACTION' 
_refine_hist.cycle_id                         final 
_refine_hist.details                          ? 
_refine_hist.d_res_high                       1.6200 
_refine_hist.d_res_low                        42.4500 
_refine_hist.number_atoms_solvent             107 
_refine_hist.number_atoms_total               1617 
_refine_hist.number_reflns_all                ? 
_refine_hist.number_reflns_obs                ? 
_refine_hist.number_reflns_R_free             ? 
_refine_hist.number_reflns_R_work             ? 
_refine_hist.R_factor_all                     ? 
_refine_hist.R_factor_obs                     ? 
_refine_hist.R_factor_R_free                  ? 
_refine_hist.R_factor_R_work                  ? 
_refine_hist.pdbx_number_residues_total       174 
_refine_hist.pdbx_B_iso_mean_ligand           22.64 
_refine_hist.pdbx_B_iso_mean_solvent          32.71 
_refine_hist.pdbx_number_atoms_protein        1477 
_refine_hist.pdbx_number_atoms_nucleic_acid   0 
_refine_hist.pdbx_number_atoms_ligand         33 
_refine_hist.pdbx_number_atoms_lipid          ? 
_refine_hist.pdbx_number_atoms_carb           ? 
_refine_hist.pdbx_pseudo_atom_details         ? 
# 
loop_
_refine_ls_restr.pdbx_refine_id 
_refine_ls_restr.criterion 
_refine_ls_restr.dev_ideal 
_refine_ls_restr.dev_ideal_target 
_refine_ls_restr.number 
_refine_ls_restr.rejects 
_refine_ls_restr.type 
_refine_ls_restr.weight 
_refine_ls_restr.pdbx_restraint_function 
'X-RAY DIFFRACTION' ? 0.012  0.013  1553 ? r_bond_refined_d       ? ? 
'X-RAY DIFFRACTION' ? 0.001  0.017  1362 ? r_bond_other_d         ? ? 
'X-RAY DIFFRACTION' ? 1.713  1.651  2111 ? r_angle_refined_deg    ? ? 
'X-RAY DIFFRACTION' ? 1.438  1.585  3172 ? r_angle_other_deg      ? ? 
'X-RAY DIFFRACTION' ? 7.619  5.000  173  ? r_dihedral_angle_1_deg ? ? 
'X-RAY DIFFRACTION' ? 34.368 22.967 91   ? r_dihedral_angle_2_deg ? ? 
'X-RAY DIFFRACTION' ? 13.513 15.000 267  ? r_dihedral_angle_3_deg ? ? 
'X-RAY DIFFRACTION' ? 22.012 15.000 8    ? r_dihedral_angle_4_deg ? ? 
'X-RAY DIFFRACTION' ? 0.082  0.200  197  ? r_chiral_restr         ? ? 
'X-RAY DIFFRACTION' ? 0.009  0.020  1699 ? r_gen_planes_refined   ? ? 
'X-RAY DIFFRACTION' ? 0.001  0.020  336  ? r_gen_planes_other     ? ? 
# 
_refine_ls_shell.pdbx_refine_id                   'X-RAY DIFFRACTION' 
_refine_ls_shell.d_res_high                       1.6220 
_refine_ls_shell.d_res_low                        1.6640 
_refine_ls_shell.number_reflns_all                1739 
_refine_ls_shell.number_reflns_obs                ? 
_refine_ls_shell.number_reflns_R_free             93 
_refine_ls_shell.number_reflns_R_work             1646 
_refine_ls_shell.percent_reflns_obs               96.7700 
_refine_ls_shell.percent_reflns_R_free            ? 
_refine_ls_shell.R_factor_all                     ? 
_refine_ls_shell.R_factor_obs                     ? 
_refine_ls_shell.R_factor_R_free                  0.2610 
_refine_ls_shell.R_factor_R_free_error            0.0000 
_refine_ls_shell.R_factor_R_work                  0.2220 
_refine_ls_shell.redundancy_reflns_all            ? 
_refine_ls_shell.redundancy_reflns_obs            ? 
_refine_ls_shell.wR_factor_all                    ? 
_refine_ls_shell.wR_factor_obs                    ? 
_refine_ls_shell.wR_factor_R_free                 ? 
_refine_ls_shell.wR_factor_R_work                 ? 
_refine_ls_shell.pdbx_R_complete                  ? 
_refine_ls_shell.pdbx_total_number_of_bins_used   20 
_refine_ls_shell.pdbx_phase_error                 ? 
_refine_ls_shell.pdbx_fsc_work                    ? 
_refine_ls_shell.pdbx_fsc_free                    ? 
# 
_struct.entry_id                     7D8I 
_struct.title                        
'Crystal structure of nucleoside phosphatase Sa1684 complex with ATP analogue from staphylococus aureus' 
_struct.pdbx_model_details           ? 
_struct.pdbx_formula_weight          ? 
_struct.pdbx_formula_weight_method   ? 
_struct.pdbx_model_type_details      ? 
_struct.pdbx_CASP_flag               N 
# 
_struct_keywords.entry_id        7D8I 
_struct_keywords.text            'nucleotide phosphatase, CYTOSOLIC PROTEIN' 
_struct_keywords.pdbx_keywords   'CYTOSOLIC PROTEIN' 
# 
loop_
_struct_asym.id 
_struct_asym.pdbx_blank_PDB_chainid_flag 
_struct_asym.pdbx_modified 
_struct_asym.entity_id 
_struct_asym.details 
A N N 1 ? 
B N N 2 ? 
C N N 3 ? 
D N N 3 ? 
E N N 4 ? 
# 
_struct_ref.id                         1 
_struct_ref.db_name                    UNP 
_struct_ref.db_code                    Y1684_STAAN 
_struct_ref.pdbx_db_accession          Q7A4T2 
_struct_ref.pdbx_db_isoform            ? 
_struct_ref.entity_id                  1 
_struct_ref.pdbx_seq_one_letter_code   
;MVRESIPKEGENIKIQSYKHDGKIHRVWSETTILKGTDHVVIGGNDHTLVTESDGRTWITREPAIVYFHSEYWFNVICMF
REDGIYYYCNLSSPFVCDEEALKYIDYDLDIKVYPNGKYHLLDEDEYEQHMNQMNYPHDIDIILRRNVDILQQWIEQKKG
PFAPDFIKVWKERYKKIRQY
;
_struct_ref.pdbx_align_begin           1 
# 
_struct_ref_seq.align_id                      1 
_struct_ref_seq.ref_id                        1 
_struct_ref_seq.pdbx_PDB_id_code              7D8I 
_struct_ref_seq.pdbx_strand_id                A 
_struct_ref_seq.seq_align_beg                 1 
_struct_ref_seq.pdbx_seq_align_beg_ins_code   ? 
_struct_ref_seq.seq_align_end                 180 
_struct_ref_seq.pdbx_seq_align_end_ins_code   ? 
_struct_ref_seq.pdbx_db_accession             Q7A4T2 
_struct_ref_seq.db_align_beg                  1 
_struct_ref_seq.pdbx_db_align_beg_ins_code    ? 
_struct_ref_seq.db_align_end                  180 
_struct_ref_seq.pdbx_db_align_end_ins_code    ? 
_struct_ref_seq.pdbx_auth_seq_align_beg       1 
_struct_ref_seq.pdbx_auth_seq_align_end       180 
# 
_pdbx_struct_assembly.id                   1 
_pdbx_struct_assembly.details              author_and_software_defined_assembly 
_pdbx_struct_assembly.method_details       PISA 
_pdbx_struct_assembly.oligomeric_details   monomeric 
_pdbx_struct_assembly.oligomeric_count     1 
# 
loop_
_pdbx_struct_assembly_prop.biol_id 
_pdbx_struct_assembly_prop.type 
_pdbx_struct_assembly_prop.value 
_pdbx_struct_assembly_prop.details 
1 'ABSA (A^2)' 130  ? 
1 MORE         -16  ? 
1 'SSA (A^2)'  9250 ? 
# 
_pdbx_struct_assembly_gen.assembly_id       1 
_pdbx_struct_assembly_gen.oper_expression   1 
_pdbx_struct_assembly_gen.asym_id_list      A,B,C,D,E 
# 
_pdbx_struct_assembly_auth_evidence.id                     1 
_pdbx_struct_assembly_auth_evidence.assembly_id            1 
_pdbx_struct_assembly_auth_evidence.experimental_support   'gel filtration' 
_pdbx_struct_assembly_auth_evidence.details                ? 
# 
_pdbx_struct_oper_list.id                   1 
_pdbx_struct_oper_list.type                 'identity operation' 
_pdbx_struct_oper_list.name                 1_555 
_pdbx_struct_oper_list.symmetry_operation   x,y,z 
_pdbx_struct_oper_list.matrix[1][1]         1.0000000000 
_pdbx_struct_oper_list.matrix[1][2]         0.0000000000 
_pdbx_struct_oper_list.matrix[1][3]         0.0000000000 
_pdbx_struct_oper_list.vector[1]            0.0000000000 
_pdbx_struct_oper_list.matrix[2][1]         0.0000000000 
_pdbx_struct_oper_list.matrix[2][2]         1.0000000000 
_pdbx_struct_oper_list.matrix[2][3]         0.0000000000 
_pdbx_struct_oper_list.vector[2]            0.0000000000 
_pdbx_struct_oper_list.matrix[3][1]         0.0000000000 
_pdbx_struct_oper_list.matrix[3][2]         0.0000000000 
_pdbx_struct_oper_list.matrix[3][3]         1.0000000000 
_pdbx_struct_oper_list.vector[3]            0.0000000000 
# 
loop_
_struct_conf.conf_type_id 
_struct_conf.id 
_struct_conf.pdbx_PDB_helix_id 
_struct_conf.beg_label_comp_id 
_struct_conf.beg_label_asym_id 
_struct_conf.beg_label_seq_id 
_struct_conf.pdbx_beg_PDB_ins_code 
_struct_conf.end_label_comp_id 
_struct_conf.end_label_asym_id 
_struct_conf.end_label_seq_id 
_struct_conf.pdbx_end_PDB_ins_code 
_struct_conf.beg_auth_comp_id 
_struct_conf.beg_auth_asym_id 
_struct_conf.beg_auth_seq_id 
_struct_conf.end_auth_comp_id 
_struct_conf.end_auth_asym_id 
_struct_conf.end_auth_seq_id 
_struct_conf.pdbx_PDB_helix_class 
_struct_conf.details 
_struct_conf.pdbx_PDB_helix_length 
HELX_P HELX_P1 AA1 ASP A 123 ? ASN A 135 ? ASP A 123 ASN A 135 1 ? 13 
HELX_P HELX_P2 AA2 PRO A 137 ? LYS A 158 ? PRO A 137 LYS A 158 1 ? 22 
HELX_P HELX_P3 AA3 LYS A 159 ? PHE A 162 ? LYS A 159 PHE A 162 5 ? 4  
HELX_P HELX_P4 AA4 ALA A 163 ? ARG A 178 ? ALA A 163 ARG A 178 1 ? 16 
# 
_struct_conf_type.id          HELX_P 
_struct_conf_type.criteria    ? 
_struct_conf_type.reference   ? 
# 
loop_
_struct_conn.id 
_struct_conn.conn_type_id 
_struct_conn.pdbx_leaving_atom_flag 
_struct_conn.pdbx_PDB_id 
_struct_conn.ptnr1_label_asym_id 
_struct_conn.ptnr1_label_comp_id 
_struct_conn.ptnr1_label_seq_id 
_struct_conn.ptnr1_label_atom_id 
_struct_conn.pdbx_ptnr1_label_alt_id 
_struct_conn.pdbx_ptnr1_PDB_ins_code 
_struct_conn.pdbx_ptnr1_standard_comp_id 
_struct_conn.ptnr1_symmetry 
_struct_conn.ptnr2_label_asym_id 
_struct_conn.ptnr2_label_comp_id 
_struct_conn.ptnr2_label_seq_id 
_struct_conn.ptnr2_label_atom_id 
_struct_conn.pdbx_ptnr2_label_alt_id 
_struct_conn.pdbx_ptnr2_PDB_ins_code 
_struct_conn.ptnr1_auth_asym_id 
_struct_conn.ptnr1_auth_comp_id 
_struct_conn.ptnr1_auth_seq_id 
_struct_conn.ptnr2_auth_asym_id 
_struct_conn.ptnr2_auth_comp_id 
_struct_conn.ptnr2_auth_seq_id 
_struct_conn.ptnr2_symmetry 
_struct_conn.pdbx_ptnr3_label_atom_id 
_struct_conn.pdbx_ptnr3_label_seq_id 
_struct_conn.pdbx_ptnr3_label_comp_id 
_struct_conn.pdbx_ptnr3_label_asym_id 
_struct_conn.pdbx_ptnr3_label_alt_id 
_struct_conn.pdbx_ptnr3_PDB_ins_code 
_struct_conn.details 
_struct_conn.pdbx_dist_value 
_struct_conn.pdbx_value_order 
_struct_conn.pdbx_role 
metalc1  metalc ? ? A ASN 90  OD1 ? ? ? 1_555 C CA . CA ? ? A ASN 90  A CA 202 1_555 ? ? ? ? ? ? ? 2.223 ? ? 
metalc2  metalc ? ? A ASP 106 OD2 ? ? ? 1_555 C CA . CA ? ? A ASP 106 A CA 202 1_555 ? ? ? ? ? ? ? 2.437 ? ? 
metalc3  metalc ? ? A ASP 108 O   ? ? ? 1_555 D CA . CA ? ? A ASP 108 A CA 203 1_555 ? ? ? ? ? ? ? 2.327 ? ? 
metalc4  metalc ? ? A ASP 110 OD1 ? ? ? 1_555 C CA . CA ? ? A ASP 110 A CA 202 1_555 ? ? ? ? ? ? ? 2.294 ? ? 
metalc5  metalc ? ? A ASP 110 OD2 ? ? ? 1_555 C CA . CA ? ? A ASP 110 A CA 202 1_555 ? ? ? ? ? ? ? 2.614 ? ? 
metalc6  metalc ? ? A ASP 110 OD2 ? ? ? 1_555 D CA . CA ? ? A ASP 110 A CA 203 1_555 ? ? ? ? ? ? ? 2.445 ? ? 
metalc7  metalc ? ? A ASP 123 OD2 ? ? ? 1_555 D CA . CA ? ? A ASP 123 A CA 203 1_555 ? ? ? ? ? ? ? 2.190 ? ? 
metalc8  metalc ? ? A GLU 126 OE2 ? ? ? 1_555 D CA . CA ? ? A GLU 126 A CA 203 1_555 ? ? ? ? ? ? ? 2.357 ? ? 
metalc9  metalc ? ? B AGS .   O1B ? ? ? 1_555 C CA . CA ? ? A AGS 201 A CA 202 1_555 ? ? ? ? ? ? ? 2.243 ? ? 
metalc10 metalc ? ? B AGS .   O3G ? ? ? 1_555 D CA . CA ? ? A AGS 201 A CA 203 1_555 ? ? ? ? ? ? ? 2.207 ? ? 
# 
_struct_conn_type.id          metalc 
_struct_conn_type.criteria    ? 
_struct_conn_type.reference   ? 
# 
loop_
_pdbx_struct_conn_angle.id 
_pdbx_struct_conn_angle.ptnr1_label_atom_id 
_pdbx_struct_conn_angle.ptnr1_label_alt_id 
_pdbx_struct_conn_angle.ptnr1_label_asym_id 
_pdbx_struct_conn_angle.ptnr1_label_comp_id 
_pdbx_struct_conn_angle.ptnr1_label_seq_id 
_pdbx_struct_conn_angle.ptnr1_auth_atom_id 
_pdbx_struct_conn_angle.ptnr1_auth_asym_id 
_pdbx_struct_conn_angle.ptnr1_auth_comp_id 
_pdbx_struct_conn_angle.ptnr1_auth_seq_id 
_pdbx_struct_conn_angle.ptnr1_PDB_ins_code 
_pdbx_struct_conn_angle.ptnr1_symmetry 
_pdbx_struct_conn_angle.ptnr2_label_atom_id 
_pdbx_struct_conn_angle.ptnr2_label_alt_id 
_pdbx_struct_conn_angle.ptnr2_label_asym_id 
_pdbx_struct_conn_angle.ptnr2_label_comp_id 
_pdbx_struct_conn_angle.ptnr2_label_seq_id 
_pdbx_struct_conn_angle.ptnr2_auth_atom_id 
_pdbx_struct_conn_angle.ptnr2_auth_asym_id 
_pdbx_struct_conn_angle.ptnr2_auth_comp_id 
_pdbx_struct_conn_angle.ptnr2_auth_seq_id 
_pdbx_struct_conn_angle.ptnr2_PDB_ins_code 
_pdbx_struct_conn_angle.ptnr2_symmetry 
_pdbx_struct_conn_angle.ptnr3_label_atom_id 
_pdbx_struct_conn_angle.ptnr3_label_alt_id 
_pdbx_struct_conn_angle.ptnr3_label_asym_id 
_pdbx_struct_conn_angle.ptnr3_label_comp_id 
_pdbx_struct_conn_angle.ptnr3_label_seq_id 
_pdbx_struct_conn_angle.ptnr3_auth_atom_id 
_pdbx_struct_conn_angle.ptnr3_auth_asym_id 
_pdbx_struct_conn_angle.ptnr3_auth_comp_id 
_pdbx_struct_conn_angle.ptnr3_auth_seq_id 
_pdbx_struct_conn_angle.ptnr3_PDB_ins_code 
_pdbx_struct_conn_angle.ptnr3_symmetry 
_pdbx_struct_conn_angle.value 
_pdbx_struct_conn_angle.value_esd 
1  OD1 ? A ASN 90  ? A ASN 90  ? 1_555 CA ? C CA . ? A CA 202 ? 1_555 OD2 ? A ASP 106 ? A ASP 106 ? 1_555 83.6  ? 
2  OD1 ? A ASN 90  ? A ASN 90  ? 1_555 CA ? C CA . ? A CA 202 ? 1_555 OD1 ? A ASP 110 ? A ASP 110 ? 1_555 78.4  ? 
3  OD2 ? A ASP 106 ? A ASP 106 ? 1_555 CA ? C CA . ? A CA 202 ? 1_555 OD1 ? A ASP 110 ? A ASP 110 ? 1_555 149.2 ? 
4  OD1 ? A ASN 90  ? A ASN 90  ? 1_555 CA ? C CA . ? A CA 202 ? 1_555 OD2 ? A ASP 110 ? A ASP 110 ? 1_555 126.9 ? 
5  OD2 ? A ASP 106 ? A ASP 106 ? 1_555 CA ? C CA . ? A CA 202 ? 1_555 OD2 ? A ASP 110 ? A ASP 110 ? 1_555 148.3 ? 
6  OD1 ? A ASP 110 ? A ASP 110 ? 1_555 CA ? C CA . ? A CA 202 ? 1_555 OD2 ? A ASP 110 ? A ASP 110 ? 1_555 50.7  ? 
7  OD1 ? A ASN 90  ? A ASN 90  ? 1_555 CA ? C CA . ? A CA 202 ? 1_555 O1B ? B AGS .   ? A AGS 201 ? 1_555 86.6  ? 
8  OD2 ? A ASP 106 ? A ASP 106 ? 1_555 CA ? C CA . ? A CA 202 ? 1_555 O1B ? B AGS .   ? A AGS 201 ? 1_555 99.2  ? 
9  OD1 ? A ASP 110 ? A ASP 110 ? 1_555 CA ? C CA . ? A CA 202 ? 1_555 O1B ? B AGS .   ? A AGS 201 ? 1_555 104.5 ? 
10 OD2 ? A ASP 110 ? A ASP 110 ? 1_555 CA ? C CA . ? A CA 202 ? 1_555 O1B ? B AGS .   ? A AGS 201 ? 1_555 91.8  ? 
11 O   ? A ASP 108 ? A ASP 108 ? 1_555 CA ? D CA . ? A CA 203 ? 1_555 OD2 ? A ASP 110 ? A ASP 110 ? 1_555 76.1  ? 
12 O   ? A ASP 108 ? A ASP 108 ? 1_555 CA ? D CA . ? A CA 203 ? 1_555 OD2 ? A ASP 123 ? A ASP 123 ? 1_555 101.7 ? 
13 OD2 ? A ASP 110 ? A ASP 110 ? 1_555 CA ? D CA . ? A CA 203 ? 1_555 OD2 ? A ASP 123 ? A ASP 123 ? 1_555 101.6 ? 
14 O   ? A ASP 108 ? A ASP 108 ? 1_555 CA ? D CA . ? A CA 203 ? 1_555 OE2 ? A GLU 126 ? A GLU 126 ? 1_555 83.5  ? 
15 OD2 ? A ASP 110 ? A ASP 110 ? 1_555 CA ? D CA . ? A CA 203 ? 1_555 OE2 ? A GLU 126 ? A GLU 126 ? 1_555 157.7 ? 
16 OD2 ? A ASP 123 ? A ASP 123 ? 1_555 CA ? D CA . ? A CA 203 ? 1_555 OE2 ? A GLU 126 ? A GLU 126 ? 1_555 91.3  ? 
17 O   ? A ASP 108 ? A ASP 108 ? 1_555 CA ? D CA . ? A CA 203 ? 1_555 O3G ? B AGS .   ? A AGS 201 ? 1_555 167.7 ? 
18 OD2 ? A ASP 110 ? A ASP 110 ? 1_555 CA ? D CA . ? A CA 203 ? 1_555 O3G ? B AGS .   ? A AGS 201 ? 1_555 93.7  ? 
19 OD2 ? A ASP 123 ? A ASP 123 ? 1_555 CA ? D CA . ? A CA 203 ? 1_555 O3G ? B AGS .   ? A AGS 201 ? 1_555 87.0  ? 
20 OE2 ? A GLU 126 ? A GLU 126 ? 1_555 CA ? D CA . ? A CA 203 ? 1_555 O3G ? B AGS .   ? A AGS 201 ? 1_555 105.2 ? 
# 
loop_
_struct_sheet.id 
_struct_sheet.type 
_struct_sheet.number_strands 
_struct_sheet.details 
AA1 ? 9 ? 
AA2 ? 6 ? 
# 
loop_
_struct_sheet_order.sheet_id 
_struct_sheet_order.range_id_1 
_struct_sheet_order.range_id_2 
_struct_sheet_order.offset 
_struct_sheet_order.sense 
AA1 1 2 ? anti-parallel 
AA1 2 3 ? anti-parallel 
AA1 3 4 ? anti-parallel 
AA1 4 5 ? anti-parallel 
AA1 5 6 ? anti-parallel 
AA1 6 7 ? anti-parallel 
AA1 7 8 ? anti-parallel 
AA1 8 9 ? anti-parallel 
AA2 1 2 ? anti-parallel 
AA2 2 3 ? parallel      
AA2 3 4 ? anti-parallel 
AA2 4 5 ? anti-parallel 
AA2 5 6 ? anti-parallel 
# 
loop_
_struct_sheet_range.sheet_id 
_struct_sheet_range.id 
_struct_sheet_range.beg_label_comp_id 
_struct_sheet_range.beg_label_asym_id 
_struct_sheet_range.beg_label_seq_id 
_struct_sheet_range.pdbx_beg_PDB_ins_code 
_struct_sheet_range.end_label_comp_id 
_struct_sheet_range.end_label_asym_id 
_struct_sheet_range.end_label_seq_id 
_struct_sheet_range.pdbx_end_PDB_ins_code 
_struct_sheet_range.beg_auth_comp_id 
_struct_sheet_range.beg_auth_asym_id 
_struct_sheet_range.beg_auth_seq_id 
_struct_sheet_range.end_auth_comp_id 
_struct_sheet_range.end_auth_asym_id 
_struct_sheet_range.end_auth_seq_id 
AA1 1 THR A 57  ? ILE A 59  ? THR A 57  ILE A 59  
AA1 2 LEU A 49  ? GLU A 52  ? LEU A 49  GLU A 52  
AA1 3 ILE A 24  ? GLY A 36  ? ILE A 24  GLY A 36  
AA1 4 VAL A 40  ? ASN A 45  ? VAL A 40  ASN A 45  
AA1 5 ALA A 64  ? HIS A 69  ? ALA A 64  HIS A 69  
AA1 6 PHE A 74  ? ARG A 81  ? PHE A 74  ARG A 81  
AA1 7 GLY A 84  ? SER A 92  ? GLY A 84  SER A 92  
AA1 8 LEU A 102 ? VAL A 113 ? LEU A 102 VAL A 113 
AA1 9 TYR A 119 ? LEU A 122 ? TYR A 119 LEU A 122 
AA2 1 VAL A 96  ? CYS A 97  ? VAL A 96  CYS A 97  
AA2 2 LEU A 102 ? VAL A 113 ? LEU A 102 VAL A 113 
AA2 3 ASN A 12  ? TYR A 18  ? ASN A 12  TYR A 18  
AA2 4 ILE A 24  ? GLY A 36  ? ILE A 24  GLY A 36  
AA2 5 LEU A 49  ? GLU A 52  ? LEU A 49  GLU A 52  
AA2 6 THR A 57  ? ILE A 59  ? THR A 57  ILE A 59  
# 
loop_
_pdbx_struct_sheet_hbond.sheet_id 
_pdbx_struct_sheet_hbond.range_id_1 
_pdbx_struct_sheet_hbond.range_id_2 
_pdbx_struct_sheet_hbond.range_1_label_atom_id 
_pdbx_struct_sheet_hbond.range_1_label_comp_id 
_pdbx_struct_sheet_hbond.range_1_label_asym_id 
_pdbx_struct_sheet_hbond.range_1_label_seq_id 
_pdbx_struct_sheet_hbond.range_1_PDB_ins_code 
_pdbx_struct_sheet_hbond.range_1_auth_atom_id 
_pdbx_struct_sheet_hbond.range_1_auth_comp_id 
_pdbx_struct_sheet_hbond.range_1_auth_asym_id 
_pdbx_struct_sheet_hbond.range_1_auth_seq_id 
_pdbx_struct_sheet_hbond.range_2_label_atom_id 
_pdbx_struct_sheet_hbond.range_2_label_comp_id 
_pdbx_struct_sheet_hbond.range_2_label_asym_id 
_pdbx_struct_sheet_hbond.range_2_label_seq_id 
_pdbx_struct_sheet_hbond.range_2_PDB_ins_code 
_pdbx_struct_sheet_hbond.range_2_auth_atom_id 
_pdbx_struct_sheet_hbond.range_2_auth_comp_id 
_pdbx_struct_sheet_hbond.range_2_auth_asym_id 
_pdbx_struct_sheet_hbond.range_2_auth_seq_id 
AA1 1 2 O TRP A 58  ? O TRP A 58  N VAL A 50  ? N VAL A 50  
AA1 2 3 O THR A 51  ? O THR A 51  N VAL A 27  ? N VAL A 27  
AA1 3 4 N LEU A 34  ? N LEU A 34  O ILE A 42  ? O ILE A 42  
AA1 4 5 N GLY A 43  ? N GLY A 43  O VAL A 66  ? O VAL A 66  
AA1 5 6 N ILE A 65  ? N ILE A 65  O CYS A 78  ? O CYS A 78  
AA1 6 7 N MET A 79  ? N MET A 79  O TYR A 86  ? O TYR A 86  
AA1 7 8 N TYR A 87  ? N TYR A 87  O VAL A 113 ? O VAL A 113 
AA1 8 9 N ASP A 110 ? N ASP A 110 O LEU A 122 ? O LEU A 122 
AA2 1 2 N VAL A 96  ? N VAL A 96  O LYS A 103 ? O LYS A 103 
AA2 2 3 O ASP A 106 ? O ASP A 106 N TYR A 18  ? N TYR A 18  
AA2 3 4 N SER A 17  ? N SER A 17  O ARG A 26  ? O ARG A 26  
AA2 4 5 N VAL A 27  ? N VAL A 27  O THR A 51  ? O THR A 51  
AA2 5 6 N VAL A 50  ? N VAL A 50  O TRP A 58  ? O TRP A 58  
# 
loop_
_pdbx_validate_torsion.id 
_pdbx_validate_torsion.PDB_model_num 
_pdbx_validate_torsion.auth_comp_id 
_pdbx_validate_torsion.auth_asym_id 
_pdbx_validate_torsion.auth_seq_id 
_pdbx_validate_torsion.PDB_ins_code 
_pdbx_validate_torsion.label_alt_id 
_pdbx_validate_torsion.phi 
_pdbx_validate_torsion.psi 
1 1 TRP A 73  ? ? -94.26 51.10  
2 1 ASP A 108 ? ? 76.50  -59.10 
3 1 ASP A 123 ? ? 75.32  30.07  
# 
_pdbx_entry_details.entry_id                 7D8I 
_pdbx_entry_details.has_ligand_of_interest   Y 
_pdbx_entry_details.compound_details         ? 
_pdbx_entry_details.source_details           ? 
_pdbx_entry_details.nonpolymer_details       ? 
_pdbx_entry_details.sequence_details         ? 
# 
loop_
_pdbx_unobs_or_zero_occ_residues.id 
_pdbx_unobs_or_zero_occ_residues.PDB_model_num 
_pdbx_unobs_or_zero_occ_residues.polymer_flag 
_pdbx_unobs_or_zero_occ_residues.occupancy_flag 
_pdbx_unobs_or_zero_occ_residues.auth_asym_id 
_pdbx_unobs_or_zero_occ_residues.auth_comp_id 
_pdbx_unobs_or_zero_occ_residues.auth_seq_id 
_pdbx_unobs_or_zero_occ_residues.PDB_ins_code 
_pdbx_unobs_or_zero_occ_residues.label_asym_id 
_pdbx_unobs_or_zero_occ_residues.label_comp_id 
_pdbx_unobs_or_zero_occ_residues.label_seq_id 
1 1 Y 1 A MET 1   ? A MET 1   
2 1 Y 1 A VAL 2   ? A VAL 2   
3 1 Y 1 A ARG 3   ? A ARG 3   
4 1 Y 1 A GLU 4   ? A GLU 4   
5 1 Y 1 A GLN 179 ? A GLN 179 
6 1 Y 1 A TYR 180 ? A TYR 180 
# 
loop_
_chem_comp_atom.comp_id 
_chem_comp_atom.atom_id 
_chem_comp_atom.type_symbol 
_chem_comp_atom.pdbx_aromatic_flag 
_chem_comp_atom.pdbx_stereo_config 
_chem_comp_atom.pdbx_ordinal 
AGS PG     P  N N 1   
AGS S1G    S  N N 2   
AGS O2G    O  N N 3   
AGS O3G    O  N N 4   
AGS PB     P  N N 5   
AGS O1B    O  N N 6   
AGS O2B    O  N N 7   
AGS O3B    O  N N 8   
AGS PA     P  N N 9   
AGS O1A    O  N N 10  
AGS O2A    O  N N 11  
AGS O3A    O  N N 12  
AGS "O5'"  O  N N 13  
AGS "C5'"  C  N N 14  
AGS "C4'"  C  N R 15  
AGS "O4'"  O  N N 16  
AGS "C3'"  C  N S 17  
AGS "O3'"  O  N N 18  
AGS "C2'"  C  N R 19  
AGS "O2'"  O  N N 20  
AGS "C1'"  C  N R 21  
AGS N9     N  Y N 22  
AGS C8     C  Y N 23  
AGS N7     N  Y N 24  
AGS C5     C  Y N 25  
AGS C6     C  Y N 26  
AGS N6     N  N N 27  
AGS N1     N  Y N 28  
AGS C2     C  Y N 29  
AGS N3     N  Y N 30  
AGS C4     C  Y N 31  
AGS HOG2   H  N N 32  
AGS H21    H  N N 33  
AGS HOB2   H  N N 34  
AGS HOA2   H  N N 35  
AGS "H5'1" H  N N 36  
AGS "H5'2" H  N N 37  
AGS "H4'"  H  N N 38  
AGS "H3'"  H  N N 39  
AGS "HO3'" H  N N 40  
AGS "H2'"  H  N N 41  
AGS "HO2'" H  N N 42  
AGS "H1'"  H  N N 43  
AGS H8     H  N N 44  
AGS HN61   H  N N 45  
AGS HN62   H  N N 46  
AGS H2     H  N N 47  
ALA N      N  N N 48  
ALA CA     C  N S 49  
ALA C      C  N N 50  
ALA O      O  N N 51  
ALA CB     C  N N 52  
ALA OXT    O  N N 53  
ALA H      H  N N 54  
ALA H2     H  N N 55  
ALA HA     H  N N 56  
ALA HB1    H  N N 57  
ALA HB2    H  N N 58  
ALA HB3    H  N N 59  
ALA HXT    H  N N 60  
ARG N      N  N N 61  
ARG CA     C  N S 62  
ARG C      C  N N 63  
ARG O      O  N N 64  
ARG CB     C  N N 65  
ARG CG     C  N N 66  
ARG CD     C  N N 67  
ARG NE     N  N N 68  
ARG CZ     C  N N 69  
ARG NH1    N  N N 70  
ARG NH2    N  N N 71  
ARG OXT    O  N N 72  
ARG H      H  N N 73  
ARG H2     H  N N 74  
ARG HA     H  N N 75  
ARG HB2    H  N N 76  
ARG HB3    H  N N 77  
ARG HG2    H  N N 78  
ARG HG3    H  N N 79  
ARG HD2    H  N N 80  
ARG HD3    H  N N 81  
ARG HE     H  N N 82  
ARG HH11   H  N N 83  
ARG HH12   H  N N 84  
ARG HH21   H  N N 85  
ARG HH22   H  N N 86  
ARG HXT    H  N N 87  
ASN N      N  N N 88  
ASN CA     C  N S 89  
ASN C      C  N N 90  
ASN O      O  N N 91  
ASN CB     C  N N 92  
ASN CG     C  N N 93  
ASN OD1    O  N N 94  
ASN ND2    N  N N 95  
ASN OXT    O  N N 96  
ASN H      H  N N 97  
ASN H2     H  N N 98  
ASN HA     H  N N 99  
ASN HB2    H  N N 100 
ASN HB3    H  N N 101 
ASN HD21   H  N N 102 
ASN HD22   H  N N 103 
ASN HXT    H  N N 104 
ASP N      N  N N 105 
ASP CA     C  N S 106 
ASP C      C  N N 107 
ASP O      O  N N 108 
ASP CB     C  N N 109 
ASP CG     C  N N 110 
ASP OD1    O  N N 111 
ASP OD2    O  N N 112 
ASP OXT    O  N N 113 
ASP H      H  N N 114 
ASP H2     H  N N 115 
ASP HA     H  N N 116 
ASP HB2    H  N N 117 
ASP HB3    H  N N 118 
ASP HD2    H  N N 119 
ASP HXT    H  N N 120 
CA  CA     CA N N 121 
CYS N      N  N N 122 
CYS CA     C  N R 123 
CYS C      C  N N 124 
CYS O      O  N N 125 
CYS CB     C  N N 126 
CYS SG     S  N N 127 
CYS OXT    O  N N 128 
CYS H      H  N N 129 
CYS H2     H  N N 130 
CYS HA     H  N N 131 
CYS HB2    H  N N 132 
CYS HB3    H  N N 133 
CYS HG     H  N N 134 
CYS HXT    H  N N 135 
GLN N      N  N N 136 
GLN CA     C  N S 137 
GLN C      C  N N 138 
GLN O      O  N N 139 
GLN CB     C  N N 140 
GLN CG     C  N N 141 
GLN CD     C  N N 142 
GLN OE1    O  N N 143 
GLN NE2    N  N N 144 
GLN OXT    O  N N 145 
GLN H      H  N N 146 
GLN H2     H  N N 147 
GLN HA     H  N N 148 
GLN HB2    H  N N 149 
GLN HB3    H  N N 150 
GLN HG2    H  N N 151 
GLN HG3    H  N N 152 
GLN HE21   H  N N 153 
GLN HE22   H  N N 154 
GLN HXT    H  N N 155 
GLU N      N  N N 156 
GLU CA     C  N S 157 
GLU C      C  N N 158 
GLU O      O  N N 159 
GLU CB     C  N N 160 
GLU CG     C  N N 161 
GLU CD     C  N N 162 
GLU OE1    O  N N 163 
GLU OE2    O  N N 164 
GLU OXT    O  N N 165 
GLU H      H  N N 166 
GLU H2     H  N N 167 
GLU HA     H  N N 168 
GLU HB2    H  N N 169 
GLU HB3    H  N N 170 
GLU HG2    H  N N 171 
GLU HG3    H  N N 172 
GLU HE2    H  N N 173 
GLU HXT    H  N N 174 
GLY N      N  N N 175 
GLY CA     C  N N 176 
GLY C      C  N N 177 
GLY O      O  N N 178 
GLY OXT    O  N N 179 
GLY H      H  N N 180 
GLY H2     H  N N 181 
GLY HA2    H  N N 182 
GLY HA3    H  N N 183 
GLY HXT    H  N N 184 
HIS N      N  N N 185 
HIS CA     C  N S 186 
HIS C      C  N N 187 
HIS O      O  N N 188 
HIS CB     C  N N 189 
HIS CG     C  Y N 190 
HIS ND1    N  Y N 191 
HIS CD2    C  Y N 192 
HIS CE1    C  Y N 193 
HIS NE2    N  Y N 194 
HIS OXT    O  N N 195 
HIS H      H  N N 196 
HIS H2     H  N N 197 
HIS HA     H  N N 198 
HIS HB2    H  N N 199 
HIS HB3    H  N N 200 
HIS HD1    H  N N 201 
HIS HD2    H  N N 202 
HIS HE1    H  N N 203 
HIS HE2    H  N N 204 
HIS HXT    H  N N 205 
HOH O      O  N N 206 
HOH H1     H  N N 207 
HOH H2     H  N N 208 
ILE N      N  N N 209 
ILE CA     C  N S 210 
ILE C      C  N N 211 
ILE O      O  N N 212 
ILE CB     C  N S 213 
ILE CG1    C  N N 214 
ILE CG2    C  N N 215 
ILE CD1    C  N N 216 
ILE OXT    O  N N 217 
ILE H      H  N N 218 
ILE H2     H  N N 219 
ILE HA     H  N N 220 
ILE HB     H  N N 221 
ILE HG12   H  N N 222 
ILE HG13   H  N N 223 
ILE HG21   H  N N 224 
ILE HG22   H  N N 225 
ILE HG23   H  N N 226 
ILE HD11   H  N N 227 
ILE HD12   H  N N 228 
ILE HD13   H  N N 229 
ILE HXT    H  N N 230 
LEU N      N  N N 231 
LEU CA     C  N S 232 
LEU C      C  N N 233 
LEU O      O  N N 234 
LEU CB     C  N N 235 
LEU CG     C  N N 236 
LEU CD1    C  N N 237 
LEU CD2    C  N N 238 
LEU OXT    O  N N 239 
LEU H      H  N N 240 
LEU H2     H  N N 241 
LEU HA     H  N N 242 
LEU HB2    H  N N 243 
LEU HB3    H  N N 244 
LEU HG     H  N N 245 
LEU HD11   H  N N 246 
LEU HD12   H  N N 247 
LEU HD13   H  N N 248 
LEU HD21   H  N N 249 
LEU HD22   H  N N 250 
LEU HD23   H  N N 251 
LEU HXT    H  N N 252 
LYS N      N  N N 253 
LYS CA     C  N S 254 
LYS C      C  N N 255 
LYS O      O  N N 256 
LYS CB     C  N N 257 
LYS CG     C  N N 258 
LYS CD     C  N N 259 
LYS CE     C  N N 260 
LYS NZ     N  N N 261 
LYS OXT    O  N N 262 
LYS H      H  N N 263 
LYS H2     H  N N 264 
LYS HA     H  N N 265 
LYS HB2    H  N N 266 
LYS HB3    H  N N 267 
LYS HG2    H  N N 268 
LYS HG3    H  N N 269 
LYS HD2    H  N N 270 
LYS HD3    H  N N 271 
LYS HE2    H  N N 272 
LYS HE3    H  N N 273 
LYS HZ1    H  N N 274 
LYS HZ2    H  N N 275 
LYS HZ3    H  N N 276 
LYS HXT    H  N N 277 
MET N      N  N N 278 
MET CA     C  N S 279 
MET C      C  N N 280 
MET O      O  N N 281 
MET CB     C  N N 282 
MET CG     C  N N 283 
MET SD     S  N N 284 
MET CE     C  N N 285 
MET OXT    O  N N 286 
MET H      H  N N 287 
MET H2     H  N N 288 
MET HA     H  N N 289 
MET HB2    H  N N 290 
MET HB3    H  N N 291 
MET HG2    H  N N 292 
MET HG3    H  N N 293 
MET HE1    H  N N 294 
MET HE2    H  N N 295 
MET HE3    H  N N 296 
MET HXT    H  N N 297 
PHE N      N  N N 298 
PHE CA     C  N S 299 
PHE C      C  N N 300 
PHE O      O  N N 301 
PHE CB     C  N N 302 
PHE CG     C  Y N 303 
PHE CD1    C  Y N 304 
PHE CD2    C  Y N 305 
PHE CE1    C  Y N 306 
PHE CE2    C  Y N 307 
PHE CZ     C  Y N 308 
PHE OXT    O  N N 309 
PHE H      H  N N 310 
PHE H2     H  N N 311 
PHE HA     H  N N 312 
PHE HB2    H  N N 313 
PHE HB3    H  N N 314 
PHE HD1    H  N N 315 
PHE HD2    H  N N 316 
PHE HE1    H  N N 317 
PHE HE2    H  N N 318 
PHE HZ     H  N N 319 
PHE HXT    H  N N 320 
PRO N      N  N N 321 
PRO CA     C  N S 322 
PRO C      C  N N 323 
PRO O      O  N N 324 
PRO CB     C  N N 325 
PRO CG     C  N N 326 
PRO CD     C  N N 327 
PRO OXT    O  N N 328 
PRO H      H  N N 329 
PRO HA     H  N N 330 
PRO HB2    H  N N 331 
PRO HB3    H  N N 332 
PRO HG2    H  N N 333 
PRO HG3    H  N N 334 
PRO HD2    H  N N 335 
PRO HD3    H  N N 336 
PRO HXT    H  N N 337 
SER N      N  N N 338 
SER CA     C  N S 339 
SER C      C  N N 340 
SER O      O  N N 341 
SER CB     C  N N 342 
SER OG     O  N N 343 
SER OXT    O  N N 344 
SER H      H  N N 345 
SER H2     H  N N 346 
SER HA     H  N N 347 
SER HB2    H  N N 348 
SER HB3    H  N N 349 
SER HG     H  N N 350 
SER HXT    H  N N 351 
THR N      N  N N 352 
THR CA     C  N S 353 
THR C      C  N N 354 
THR O      O  N N 355 
THR CB     C  N R 356 
THR OG1    O  N N 357 
THR CG2    C  N N 358 
THR OXT    O  N N 359 
THR H      H  N N 360 
THR H2     H  N N 361 
THR HA     H  N N 362 
THR HB     H  N N 363 
THR HG1    H  N N 364 
THR HG21   H  N N 365 
THR HG22   H  N N 366 
THR HG23   H  N N 367 
THR HXT    H  N N 368 
TRP N      N  N N 369 
TRP CA     C  N S 370 
TRP C      C  N N 371 
TRP O      O  N N 372 
TRP CB     C  N N 373 
TRP CG     C  Y N 374 
TRP CD1    C  Y N 375 
TRP CD2    C  Y N 376 
TRP NE1    N  Y N 377 
TRP CE2    C  Y N 378 
TRP CE3    C  Y N 379 
TRP CZ2    C  Y N 380 
TRP CZ3    C  Y N 381 
TRP CH2    C  Y N 382 
TRP OXT    O  N N 383 
TRP H      H  N N 384 
TRP H2     H  N N 385 
TRP HA     H  N N 386 
TRP HB2    H  N N 387 
TRP HB3    H  N N 388 
TRP HD1    H  N N 389 
TRP HE1    H  N N 390 
TRP HE3    H  N N 391 
TRP HZ2    H  N N 392 
TRP HZ3    H  N N 393 
TRP HH2    H  N N 394 
TRP HXT    H  N N 395 
TYR N      N  N N 396 
TYR CA     C  N S 397 
TYR C      C  N N 398 
TYR O      O  N N 399 
TYR CB     C  N N 400 
TYR CG     C  Y N 401 
TYR CD1    C  Y N 402 
TYR CD2    C  Y N 403 
TYR CE1    C  Y N 404 
TYR CE2    C  Y N 405 
TYR CZ     C  Y N 406 
TYR OH     O  N N 407 
TYR OXT    O  N N 408 
TYR H      H  N N 409 
TYR H2     H  N N 410 
TYR HA     H  N N 411 
TYR HB2    H  N N 412 
TYR HB3    H  N N 413 
TYR HD1    H  N N 414 
TYR HD2    H  N N 415 
TYR HE1    H  N N 416 
TYR HE2    H  N N 417 
TYR HH     H  N N 418 
TYR HXT    H  N N 419 
VAL N      N  N N 420 
VAL CA     C  N S 421 
VAL C      C  N N 422 
VAL O      O  N N 423 
VAL CB     C  N N 424 
VAL CG1    C  N N 425 
VAL CG2    C  N N 426 
VAL OXT    O  N N 427 
VAL H      H  N N 428 
VAL H2     H  N N 429 
VAL HA     H  N N 430 
VAL HB     H  N N 431 
VAL HG11   H  N N 432 
VAL HG12   H  N N 433 
VAL HG13   H  N N 434 
VAL HG21   H  N N 435 
VAL HG22   H  N N 436 
VAL HG23   H  N N 437 
VAL HXT    H  N N 438 
# 
loop_
_chem_comp_bond.comp_id 
_chem_comp_bond.atom_id_1 
_chem_comp_bond.atom_id_2 
_chem_comp_bond.value_order 
_chem_comp_bond.pdbx_aromatic_flag 
_chem_comp_bond.pdbx_stereo_config 
_chem_comp_bond.pdbx_ordinal 
AGS PG    S1G    doub N N 1   
AGS PG    O2G    sing N N 2   
AGS PG    O3G    sing N N 3   
AGS PG    O3B    sing N N 4   
AGS PB    O1B    doub N N 5   
AGS PB    O2B    sing N N 6   
AGS PB    O3B    sing N N 7   
AGS PB    O3A    sing N N 8   
AGS PA    O1A    doub N N 9   
AGS PA    O2A    sing N N 10  
AGS PA    O3A    sing N N 11  
AGS PA    "O5'"  sing N N 12  
AGS "O5'" "C5'"  sing N N 13  
AGS "C5'" "C4'"  sing N N 14  
AGS "C4'" "O4'"  sing N N 15  
AGS "C4'" "C3'"  sing N N 16  
AGS "O4'" "C1'"  sing N N 17  
AGS "C3'" "O3'"  sing N N 18  
AGS "C3'" "C2'"  sing N N 19  
AGS "C2'" "O2'"  sing N N 20  
AGS "C2'" "C1'"  sing N N 21  
AGS "C1'" N9     sing N N 22  
AGS N9    C8     sing Y N 23  
AGS N9    C4     sing Y N 24  
AGS C8    N7     doub Y N 25  
AGS N7    C5     sing Y N 26  
AGS C5    C6     sing Y N 27  
AGS C5    C4     doub Y N 28  
AGS C6    N6     sing N N 29  
AGS C6    N1     doub Y N 30  
AGS N1    C2     sing Y N 31  
AGS C2    N3     doub Y N 32  
AGS N3    C4     sing Y N 33  
AGS O2G   HOG2   sing N N 34  
AGS O3G   H21    sing N N 35  
AGS O2B   HOB2   sing N N 36  
AGS O2A   HOA2   sing N N 37  
AGS "C5'" "H5'1" sing N N 38  
AGS "C5'" "H5'2" sing N N 39  
AGS "C4'" "H4'"  sing N N 40  
AGS "C3'" "H3'"  sing N N 41  
AGS "O3'" "HO3'" sing N N 42  
AGS "C2'" "H2'"  sing N N 43  
AGS "O2'" "HO2'" sing N N 44  
AGS "C1'" "H1'"  sing N N 45  
AGS C8    H8     sing N N 46  
AGS N6    HN61   sing N N 47  
AGS N6    HN62   sing N N 48  
AGS C2    H2     sing N N 49  
ALA N     CA     sing N N 50  
ALA N     H      sing N N 51  
ALA N     H2     sing N N 52  
ALA CA    C      sing N N 53  
ALA CA    CB     sing N N 54  
ALA CA    HA     sing N N 55  
ALA C     O      doub N N 56  
ALA C     OXT    sing N N 57  
ALA CB    HB1    sing N N 58  
ALA CB    HB2    sing N N 59  
ALA CB    HB3    sing N N 60  
ALA OXT   HXT    sing N N 61  
ARG N     CA     sing N N 62  
ARG N     H      sing N N 63  
ARG N     H2     sing N N 64  
ARG CA    C      sing N N 65  
ARG CA    CB     sing N N 66  
ARG CA    HA     sing N N 67  
ARG C     O      doub N N 68  
ARG C     OXT    sing N N 69  
ARG CB    CG     sing N N 70  
ARG CB    HB2    sing N N 71  
ARG CB    HB3    sing N N 72  
ARG CG    CD     sing N N 73  
ARG CG    HG2    sing N N 74  
ARG CG    HG3    sing N N 75  
ARG CD    NE     sing N N 76  
ARG CD    HD2    sing N N 77  
ARG CD    HD3    sing N N 78  
ARG NE    CZ     sing N N 79  
ARG NE    HE     sing N N 80  
ARG CZ    NH1    sing N N 81  
ARG CZ    NH2    doub N N 82  
ARG NH1   HH11   sing N N 83  
ARG NH1   HH12   sing N N 84  
ARG NH2   HH21   sing N N 85  
ARG NH2   HH22   sing N N 86  
ARG OXT   HXT    sing N N 87  
ASN N     CA     sing N N 88  
ASN N     H      sing N N 89  
ASN N     H2     sing N N 90  
ASN CA    C      sing N N 91  
ASN CA    CB     sing N N 92  
ASN CA    HA     sing N N 93  
ASN C     O      doub N N 94  
ASN C     OXT    sing N N 95  
ASN CB    CG     sing N N 96  
ASN CB    HB2    sing N N 97  
ASN CB    HB3    sing N N 98  
ASN CG    OD1    doub N N 99  
ASN CG    ND2    sing N N 100 
ASN ND2   HD21   sing N N 101 
ASN ND2   HD22   sing N N 102 
ASN OXT   HXT    sing N N 103 
ASP N     CA     sing N N 104 
ASP N     H      sing N N 105 
ASP N     H2     sing N N 106 
ASP CA    C      sing N N 107 
ASP CA    CB     sing N N 108 
ASP CA    HA     sing N N 109 
ASP C     O      doub N N 110 
ASP C     OXT    sing N N 111 
ASP CB    CG     sing N N 112 
ASP CB    HB2    sing N N 113 
ASP CB    HB3    sing N N 114 
ASP CG    OD1    doub N N 115 
ASP CG    OD2    sing N N 116 
ASP OD2   HD2    sing N N 117 
ASP OXT   HXT    sing N N 118 
CYS N     CA     sing N N 119 
CYS N     H      sing N N 120 
CYS N     H2     sing N N 121 
CYS CA    C      sing N N 122 
CYS CA    CB     sing N N 123 
CYS CA    HA     sing N N 124 
CYS C     O      doub N N 125 
CYS C     OXT    sing N N 126 
CYS CB    SG     sing N N 127 
CYS CB    HB2    sing N N 128 
CYS CB    HB3    sing N N 129 
CYS SG    HG     sing N N 130 
CYS OXT   HXT    sing N N 131 
GLN N     CA     sing N N 132 
GLN N     H      sing N N 133 
GLN N     H2     sing N N 134 
GLN CA    C      sing N N 135 
GLN CA    CB     sing N N 136 
GLN CA    HA     sing N N 137 
GLN C     O      doub N N 138 
GLN C     OXT    sing N N 139 
GLN CB    CG     sing N N 140 
GLN CB    HB2    sing N N 141 
GLN CB    HB3    sing N N 142 
GLN CG    CD     sing N N 143 
GLN CG    HG2    sing N N 144 
GLN CG    HG3    sing N N 145 
GLN CD    OE1    doub N N 146 
GLN CD    NE2    sing N N 147 
GLN NE2   HE21   sing N N 148 
GLN NE2   HE22   sing N N 149 
GLN OXT   HXT    sing N N 150 
GLU N     CA     sing N N 151 
GLU N     H      sing N N 152 
GLU N     H2     sing N N 153 
GLU CA    C      sing N N 154 
GLU CA    CB     sing N N 155 
GLU CA    HA     sing N N 156 
GLU C     O      doub N N 157 
GLU C     OXT    sing N N 158 
GLU CB    CG     sing N N 159 
GLU CB    HB2    sing N N 160 
GLU CB    HB3    sing N N 161 
GLU CG    CD     sing N N 162 
GLU CG    HG2    sing N N 163 
GLU CG    HG3    sing N N 164 
GLU CD    OE1    doub N N 165 
GLU CD    OE2    sing N N 166 
GLU OE2   HE2    sing N N 167 
GLU OXT   HXT    sing N N 168 
GLY N     CA     sing N N 169 
GLY N     H      sing N N 170 
GLY N     H2     sing N N 171 
GLY CA    C      sing N N 172 
GLY CA    HA2    sing N N 173 
GLY CA    HA3    sing N N 174 
GLY C     O      doub N N 175 
GLY C     OXT    sing N N 176 
GLY OXT   HXT    sing N N 177 
HIS N     CA     sing N N 178 
HIS N     H      sing N N 179 
HIS N     H2     sing N N 180 
HIS CA    C      sing N N 181 
HIS CA    CB     sing N N 182 
HIS CA    HA     sing N N 183 
HIS C     O      doub N N 184 
HIS C     OXT    sing N N 185 
HIS CB    CG     sing N N 186 
HIS CB    HB2    sing N N 187 
HIS CB    HB3    sing N N 188 
HIS CG    ND1    sing Y N 189 
HIS CG    CD2    doub Y N 190 
HIS ND1   CE1    doub Y N 191 
HIS ND1   HD1    sing N N 192 
HIS CD2   NE2    sing Y N 193 
HIS CD2   HD2    sing N N 194 
HIS CE1   NE2    sing Y N 195 
HIS CE1   HE1    sing N N 196 
HIS NE2   HE2    sing N N 197 
HIS OXT   HXT    sing N N 198 
HOH O     H1     sing N N 199 
HOH O     H2     sing N N 200 
ILE N     CA     sing N N 201 
ILE N     H      sing N N 202 
ILE N     H2     sing N N 203 
ILE CA    C      sing N N 204 
ILE CA    CB     sing N N 205 
ILE CA    HA     sing N N 206 
ILE C     O      doub N N 207 
ILE C     OXT    sing N N 208 
ILE CB    CG1    sing N N 209 
ILE CB    CG2    sing N N 210 
ILE CB    HB     sing N N 211 
ILE CG1   CD1    sing N N 212 
ILE CG1   HG12   sing N N 213 
ILE CG1   HG13   sing N N 214 
ILE CG2   HG21   sing N N 215 
ILE CG2   HG22   sing N N 216 
ILE CG2   HG23   sing N N 217 
ILE CD1   HD11   sing N N 218 
ILE CD1   HD12   sing N N 219 
ILE CD1   HD13   sing N N 220 
ILE OXT   HXT    sing N N 221 
LEU N     CA     sing N N 222 
LEU N     H      sing N N 223 
LEU N     H2     sing N N 224 
LEU CA    C      sing N N 225 
LEU CA    CB     sing N N 226 
LEU CA    HA     sing N N 227 
LEU C     O      doub N N 228 
LEU C     OXT    sing N N 229 
LEU CB    CG     sing N N 230 
LEU CB    HB2    sing N N 231 
LEU CB    HB3    sing N N 232 
LEU CG    CD1    sing N N 233 
LEU CG    CD2    sing N N 234 
LEU CG    HG     sing N N 235 
LEU CD1   HD11   sing N N 236 
LEU CD1   HD12   sing N N 237 
LEU CD1   HD13   sing N N 238 
LEU CD2   HD21   sing N N 239 
LEU CD2   HD22   sing N N 240 
LEU CD2   HD23   sing N N 241 
LEU OXT   HXT    sing N N 242 
LYS N     CA     sing N N 243 
LYS N     H      sing N N 244 
LYS N     H2     sing N N 245 
LYS CA    C      sing N N 246 
LYS CA    CB     sing N N 247 
LYS CA    HA     sing N N 248 
LYS C     O      doub N N 249 
LYS C     OXT    sing N N 250 
LYS CB    CG     sing N N 251 
LYS CB    HB2    sing N N 252 
LYS CB    HB3    sing N N 253 
LYS CG    CD     sing N N 254 
LYS CG    HG2    sing N N 255 
LYS CG    HG3    sing N N 256 
LYS CD    CE     sing N N 257 
LYS CD    HD2    sing N N 258 
LYS CD    HD3    sing N N 259 
LYS CE    NZ     sing N N 260 
LYS CE    HE2    sing N N 261 
LYS CE    HE3    sing N N 262 
LYS NZ    HZ1    sing N N 263 
LYS NZ    HZ2    sing N N 264 
LYS NZ    HZ3    sing N N 265 
LYS OXT   HXT    sing N N 266 
MET N     CA     sing N N 267 
MET N     H      sing N N 268 
MET N     H2     sing N N 269 
MET CA    C      sing N N 270 
MET CA    CB     sing N N 271 
MET CA    HA     sing N N 272 
MET C     O      doub N N 273 
MET C     OXT    sing N N 274 
MET CB    CG     sing N N 275 
MET CB    HB2    sing N N 276 
MET CB    HB3    sing N N 277 
MET CG    SD     sing N N 278 
MET CG    HG2    sing N N 279 
MET CG    HG3    sing N N 280 
MET SD    CE     sing N N 281 
MET CE    HE1    sing N N 282 
MET CE    HE2    sing N N 283 
MET CE    HE3    sing N N 284 
MET OXT   HXT    sing N N 285 
PHE N     CA     sing N N 286 
PHE N     H      sing N N 287 
PHE N     H2     sing N N 288 
PHE CA    C      sing N N 289 
PHE CA    CB     sing N N 290 
PHE CA    HA     sing N N 291 
PHE C     O      doub N N 292 
PHE C     OXT    sing N N 293 
PHE CB    CG     sing N N 294 
PHE CB    HB2    sing N N 295 
PHE CB    HB3    sing N N 296 
PHE CG    CD1    doub Y N 297 
PHE CG    CD2    sing Y N 298 
PHE CD1   CE1    sing Y N 299 
PHE CD1   HD1    sing N N 300 
PHE CD2   CE2    doub Y N 301 
PHE CD2   HD2    sing N N 302 
PHE CE1   CZ     doub Y N 303 
PHE CE1   HE1    sing N N 304 
PHE CE2   CZ     sing Y N 305 
PHE CE2   HE2    sing N N 306 
PHE CZ    HZ     sing N N 307 
PHE OXT   HXT    sing N N 308 
PRO N     CA     sing N N 309 
PRO N     CD     sing N N 310 
PRO N     H      sing N N 311 
PRO CA    C      sing N N 312 
PRO CA    CB     sing N N 313 
PRO CA    HA     sing N N 314 
PRO C     O      doub N N 315 
PRO C     OXT    sing N N 316 
PRO CB    CG     sing N N 317 
PRO CB    HB2    sing N N 318 
PRO CB    HB3    sing N N 319 
PRO CG    CD     sing N N 320 
PRO CG    HG2    sing N N 321 
PRO CG    HG3    sing N N 322 
PRO CD    HD2    sing N N 323 
PRO CD    HD3    sing N N 324 
PRO OXT   HXT    sing N N 325 
SER N     CA     sing N N 326 
SER N     H      sing N N 327 
SER N     H2     sing N N 328 
SER CA    C      sing N N 329 
SER CA    CB     sing N N 330 
SER CA    HA     sing N N 331 
SER C     O      doub N N 332 
SER C     OXT    sing N N 333 
SER CB    OG     sing N N 334 
SER CB    HB2    sing N N 335 
SER CB    HB3    sing N N 336 
SER OG    HG     sing N N 337 
SER OXT   HXT    sing N N 338 
THR N     CA     sing N N 339 
THR N     H      sing N N 340 
THR N     H2     sing N N 341 
THR CA    C      sing N N 342 
THR CA    CB     sing N N 343 
THR CA    HA     sing N N 344 
THR C     O      doub N N 345 
THR C     OXT    sing N N 346 
THR CB    OG1    sing N N 347 
THR CB    CG2    sing N N 348 
THR CB    HB     sing N N 349 
THR OG1   HG1    sing N N 350 
THR CG2   HG21   sing N N 351 
THR CG2   HG22   sing N N 352 
THR CG2   HG23   sing N N 353 
THR OXT   HXT    sing N N 354 
TRP N     CA     sing N N 355 
TRP N     H      sing N N 356 
TRP N     H2     sing N N 357 
TRP CA    C      sing N N 358 
TRP CA    CB     sing N N 359 
TRP CA    HA     sing N N 360 
TRP C     O      doub N N 361 
TRP C     OXT    sing N N 362 
TRP CB    CG     sing N N 363 
TRP CB    HB2    sing N N 364 
TRP CB    HB3    sing N N 365 
TRP CG    CD1    doub Y N 366 
TRP CG    CD2    sing Y N 367 
TRP CD1   NE1    sing Y N 368 
TRP CD1   HD1    sing N N 369 
TRP CD2   CE2    doub Y N 370 
TRP CD2   CE3    sing Y N 371 
TRP NE1   CE2    sing Y N 372 
TRP NE1   HE1    sing N N 373 
TRP CE2   CZ2    sing Y N 374 
TRP CE3   CZ3    doub Y N 375 
TRP CE3   HE3    sing N N 376 
TRP CZ2   CH2    doub Y N 377 
TRP CZ2   HZ2    sing N N 378 
TRP CZ3   CH2    sing Y N 379 
TRP CZ3   HZ3    sing N N 380 
TRP CH2   HH2    sing N N 381 
TRP OXT   HXT    sing N N 382 
TYR N     CA     sing N N 383 
TYR N     H      sing N N 384 
TYR N     H2     sing N N 385 
TYR CA    C      sing N N 386 
TYR CA    CB     sing N N 387 
TYR CA    HA     sing N N 388 
TYR C     O      doub N N 389 
TYR C     OXT    sing N N 390 
TYR CB    CG     sing N N 391 
TYR CB    HB2    sing N N 392 
TYR CB    HB3    sing N N 393 
TYR CG    CD1    doub Y N 394 
TYR CG    CD2    sing Y N 395 
TYR CD1   CE1    sing Y N 396 
TYR CD1   HD1    sing N N 397 
TYR CD2   CE2    doub Y N 398 
TYR CD2   HD2    sing N N 399 
TYR CE1   CZ     doub Y N 400 
TYR CE1   HE1    sing N N 401 
TYR CE2   CZ     sing Y N 402 
TYR CE2   HE2    sing N N 403 
TYR CZ    OH     sing N N 404 
TYR OH    HH     sing N N 405 
TYR OXT   HXT    sing N N 406 
VAL N     CA     sing N N 407 
VAL N     H      sing N N 408 
VAL N     H2     sing N N 409 
VAL CA    C      sing N N 410 
VAL CA    CB     sing N N 411 
VAL CA    HA     sing N N 412 
VAL C     O      doub N N 413 
VAL C     OXT    sing N N 414 
VAL CB    CG1    sing N N 415 
VAL CB    CG2    sing N N 416 
VAL CB    HB     sing N N 417 
VAL CG1   HG11   sing N N 418 
VAL CG1   HG12   sing N N 419 
VAL CG1   HG13   sing N N 420 
VAL CG2   HG21   sing N N 421 
VAL CG2   HG22   sing N N 422 
VAL CG2   HG23   sing N N 423 
VAL OXT   HXT    sing N N 424 
# 
_pdbx_audit_support.funding_organization   'National Natural Science Foundation of China (NSFC)' 
_pdbx_audit_support.country                China 
_pdbx_audit_support.grant_number           31971124 
_pdbx_audit_support.ordinal                1 
# 
loop_
_pdbx_entity_instance_feature.ordinal 
_pdbx_entity_instance_feature.comp_id 
_pdbx_entity_instance_feature.asym_id 
_pdbx_entity_instance_feature.seq_num 
_pdbx_entity_instance_feature.auth_comp_id 
_pdbx_entity_instance_feature.auth_asym_id 
_pdbx_entity_instance_feature.auth_seq_num 
_pdbx_entity_instance_feature.feature_type 
_pdbx_entity_instance_feature.details 
1 AGS ? ? AGS ? ? 'SUBJECT OF INVESTIGATION' ? 
2 CA  ? ? CA  ? ? 'SUBJECT OF INVESTIGATION' ? 
# 
_atom_sites.entry_id                    7D8I 
_atom_sites.Cartn_transf_matrix[1][1]   ? 
_atom_sites.Cartn_transf_matrix[1][2]   ? 
_atom_sites.Cartn_transf_matrix[1][3]   ? 
_atom_sites.Cartn_transf_matrix[2][1]   ? 
_atom_sites.Cartn_transf_matrix[2][2]   ? 
_atom_sites.Cartn_transf_matrix[2][3]   ? 
_atom_sites.Cartn_transf_matrix[3][1]   ? 
_atom_sites.Cartn_transf_matrix[3][2]   ? 
_atom_sites.Cartn_transf_matrix[3][3]   ? 
_atom_sites.Cartn_transf_vector[1]      ? 
_atom_sites.Cartn_transf_vector[2]      ? 
_atom_sites.Cartn_transf_vector[3]      ? 
_atom_sites.fract_transf_matrix[1][1]   -0.00609299 
_atom_sites.fract_transf_matrix[1][2]   -0.02050679 
_atom_sites.fract_transf_matrix[1][3]   0.00002214 
_atom_sites.fract_transf_matrix[2][1]   -0.00504740 
_atom_sites.fract_transf_matrix[2][2]   0.00147063 
_atom_sites.fract_transf_matrix[2][3]   -0.02690517 
_atom_sites.fract_transf_matrix[3][1]   0.01507480 
_atom_sites.fract_transf_matrix[3][2]   -0.01071449 
_atom_sites.fract_transf_matrix[3][3]   -0.00341368 
_atom_sites.fract_transf_vector[1]      0.334514 
_atom_sites.fract_transf_vector[2]      0.978374 
_atom_sites.fract_transf_vector[3]      0.656435 
_atom_sites.solution_primary            ? 
_atom_sites.solution_secondary          ? 
_atom_sites.solution_hydrogens          ? 
_atom_sites.special_details             ? 
# 
loop_
_atom_type.symbol 
C  
CA 
N  
O  
P  
S  
# 
loop_
_atom_site.group_PDB 
_atom_site.id 
_atom_site.type_symbol 
_atom_site.label_atom_id 
_atom_site.label_alt_id 
_atom_site.label_comp_id 
_atom_site.label_asym_id 
_atom_site.label_entity_id 
_atom_site.label_seq_id 
_atom_site.pdbx_PDB_ins_code 
_atom_site.Cartn_x 
_atom_site.Cartn_y 
_atom_site.Cartn_z 
_atom_site.occupancy 
_atom_site.B_iso_or_equiv 
_atom_site.pdbx_formal_charge 
_atom_site.auth_seq_id 
_atom_site.auth_comp_id 
_atom_site.auth_asym_id 
_atom_site.auth_atom_id 
_atom_site.pdbx_PDB_model_num 
ATOM   1    N  N     . SER A 1 5   ? 18.543  4.808   5.044   1.00 59.37 ? 5   SER A N     1 
ATOM   2    C  CA    . SER A 1 5   ? 17.060  4.949   5.073   1.00 55.54 ? 5   SER A CA    1 
ATOM   3    C  C     . SER A 1 5   ? 16.405  4.064   3.995   1.00 52.84 ? 5   SER A C     1 
ATOM   4    O  O     . SER A 1 5   ? 15.228  3.729   4.167   1.00 53.53 ? 5   SER A O     1 
ATOM   5    C  CB    . SER A 1 5   ? 16.654  6.404   4.951   1.00 57.61 ? 5   SER A CB    1 
ATOM   6    O  OG    . SER A 1 5   ? 17.326  7.035   3.870   1.00 60.41 ? 5   SER A OG    1 
ATOM   7    N  N     . ILE A 1 6   ? 17.127  3.677   2.935   1.00 46.21 ? 6   ILE A N     1 
ATOM   8    C  CA    . ILE A 1 6   ? 16.630  2.722   1.892   1.00 46.75 ? 6   ILE A CA    1 
ATOM   9    C  C     . ILE A 1 6   ? 16.783  1.299   2.421   1.00 41.95 ? 6   ILE A C     1 
ATOM   10   O  O     . ILE A 1 6   ? 17.891  0.863   2.713   1.00 39.53 ? 6   ILE A O     1 
ATOM   11   C  CB    . ILE A 1 6   ? 17.373  2.908   0.553   1.00 46.54 ? 6   ILE A CB    1 
ATOM   12   C  CG1   . ILE A 1 6   ? 17.279  4.351   0.049   1.00 50.39 ? 6   ILE A CG1   1 
ATOM   13   C  CG2   . ILE A 1 6   ? 16.873  1.912   -0.483  0.79 47.66 ? 6   ILE A CG2   1 
ATOM   14   C  CD1   . ILE A 1 6   ? 15.878  4.935   0.078   1.00 51.70 ? 6   ILE A CD1   1 
ATOM   15   N  N     . PRO A 1 7   ? 15.690  0.520   2.570   1.00 35.56 ? 7   PRO A N     1 
ATOM   16   C  CA    . PRO A 1 7   ? 15.806  -0.848  3.066   1.00 34.94 ? 7   PRO A CA    1 
ATOM   17   C  C     . PRO A 1 7   ? 16.608  -1.724  2.083   1.00 35.61 ? 7   PRO A C     1 
ATOM   18   O  O     . PRO A 1 7   ? 16.659  -1.421  0.905   1.00 33.86 ? 7   PRO A O     1 
ATOM   19   C  CB    . PRO A 1 7   ? 14.346  -1.286  3.255   1.00 37.58 ? 7   PRO A CB    1 
ATOM   20   C  CG    . PRO A 1 7   ? 13.554  -0.404  2.304   1.00 36.78 ? 7   PRO A CG    1 
ATOM   21   C  CD    . PRO A 1 7   ? 14.296  0.913   2.288   1.00 35.04 ? 7   PRO A CD    1 
ATOM   22   N  N     . LYS A 1 8   ? 17.285  -2.744  2.622   1.00 33.48 ? 8   LYS A N     1 
ATOM   23   C  CA    . LYS A 1 8   ? 18.111  -3.704  1.851   1.00 32.35 ? 8   LYS A CA    1 
ATOM   24   C  C     . LYS A 1 8   ? 17.287  -4.927  1.483   1.00 26.90 ? 8   LYS A C     1 
ATOM   25   O  O     . LYS A 1 8   ? 16.543  -5.410  2.335   1.00 26.68 ? 8   LYS A O     1 
ATOM   26   C  CB    . LYS A 1 8   ? 19.317  -4.166  2.673   1.00 34.24 ? 8   LYS A CB    1 
ATOM   27   C  CG    . LYS A 1 8   ? 20.322  -3.064  2.986   1.00 38.17 ? 8   LYS A CG    1 
ATOM   28   C  CD    . LYS A 1 8   ? 21.649  -3.578  3.512   0.86 43.29 ? 8   LYS A CD    1 
ATOM   29   C  CE    . LYS A 1 8   ? 22.484  -4.322  2.486   0.65 47.09 ? 8   LYS A CE    1 
ATOM   30   N  NZ    . LYS A 1 8   ? 22.860  -3.456  1.341   0.95 51.76 ? 8   LYS A NZ    1 
ATOM   31   N  N     . GLU A 1 9   ? 17.564  -5.504  0.319   1.00 30.01 ? 9   GLU A N     1 
ATOM   32   C  CA    . GLU A 1 9   ? 17.025  -6.815  -0.117  1.00 25.61 ? 9   GLU A CA    1 
ATOM   33   C  C     . GLU A 1 9   ? 17.305  -7.898  0.940   1.00 25.86 ? 9   GLU A C     1 
ATOM   34   O  O     . GLU A 1 9   ? 18.459  -7.991  1.398   1.00 26.87 ? 9   GLU A O     1 
ATOM   35   C  CB    . GLU A 1 9   ? 17.619  -7.065  -1.512  1.00 31.21 ? 9   GLU A CB    1 
ATOM   36   C  CG    . GLU A 1 9   ? 17.315  -8.415  -2.114  1.00 34.93 ? 9   GLU A CG    1 
ATOM   37   C  CD    . GLU A 1 9   ? 18.102  -8.689  -3.389  1.00 34.50 ? 9   GLU A CD    1 
ATOM   38   O  OE1   . GLU A 1 9   ? 19.139  -8.044  -3.597  1.00 42.50 ? 9   GLU A OE1   1 
ATOM   39   O  OE2   . GLU A 1 9   ? 17.681  -9.548  -4.163  1.00 44.26 ? 9   GLU A OE2   1 
ATOM   40   N  N     . GLY A 1 10  ? 16.278  -8.644  1.349   1.00 22.12 ? 10  GLY A N     1 
ATOM   41   C  CA    . GLY A 1 10  ? 16.304  -9.739  2.335   1.00 24.91 ? 10  GLY A CA    1 
ATOM   42   C  C     . GLY A 1 10  ? 15.994  -9.254  3.741   1.00 25.76 ? 10  GLY A C     1 
ATOM   43   O  O     . GLY A 1 10  ? 15.733  -10.129 4.624   1.00 24.99 ? 10  GLY A O     1 
ATOM   44   N  N     . GLU A 1 11  ? 15.972  -7.936  3.944   1.00 25.54 ? 11  GLU A N     1 
ATOM   45   C  CA    . GLU A 1 11  ? 15.574  -7.294  5.232   1.00 29.18 ? 11  GLU A CA    1 
ATOM   46   C  C     . GLU A 1 11  ? 14.089  -7.570  5.473   1.00 28.42 ? 11  GLU A C     1 
ATOM   47   O  O     . GLU A 1 11  ? 13.357  -7.588  4.463   1.00 24.15 ? 11  GLU A O     1 
ATOM   48   C  CB    . GLU A 1 11  ? 15.869  -5.797  5.181   1.00 33.61 ? 11  GLU A CB    1 
ATOM   49   C  CG    . GLU A 1 11  ? 16.058  -5.202  6.553   1.00 39.37 ? 11  GLU A CG    1 
ATOM   50   C  CD    . GLU A 1 11  ? 16.389  -3.724  6.610   1.00 38.56 ? 11  GLU A CD    1 
ATOM   51   O  OE1   . GLU A 1 11  ? 16.929  -3.154  5.599   1.00 36.80 ? 11  GLU A OE1   1 
ATOM   52   O  OE2   . GLU A 1 11  ? 16.163  -3.157  7.704   1.00 44.27 ? 11  GLU A OE2   1 
ATOM   53   N  N     . ASN A 1 12  ? 13.708  -7.907  6.711   1.00 25.18 ? 12  ASN A N     1 
ATOM   54   C  CA    . ASN A 1 12  ? 12.306  -8.014  7.167   1.00 25.93 ? 12  ASN A CA    1 
ATOM   55   C  C     . ASN A 1 12  ? 12.028  -6.688  7.864   1.00 25.17 ? 12  ASN A C     1 
ATOM   56   O  O     . ASN A 1 12  ? 12.768  -6.352  8.814   1.00 24.84 ? 12  ASN A O     1 
ATOM   57   C  CB    . ASN A 1 12  ? 12.014  -9.167  8.117   1.00 29.11 ? 12  ASN A CB    1 
ATOM   58   C  CG    . ASN A 1 12  ? 11.510  -10.428 7.457   1.00 34.41 ? 12  ASN A CG    1 
ATOM   59   O  OD1   . ASN A 1 12  ? 11.436  -10.538 6.227   1.00 32.14 ? 12  ASN A OD1   1 
ATOM   60   N  ND2   . ASN A 1 12  ? 11.190  -11.403 8.295   1.00 37.27 ? 12  ASN A ND2   1 
ATOM   61   N  N     . ILE A 1 13  ? 11.054  -5.917  7.369   1.00 21.38 ? 13  ILE A N     1 
ATOM   62   C  CA    . ILE A 1 13  ? 10.726  -4.600  7.970   1.00 21.13 ? 13  ILE A CA    1 
ATOM   63   C  C     . ILE A 1 13  ? 9.295   -4.616  8.446   1.00 18.01 ? 13  ILE A C     1 
ATOM   64   O  O     . ILE A 1 13  ? 8.486   -5.415  8.012   1.00 17.59 ? 13  ILE A O     1 
ATOM   65   C  CB    . ILE A 1 13  ? 10.977  -3.428  7.016   1.00 21.20 ? 13  ILE A CB    1 
ATOM   66   C  CG1   . ILE A 1 13  ? 10.066  -3.450  5.786   1.00 22.34 ? 13  ILE A CG1   1 
ATOM   67   C  CG2   . ILE A 1 13  ? 12.441  -3.361  6.617   1.00 24.90 ? 13  ILE A CG2   1 
ATOM   68   C  CD1   . ILE A 1 13  ? 9.907   -2.076  5.154   1.00 25.07 ? 13  ILE A CD1   1 
ATOM   69   N  N     . LYS A 1 14  ? 9.012   -3.684  9.349   1.00 18.01 ? 14  LYS A N     1 
ATOM   70   C  CA    . LYS A 1 14  ? 7.652   -3.368  9.785   1.00 16.88 ? 14  LYS A CA    1 
ATOM   71   C  C     . LYS A 1 14  ? 7.149   -2.258  8.861   1.00 13.28 ? 14  LYS A C     1 
ATOM   72   O  O     . LYS A 1 14  ? 7.936   -1.495  8.357   1.00 13.47 ? 14  LYS A O     1 
ATOM   73   C  CB    . LYS A 1 14  ? 7.782   -2.895  11.233  1.00 18.39 ? 14  LYS A CB    1 
ATOM   74   C  CG    . LYS A 1 14  ? 6.516   -2.724  12.031  1.00 24.19 ? 14  LYS A CG    1 
ATOM   75   C  CD    . LYS A 1 14  ? 6.773   -2.994  13.507  1.00 28.27 ? 14  LYS A CD    1 
ATOM   76   C  CE    . LYS A 1 14  ? 8.000   -2.322  14.057  1.00 29.94 ? 14  LYS A CE    1 
ATOM   77   N  NZ    . LYS A 1 14  ? 8.115   -2.589  15.519  1.00 33.05 ? 14  LYS A NZ    1 
ATOM   78   N  N     . ILE A 1 15  ? 5.858   -2.241  8.633   1.00 12.82 ? 15  ILE A N     1 
ATOM   79   C  CA    . ILE A 1 15  ? 5.195   -1.152  7.905   1.00 12.57 ? 15  ILE A CA    1 
ATOM   80   C  C     . ILE A 1 15  ? 4.232   -0.552  8.919   1.00 12.61 ? 15  ILE A C     1 
ATOM   81   O  O     . ILE A 1 15  ? 3.430   -1.292  9.493   1.00 12.06 ? 15  ILE A O     1 
ATOM   82   C  CB    . ILE A 1 15  ? 4.499   -1.660  6.646   1.00 12.62 ? 15  ILE A CB    1 
ATOM   83   C  CG1   . ILE A 1 15  ? 5.520   -2.247  5.654   1.00 13.79 ? 15  ILE A CG1   1 
ATOM   84   C  CG2   . ILE A 1 15  ? 3.667   -0.548  6.040   1.00 12.21 ? 15  ILE A CG2   1 
ATOM   85   C  CD1   . ILE A 1 15  ? 4.892   -3.093  4.577   1.00 15.13 ? 15  ILE A CD1   1 
ATOM   86   N  N     . GLN A 1 16  ? 4.282   0.764   9.068   1.00 13.59 ? 16  GLN A N     1 
ATOM   87   C  CA    . GLN A 1 16  ? 3.395   1.482   10.008  1.00 13.75 ? 16  GLN A CA    1 
ATOM   88   C  C     . GLN A 1 16  ? 2.616   2.554   9.241   1.00 13.13 ? 16  GLN A C     1 
ATOM   89   O  O     . GLN A 1 16  ? 3.221   3.474   8.658   1.00 11.71 ? 16  GLN A O     1 
ATOM   90   C  CB    . GLN A 1 16  ? 4.200   2.086   11.154  1.00 13.66 ? 16  GLN A CB    1 
ATOM   91   C  CG    . GLN A 1 16  ? 4.936   1.059   11.985  1.00 16.23 ? 16  GLN A CG    1 
ATOM   92   C  CD    . GLN A 1 16  ? 5.777   1.641   13.083  1.00 17.11 ? 16  GLN A CD    1 
ATOM   93   O  OE1   . GLN A 1 16  ? 5.824   2.863   13.343  1.00 20.41 ? 16  GLN A OE1   1 
ATOM   94   N  NE2   . GLN A 1 16  ? 6.443   0.744   13.772  1.00 16.43 ? 16  GLN A NE2   1 
ATOM   95   N  N     . SER A 1 17  ? 1.308   2.432   9.301   1.00 11.74 ? 17  SER A N     1 
ATOM   96   C  CA    . SER A 1 17  ? 0.332   3.361   8.735   1.00 11.66 ? 17  SER A CA    1 
ATOM   97   C  C     . SER A 1 17  ? -0.230  4.257   9.839   1.00 11.57 ? 17  SER A C     1 
ATOM   98   O  O     . SER A 1 17  ? -0.530  3.755   10.891  1.00 10.94 ? 17  SER A O     1 
ATOM   99   C  CB    . SER A 1 17  ? -0.764  2.530   8.077   1.00 15.55 ? 17  SER A CB    1 
ATOM   100  O  OG    . SER A 1 17  ? -1.798  3.368   7.668   1.00 21.58 ? 17  SER A OG    1 
ATOM   101  N  N     . TYR A 1 18  ? -0.356  5.538   9.589   1.00 11.08 ? 18  TYR A N     1 
ATOM   102  C  CA    . TYR A 1 18  ? -0.838  6.542   10.560  1.00 11.14 ? 18  TYR A CA    1 
ATOM   103  C  C     . TYR A 1 18  ? -2.029  7.284   9.975   1.00 12.50 ? 18  TYR A C     1 
ATOM   104  O  O     . TYR A 1 18  ? -2.193  7.343   8.758   1.00 12.63 ? 18  TYR A O     1 
ATOM   105  C  CB    . TYR A 1 18  ? 0.258   7.567   10.823  1.00 11.13 ? 18  TYR A CB    1 
ATOM   106  C  CG    . TYR A 1 18  ? 1.530   7.055   11.424  1.00 11.78 ? 18  TYR A CG    1 
ATOM   107  C  CD1   . TYR A 1 18  ? 2.431   6.327   10.675  1.00 11.90 ? 18  TYR A CD1   1 
ATOM   108  C  CD2   . TYR A 1 18  ? 1.814   7.273   12.757  1.00 11.97 ? 18  TYR A CD2   1 
ATOM   109  C  CE1   . TYR A 1 18  ? 3.612   5.883   11.230  1.00 12.64 ? 18  TYR A CE1   1 
ATOM   110  C  CE2   . TYR A 1 18  ? 3.006   6.848   13.320  1.00 12.56 ? 18  TYR A CE2   1 
ATOM   111  C  CZ    . TYR A 1 18  ? 3.917   6.156   12.558  1.00 13.86 ? 18  TYR A CZ    1 
ATOM   112  O  OH    . TYR A 1 18  ? 5.105   5.686   13.072  1.00 15.06 ? 18  TYR A OH    1 
ATOM   113  N  N     . LYS A 1 19  ? -2.836  7.889   10.826  1.00 11.49 ? 19  LYS A N     1 
ATOM   114  C  CA    . LYS A 1 19  ? -3.841  8.870   10.364  1.00 12.12 ? 19  LYS A CA    1 
ATOM   115  C  C     . LYS A 1 19  ? -3.217  10.260  10.428  1.00 12.52 ? 19  LYS A C     1 
ATOM   116  O  O     . LYS A 1 19  ? -2.145  10.423  11.027  1.00 12.63 ? 19  LYS A O     1 
ATOM   117  C  CB    . LYS A 1 19  ? -5.135  8.754   11.180  1.00 12.56 ? 19  LYS A CB    1 
ATOM   118  C  CG    . LYS A 1 19  ? -5.765  7.378   11.090  1.00 13.35 ? 19  LYS A CG    1 
ATOM   119  C  CD    . LYS A 1 19  ? -6.072  6.866   9.696   1.00 13.66 ? 19  LYS A CD    1 
ATOM   120  C  CE    . LYS A 1 19  ? -7.022  7.695   8.890   1.00 14.31 ? 19  LYS A CE    1 
ATOM   121  N  NZ    . LYS A 1 19  ? -7.353  6.990   7.637   1.00 15.52 ? 19  LYS A NZ    1 
ATOM   122  N  N     . HIS A 1 20  ? -3.887  11.236  9.827   1.00 13.03 ? 20  HIS A N     1 
ATOM   123  C  CA    . HIS A 1 20  ? -3.369  12.618  9.708   1.00 14.59 ? 20  HIS A CA    1 
ATOM   124  C  C     . HIS A 1 20  ? -3.139  13.248  11.086  1.00 15.05 ? 20  HIS A C     1 
ATOM   125  O  O     . HIS A 1 20  ? -2.269  14.105  11.193  1.00 17.52 ? 20  HIS A O     1 
ATOM   126  C  CB    . HIS A 1 20  ? -4.395  13.389  8.879   1.00 15.31 ? 20  HIS A CB    1 
ATOM   127  C  CG    . HIS A 1 20  ? -4.067  14.824  8.687   1.00 14.96 ? 20  HIS A CG    1 
ATOM   128  N  ND1   . HIS A 1 20  ? -3.285  15.259  7.629   1.00 17.64 ? 20  HIS A ND1   1 
ATOM   129  C  CD2   . HIS A 1 20  ? -4.418  15.936  9.386   1.00 17.57 ? 20  HIS A CD2   1 
ATOM   130  C  CE1   . HIS A 1 20  ? -3.195  16.583  7.665   1.00 17.76 ? 20  HIS A CE1   1 
ATOM   131  N  NE2   . HIS A 1 20  ? -3.891  17.016  8.716   1.00 18.55 ? 20  HIS A NE2   1 
ATOM   132  N  N     . ASP A 1 21  ? -3.901  12.793  12.086  1.00 14.92 ? 21  ASP A N     1 
ATOM   133  C  CA    . ASP A 1 21  ? -3.809  13.285  13.494  1.00 18.02 ? 21  ASP A CA    1 
ATOM   134  C  C     . ASP A 1 21  ? -2.657  12.625  14.258  1.00 20.55 ? 21  ASP A C     1 
ATOM   135  O  O     . ASP A 1 21  ? -2.447  13.022  15.425  1.00 21.09 ? 21  ASP A O     1 
ATOM   136  C  CB    . ASP A 1 21  ? -5.135  13.075  14.213  1.00 22.16 ? 21  ASP A CB    1 
ATOM   137  C  CG    . ASP A 1 21  ? -5.510  11.630  14.502  1.00 27.08 ? 21  ASP A CG    1 
ATOM   138  O  OD1   . ASP A 1 21  ? -4.773  10.756  14.077  1.00 25.69 ? 21  ASP A OD1   1 
ATOM   139  O  OD2   . ASP A 1 21  ? -6.613  11.396  15.116  1.00 31.10 ? 21  ASP A OD2   1 
ATOM   140  N  N     . GLY A 1 22  ? -1.886  11.722  13.657  1.00 17.93 ? 22  GLY A N     1 
ATOM   141  C  CA    . GLY A 1 22  ? -0.662  11.185  14.253  1.00 17.85 ? 22  GLY A CA    1 
ATOM   142  C  C     . GLY A 1 22  ? -0.889  9.838   14.910  1.00 18.01 ? 22  GLY A C     1 
ATOM   143  O  O     . GLY A 1 22  ? 0.089   9.194   15.227  1.00 20.92 ? 22  GLY A O     1 
ATOM   144  N  N     . LYS A 1 23  ? -2.119  9.396   15.017  1.00 17.77 ? 23  LYS A N     1 
ATOM   145  C  CA    . LYS A 1 23  ? -2.427  8.113   15.655  1.00 20.00 ? 23  LYS A CA    1 
ATOM   146  C  C     . LYS A 1 23  ? -2.004  7.010   14.691  1.00 16.97 ? 23  LYS A C     1 
ATOM   147  O  O     . LYS A 1 23  ? -2.202  7.139   13.468  1.00 15.93 ? 23  LYS A O     1 
ATOM   148  C  CB    . LYS A 1 23  ? -3.884  8.036   16.060  1.00 24.00 ? 23  LYS A CB    1 
ATOM   149  C  CG    . LYS A 1 23  ? -4.183  8.853   17.312  1.00 29.24 ? 23  LYS A CG    1 
ATOM   150  C  CD    . LYS A 1 23  ? -5.661  9.028   17.604  0.86 30.12 ? 23  LYS A CD    1 
ATOM   151  C  CE    . LYS A 1 23  ? -5.939  9.933   18.786  0.80 32.63 ? 23  LYS A CE    1 
ATOM   152  N  NZ    . LYS A 1 23  ? -4.979  9.700   19.890  0.44 33.31 ? 23  LYS A NZ    1 
ATOM   153  N  N     . ILE A 1 24  ? -1.439  5.950   15.224  1.00 15.84 ? 24  ILE A N     1 
ATOM   154  C  CA    . ILE A 1 24  ? -1.253  4.727   14.415  1.00 14.26 ? 24  ILE A CA    1 
ATOM   155  C  C     . ILE A 1 24  ? -2.629  4.242   13.935  1.00 14.47 ? 24  ILE A C     1 
ATOM   156  O  O     . ILE A 1 24  ? -3.601  4.186   14.732  1.00 18.17 ? 24  ILE A O     1 
ATOM   157  C  CB    . ILE A 1 24  ? -0.482  3.639   15.186  1.00 15.86 ? 24  ILE A CB    1 
ATOM   158  C  CG1   . ILE A 1 24  ? 1.005   4.005   15.271  1.00 18.06 ? 24  ILE A CG1   1 
ATOM   159  C  CG2   . ILE A 1 24  ? -0.668  2.268   14.544  1.00 14.94 ? 24  ILE A CG2   1 
ATOM   160  C  CD1   . ILE A 1 24  ? 1.826   3.657   14.020  1.00 18.39 ? 24  ILE A CD1   1 
ATOM   161  N  N     . HIS A 1 25  ? -2.685  3.832   12.670  1.00 12.86 ? 25  HIS A N     1 
ATOM   162  C  CA    . HIS A 1 25  ? -3.826  3.173   12.003  1.00 13.32 ? 25  HIS A CA    1 
ATOM   163  C  C     . HIS A 1 25  ? -3.661  1.655   11.958  1.00 13.76 ? 25  HIS A C     1 
ATOM   164  O  O     . HIS A 1 25  ? -4.618  0.918   12.310  1.00 16.56 ? 25  HIS A O     1 
ATOM   165  C  CB    . HIS A 1 25  ? -3.991  3.798   10.608  1.00 16.33 ? 25  HIS A CB    1 
ATOM   166  C  CG    . HIS A 1 25  ? -5.213  3.278   9.951   1.00 17.94 ? 25  HIS A CG    1 
ATOM   167  N  ND1   . HIS A 1 25  ? -6.454  3.366   10.560  1.00 23.80 ? 25  HIS A ND1   1 
ATOM   168  C  CD2   . HIS A 1 25  ? -5.388  2.637   8.791   1.00 23.37 ? 25  HIS A CD2   1 
ATOM   169  C  CE1   . HIS A 1 25  ? -7.347  2.831   9.761   1.00 24.22 ? 25  HIS A CE1   1 
ATOM   170  N  NE2   . HIS A 1 25  ? -6.725  2.384   8.688   1.00 20.36 ? 25  HIS A NE2   1 
ATOM   171  N  N     . ARG A 1 26  ? -2.550  1.167   11.453  1.00 13.75 ? 26  ARG A N     1 
ATOM   172  C  CA    . ARG A 1 26  ? -2.366  -0.274  11.205  1.00 13.08 ? 26  ARG A CA    1 
ATOM   173  C  C     . ARG A 1 26  ? -0.863  -0.524  11.149  1.00 12.34 ? 26  ARG A C     1 
ATOM   174  O  O     . ARG A 1 26  ? -0.097  0.317   10.631  1.00 11.87 ? 26  ARG A O     1 
ATOM   175  C  CB    . ARG A 1 26  ? -3.117  -0.660  9.920   1.00 15.33 ? 26  ARG A CB    1 
ATOM   176  C  CG    . ARG A 1 26  ? -3.164  -2.153  9.664   1.00 18.82 ? 26  ARG A CG    1 
ATOM   177  C  CD    . ARG A 1 26  ? -4.292  -2.467  8.694   1.00 21.86 ? 26  ARG A CD    1 
ATOM   178  N  NE    . ARG A 1 26  ? -5.600  -2.107  9.217   1.00 23.23 ? 26  ARG A NE    1 
ATOM   179  C  CZ    . ARG A 1 26  ? -6.447  -1.233  8.690   1.00 23.29 ? 26  ARG A CZ    1 
ATOM   180  N  NH1   . ARG A 1 26  ? -6.182  -0.582  7.563   1.00 25.34 ? 26  ARG A NH1   1 
ATOM   181  N  NH2   . ARG A 1 26  ? -7.603  -1.008  9.300   1.00 23.87 ? 26  ARG A NH2   1 
ATOM   182  N  N     . VAL A 1 27  ? -0.441  -1.676  11.677  1.00 12.19 ? 27  VAL A N     1 
ATOM   183  C  CA    . VAL A 1 27  ? 0.973   -2.085  11.649  1.00 12.03 ? 27  VAL A CA    1 
ATOM   184  C  C     . VAL A 1 27  ? 1.062   -3.518  11.141  1.00 13.81 ? 27  VAL A C     1 
ATOM   185  O  O     . VAL A 1 27  ? 0.333   -4.389  11.672  1.00 15.94 ? 27  VAL A O     1 
ATOM   186  C  CB    . VAL A 1 27  ? 1.622   -1.960  13.038  1.00 14.12 ? 27  VAL A CB    1 
ATOM   187  C  CG1   . VAL A 1 27  ? 3.039   -2.472  13.049  1.00 16.50 ? 27  VAL A CG1   1 
ATOM   188  C  CG2   . VAL A 1 27  ? 1.522   -0.521  13.523  1.00 14.55 ? 27  VAL A CG2   1 
ATOM   189  N  N     . TRP A 1 28  ? 1.933   -3.727  10.167  1.00 12.28 ? 28  TRP A N     1 
ATOM   190  C  CA    . TRP A 1 28  ? 2.264   -5.073  9.627   1.00 13.54 ? 28  TRP A CA    1 
ATOM   191  C  C     . TRP A 1 28  ? 3.665   -5.406  10.110  1.00 14.12 ? 28  TRP A C     1 
ATOM   192  O  O     . TRP A 1 28  ? 4.629   -4.690  9.843   1.00 14.00 ? 28  TRP A O     1 
ATOM   193  C  CB    . TRP A 1 28  ? 2.205   -5.079  8.096   1.00 13.05 ? 28  TRP A CB    1 
ATOM   194  C  CG    . TRP A 1 28  ? 0.854   -4.797  7.541   1.00 13.96 ? 28  TRP A CG    1 
ATOM   195  C  CD1   . TRP A 1 28  ? -0.060  -5.716  7.111   1.00 14.48 ? 28  TRP A CD1   1 
ATOM   196  C  CD2   . TRP A 1 28  ? 0.253   -3.499  7.339   1.00 13.13 ? 28  TRP A CD2   1 
ATOM   197  N  NE1   . TRP A 1 28  ? -1.178  -5.090  6.657   1.00 16.62 ? 28  TRP A NE1   1 
ATOM   198  C  CE2   . TRP A 1 28  ? -1.011  -3.729  6.770   1.00 13.86 ? 28  TRP A CE2   1 
ATOM   199  C  CE3   . TRP A 1 28  ? 0.680   -2.180  7.553   1.00 14.15 ? 28  TRP A CE3   1 
ATOM   200  C  CZ2   . TRP A 1 28  ? -1.859  -2.694  6.403   1.00 15.74 ? 28  TRP A CZ2   1 
ATOM   201  C  CZ3   . TRP A 1 28  ? -0.174  -1.160  7.195   1.00 14.41 ? 28  TRP A CZ3   1 
ATOM   202  C  CH2   . TRP A 1 28  ? -1.410  -1.419  6.614   1.00 15.56 ? 28  TRP A CH2   1 
ATOM   203  N  N     . SER A 1 29  ? 3.783   -6.505  10.852  1.00 17.02 ? 29  SER A N     1 
ATOM   204  C  CA    . SER A 1 29  ? 5.034   -6.817  11.567  1.00 19.50 ? 29  SER A CA    1 
ATOM   205  C  C     . SER A 1 29  ? 6.179   -7.219  10.630  1.00 20.65 ? 29  SER A C     1 
ATOM   206  O  O     . SER A 1 29  ? 7.325   -6.844  10.929  1.00 23.14 ? 29  SER A O     1 
ATOM   207  C  CB    . SER A 1 29  ? 4.794   -7.856  12.633  1.00 20.99 ? 29  SER A CB    1 
ATOM   208  O  OG    . SER A 1 29  ? 3.755   -7.425  13.526  1.00 24.83 ? 29  SER A OG    1 
ATOM   209  N  N     . GLU A 1 30  ? 5.905   -7.940  9.533   1.00 20.76 ? 30  GLU A N     1 
ATOM   210  C  CA    . GLU A 1 30  ? 7.000   -8.596  8.771   1.00 21.57 ? 30  GLU A CA    1 
ATOM   211  C  C     . GLU A 1 30  ? 6.708   -8.594  7.260   1.00 15.79 ? 30  GLU A C     1 
ATOM   212  O  O     . GLU A 1 30  ? 5.715   -9.162  6.846   1.00 18.64 ? 30  GLU A O     1 
ATOM   213  C  CB    . GLU A 1 30  ? 7.143   -10.059 9.198   1.00 25.73 ? 30  GLU A CB    1 
ATOM   214  C  CG    . GLU A 1 30  ? 7.780   -10.235 10.559  1.00 33.00 ? 30  GLU A CG    1 
ATOM   215  C  CD    . GLU A 1 30  ? 8.220   -11.668 10.782  1.00 40.63 ? 30  GLU A CD    1 
ATOM   216  O  OE1   . GLU A 1 30  ? 9.451   -11.906 10.769  1.00 50.04 ? 30  GLU A OE1   1 
ATOM   217  O  OE2   . GLU A 1 30  ? 7.328   -12.534 10.918  1.00 44.58 ? 30  GLU A OE2   1 
ATOM   218  N  N     . THR A 1 31  ? 7.568   -7.903  6.561   1.00 16.40 ? 31  THR A N     1 
ATOM   219  C  CA    . THR A 1 31  ? 7.604   -7.774  5.079   1.00 17.23 ? 31  THR A CA    1 
ATOM   220  C  C     . THR A 1 31  ? 9.042   -7.926  4.640   1.00 17.28 ? 31  THR A C     1 
ATOM   221  O  O     . THR A 1 31  ? 9.941   -7.189  5.080   1.00 16.92 ? 31  THR A O     1 
ATOM   222  C  CB    . THR A 1 31  ? 6.969   -6.470  4.560   1.00 17.67 ? 31  THR A CB    1 
ATOM   223  O  OG1   . THR A 1 31  ? 5.615   -6.498  4.968   1.00 16.43 ? 31  THR A OG1   1 
ATOM   224  C  CG2   . THR A 1 31  ? 7.063   -6.318  3.061   1.00 20.17 ? 31  THR A CG2   1 
ATOM   225  N  N     . THR A 1 32  ? 9.286   -8.901  3.756   1.00 18.12 ? 32  THR A N     1 
ATOM   226  C  CA    . THR A 1 32  ? 10.646  -9.082  3.204   1.00 19.13 ? 32  THR A CA    1 
ATOM   227  C  C     . THR A 1 32  ? 10.837  -8.120  2.041   1.00 17.35 ? 32  THR A C     1 
ATOM   228  O  O     . THR A 1 32  ? 9.983   -8.182  1.098   1.00 17.92 ? 32  THR A O     1 
ATOM   229  C  CB    . THR A 1 32  ? 10.826  -10.534 2.731   1.00 20.42 ? 32  THR A CB    1 
ATOM   230  O  OG1   . THR A 1 32  ? 10.522  -11.388 3.843   1.00 21.37 ? 32  THR A OG1   1 
ATOM   231  C  CG2   . THR A 1 32  ? 12.216  -10.789 2.194   1.00 24.08 ? 32  THR A CG2   1 
ATOM   232  N  N     . ILE A 1 33  ? 11.922  -7.353  2.037   1.00 18.30 ? 33  ILE A N     1 
ATOM   233  C  CA    . ILE A 1 33  ? 12.296  -6.385  0.978   1.00 18.59 ? 33  ILE A CA    1 
ATOM   234  C  C     . ILE A 1 33  ? 12.816  -7.134  -0.261  1.00 21.28 ? 33  ILE A C     1 
ATOM   235  O  O     . ILE A 1 33  ? 13.741  -7.965  -0.134  1.00 21.65 ? 33  ILE A O     1 
ATOM   236  C  CB    . ILE A 1 33  ? 13.294  -5.340  1.487   1.00 19.44 ? 33  ILE A CB    1 
ATOM   237  C  CG1   . ILE A 1 33  ? 12.656  -4.554  2.641   1.00 21.03 ? 33  ILE A CG1   1 
ATOM   238  C  CG2   . ILE A 1 33  ? 13.759  -4.426  0.375   1.00 18.84 ? 33  ILE A CG2   1 
ATOM   239  C  CD1   . ILE A 1 33  ? 11.366  -3.862  2.259   1.00 22.14 ? 33  ILE A CD1   1 
ATOM   240  N  N     . LEU A 1 34  ? 12.190  -6.890  -1.404  1.00 17.72 ? 34  LEU A N     1 
ATOM   241  C  CA    . LEU A 1 34  ? 12.603  -7.462  -2.715  1.00 19.55 ? 34  LEU A CA    1 
ATOM   242  C  C     . LEU A 1 34  ? 13.388  -6.440  -3.533  1.00 20.36 ? 34  LEU A C     1 
ATOM   243  O  O     . LEU A 1 34  ? 14.272  -6.846  -4.302  1.00 21.97 ? 34  LEU A O     1 
ATOM   244  C  CB    . LEU A 1 34  ? 11.340  -7.911  -3.437  1.00 18.05 ? 34  LEU A CB    1 
ATOM   245  C  CG    . LEU A 1 34  ? 10.434  -8.857  -2.662  1.00 19.53 ? 34  LEU A CG    1 
ATOM   246  C  CD1   . LEU A 1 34  ? 9.184   -9.133  -3.444  1.00 21.03 ? 34  LEU A CD1   1 
ATOM   247  C  CD2   . LEU A 1 34  ? 11.114  -10.148 -2.235  1.00 22.06 ? 34  LEU A CD2   1 
ATOM   248  N  N     . LYS A 1 35  ? 13.083  -5.153  -3.395  1.00 21.06 ? 35  LYS A N     1 
ATOM   249  C  CA    . LYS A 1 35  ? 13.733  -4.061  -4.135  1.00 23.33 ? 35  LYS A CA    1 
ATOM   250  C  C     . LYS A 1 35  ? 13.649  -2.836  -3.256  1.00 25.75 ? 35  LYS A C     1 
ATOM   251  O  O     . LYS A 1 35  ? 12.596  -2.641  -2.661  1.00 21.35 ? 35  LYS A O     1 
ATOM   252  C  CB    . LYS A 1 35  ? 13.043  -3.811  -5.462  1.00 25.55 ? 35  LYS A CB    1 
ATOM   253  C  CG    . LYS A 1 35  ? 13.509  -2.588  -6.234  1.00 30.33 ? 35  LYS A CG    1 
ATOM   254  C  CD    . LYS A 1 35  ? 12.968  -2.628  -7.638  1.00 34.74 ? 35  LYS A CD    1 
ATOM   255  C  CE    . LYS A 1 35  ? 12.622  -1.278  -8.221  0.49 35.31 ? 35  LYS A CE    1 
ATOM   256  N  NZ    . LYS A 1 35  ? 13.784  -0.714  -8.938  0.74 37.63 ? 35  LYS A NZ    1 
ATOM   257  N  N     . GLY A 1 36  ? 14.769  -2.141  -3.105  1.00 25.08 ? 36  GLY A N     1 
ATOM   258  C  CA    . GLY A 1 36  ? 14.840  -0.849  -2.411  1.00 27.00 ? 36  GLY A CA    1 
ATOM   259  C  C     . GLY A 1 36  ? 15.633  0.142   -3.230  1.00 32.60 ? 36  GLY A C     1 
ATOM   260  O  O     . GLY A 1 36  ? 16.826  -0.119  -3.446  1.00 32.80 ? 36  GLY A O     1 
ATOM   261  N  N     . THR A 1 37  ? 14.987  1.198   -3.716  1.00 33.90 ? 37  THR A N     1 
ATOM   262  C  CA    . THR A 1 37  ? 15.641  2.374   -4.340  1.00 33.48 ? 37  THR A CA    1 
ATOM   263  C  C     . THR A 1 37  ? 15.180  3.638   -3.602  1.00 34.54 ? 37  THR A C     1 
ATOM   264  O  O     . THR A 1 37  ? 14.363  3.526   -2.635  1.00 33.42 ? 37  THR A O     1 
ATOM   265  C  CB    . THR A 1 37  ? 15.328  2.453   -5.836  1.00 34.83 ? 37  THR A CB    1 
ATOM   266  O  OG1   . THR A 1 37  ? 13.967  2.882   -5.966  1.00 35.17 ? 37  THR A OG1   1 
ATOM   267  C  CG2   . THR A 1 37  ? 15.560  1.145   -6.564  1.00 34.75 ? 37  THR A CG2   1 
ATOM   268  N  N     . ASP A 1 38  ? 15.699  4.786   -4.029  1.00 36.53 ? 38  ASP A N     1 
ATOM   269  C  CA    . ASP A 1 38  ? 15.355  6.109   -3.455  1.00 38.92 ? 38  ASP A CA    1 
ATOM   270  C  C     . ASP A 1 38  ? 13.875  6.371   -3.747  1.00 35.37 ? 38  ASP A C     1 
ATOM   271  O  O     . ASP A 1 38  ? 13.256  7.071   -2.933  1.00 42.79 ? 38  ASP A O     1 
ATOM   272  C  CB    . ASP A 1 38  ? 16.289  7.224   -3.944  1.00 41.63 ? 38  ASP A CB    1 
ATOM   273  C  CG    . ASP A 1 38  ? 16.683  7.150   -5.411  0.44 40.37 ? 38  ASP A CG    1 
ATOM   274  O  OD1   . ASP A 1 38  ? 15.817  6.807   -6.238  0.46 44.70 ? 38  ASP A OD1   1 
ATOM   275  O  OD2   . ASP A 1 38  ? 17.859  7.432   -5.713  0.48 40.60 ? 38  ASP A OD2   1 
ATOM   276  N  N     . HIS A 1 39  ? 13.310  5.800   -4.818  1.00 28.06 ? 39  HIS A N     1 
ATOM   277  C  CA    . HIS A 1 39  ? 11.924  6.130   -5.256  1.00 25.81 ? 39  HIS A CA    1 
ATOM   278  C  C     . HIS A 1 39  ? 10.940  4.987   -4.960  1.00 22.24 ? 39  HIS A C     1 
ATOM   279  O  O     . HIS A 1 39  ? 9.751   5.301   -4.841  1.00 19.78 ? 39  HIS A O     1 
ATOM   280  C  CB    . HIS A 1 39  ? 11.847  6.447   -6.743  1.00 31.05 ? 39  HIS A CB    1 
ATOM   281  C  CG    . HIS A 1 39  ? 12.545  7.709   -7.132  1.00 34.12 ? 39  HIS A CG    1 
ATOM   282  N  ND1   . HIS A 1 39  ? 13.428  7.747   -8.186  1.00 41.91 ? 39  HIS A ND1   1 
ATOM   283  C  CD2   . HIS A 1 39  ? 12.489  8.964   -6.634  1.00 40.72 ? 39  HIS A CD2   1 
ATOM   284  C  CE1   . HIS A 1 39  ? 13.892  8.977   -8.324  1.00 43.65 ? 39  HIS A CE1   1 
ATOM   285  N  NE2   . HIS A 1 39  ? 13.346  9.740   -7.380  1.00 37.29 ? 39  HIS A NE2   1 
ATOM   286  N  N     . VAL A 1 40  ? 11.390  3.740   -4.930  1.00 22.87 ? 40  VAL A N     1 
ATOM   287  C  CA    . VAL A 1 40  ? 10.461  2.562   -4.922  1.00 19.87 ? 40  VAL A CA    1 
ATOM   288  C  C     . VAL A 1 40  ? 10.915  1.521   -3.906  1.00 19.80 ? 40  VAL A C     1 
ATOM   289  O  O     . VAL A 1 40  ? 12.127  1.137   -3.859  1.00 22.67 ? 40  VAL A O     1 
ATOM   290  C  CB    . VAL A 1 40  ? 10.310  1.954   -6.325  1.00 21.40 ? 40  VAL A CB    1 
ATOM   291  C  CG1   . VAL A 1 40  ? 9.595   0.606   -6.317  1.00 23.62 ? 40  VAL A CG1   1 
ATOM   292  C  CG2   . VAL A 1 40  ? 9.669   2.934   -7.270  1.00 21.71 ? 40  VAL A CG2   1 
ATOM   293  N  N     . VAL A 1 41  ? 9.970   0.983   -3.134  1.00 15.63 ? 41  VAL A N     1 
ATOM   294  C  CA    . VAL A 1 41  ? 10.201  -0.186  -2.246  1.00 16.00 ? 41  VAL A CA    1 
ATOM   295  C  C     . VAL A 1 41  ? 9.183   -1.244  -2.636  1.00 15.29 ? 41  VAL A C     1 
ATOM   296  O  O     . VAL A 1 41  ? 7.997   -0.938  -2.708  1.00 14.60 ? 41  VAL A O     1 
ATOM   297  C  CB    . VAL A 1 41  ? 10.139  0.142   -0.741  1.00 16.66 ? 41  VAL A CB    1 
ATOM   298  C  CG1   . VAL A 1 41  ? 10.149  -1.080  0.148   1.00 17.48 ? 41  VAL A CG1   1 
ATOM   299  C  CG2   . VAL A 1 41  ? 11.279  1.071   -0.340  1.00 18.42 ? 41  VAL A CG2   1 
ATOM   300  N  N     . ILE A 1 42  ? 9.679   -2.423  -2.980  1.00 14.85 ? 42  ILE A N     1 
ATOM   301  C  CA    . ILE A 1 42  ? 8.818   -3.598  -3.238  1.00 16.43 ? 42  ILE A CA    1 
ATOM   302  C  C     . ILE A 1 42  ? 9.126   -4.621  -2.157  1.00 15.07 ? 42  ILE A C     1 
ATOM   303  O  O     . ILE A 1 42  ? 10.317  -4.928  -1.911  1.00 15.19 ? 42  ILE A O     1 
ATOM   304  C  CB    . ILE A 1 42  ? 9.053   -4.153  -4.652  1.00 16.27 ? 42  ILE A CB    1 
ATOM   305  C  CG1   . ILE A 1 42  ? 8.852   -3.106  -5.746  1.00 18.39 ? 42  ILE A CG1   1 
ATOM   306  C  CG2   . ILE A 1 42  ? 8.173   -5.362  -4.938  1.00 17.05 ? 42  ILE A CG2   1 
ATOM   307  C  CD1   . ILE A 1 42  ? 9.239   -3.619  -7.103  1.00 20.81 ? 42  ILE A CD1   1 
ATOM   308  N  N     . GLY A 1 43  ? 8.102   -5.150  -1.533  1.00 14.86 ? 43  GLY A N     1 
ATOM   309  C  CA    . GLY A 1 43  ? 8.241   -6.233  -0.552  1.00 14.75 ? 43  GLY A CA    1 
ATOM   310  C  C     . GLY A 1 43  ? 7.233   -7.344  -0.746  1.00 14.13 ? 43  GLY A C     1 
ATOM   311  O  O     . GLY A 1 43  ? 6.279   -7.214  -1.565  1.00 14.69 ? 43  GLY A O     1 
ATOM   312  N  N     . GLY A 1 44  ? 7.429   -8.433  -0.009  1.00 16.16 ? 44  GLY A N     1 
ATOM   313  C  CA    . GLY A 1 44  ? 6.464   -9.529  0.025   1.00 15.72 ? 44  GLY A CA    1 
ATOM   314  C  C     . GLY A 1 44  ? 6.233   -9.912  1.455   1.00 16.61 ? 44  GLY A C     1 
ATOM   315  O  O     . GLY A 1 44  ? 7.189   -9.824  2.269   1.00 18.12 ? 44  GLY A O     1 
ATOM   316  N  N     . ASN A 1 45  ? 5.025   -10.272 1.772   1.00 17.90 ? 45  ASN A N     1 
ATOM   317  C  CA    . ASN A 1 45  ? 4.752   -10.791 3.131   1.00 18.66 ? 45  ASN A CA    1 
ATOM   318  C  C     . ASN A 1 45  ? 3.816   -11.970 2.999   1.00 20.23 ? 45  ASN A C     1 
ATOM   319  O  O     . ASN A 1 45  ? 3.204   -12.168 1.934   1.00 21.55 ? 45  ASN A O     1 
ATOM   320  C  CB    . ASN A 1 45  ? 4.272   -9.705  4.112   1.00 17.99 ? 45  ASN A CB    1 
ATOM   321  C  CG    . ASN A 1 45  ? 3.082   -8.891  3.650   1.00 15.37 ? 45  ASN A CG    1 
ATOM   322  O  OD1   . ASN A 1 45  ? 2.115   -9.465  3.155   1.00 18.04 ? 45  ASN A OD1   1 
ATOM   323  N  ND2   . ASN A 1 45  ? 3.138   -7.550  3.786   1.00 17.91 ? 45  ASN A ND2   1 
ATOM   324  N  N     . ASP A 1 46  ? 3.715   -12.756 4.062   1.00 21.50 ? 46  ASP A N     1 
ATOM   325  C  CA    . ASP A 1 46  ? 2.830   -13.932 4.044   1.00 23.70 ? 46  ASP A CA    1 
ATOM   326  C  C     . ASP A 1 46  ? 2.650   -14.369 5.490   1.00 23.54 ? 46  ASP A C     1 
ATOM   327  O  O     . ASP A 1 46  ? 3.679   -14.505 6.150   1.00 25.29 ? 46  ASP A O     1 
ATOM   328  C  CB    . ASP A 1 46  ? 3.469   -14.992 3.154   1.00 27.78 ? 46  ASP A CB    1 
ATOM   329  C  CG    . ASP A 1 46  ? 2.679   -16.274 3.045   1.00 28.62 ? 46  ASP A CG    1 
ATOM   330  O  OD1   . ASP A 1 46  ? 1.491   -16.287 3.392   1.00 36.33 ? 46  ASP A OD1   1 
ATOM   331  O  OD2   . ASP A 1 46  ? 3.266   -17.252 2.547   1.00 39.42 ? 46  ASP A OD2   1 
ATOM   332  N  N     . HIS A 1 47  ? 1.408   -14.434 5.948   1.00 25.89 ? 47  HIS A N     1 
ATOM   333  C  CA    . HIS A 1 47  ? 1.099   -14.776 7.359   1.00 29.55 ? 47  HIS A CA    1 
ATOM   334  C  C     . HIS A 1 47  ? 1.850   -13.789 8.263   1.00 29.63 ? 47  HIS A C     1 
ATOM   335  O  O     . HIS A 1 47  ? 2.530   -14.239 9.184   1.00 27.55 ? 47  HIS A O     1 
ATOM   336  C  CB    . HIS A 1 47  ? 1.444   -16.250 7.602   1.00 32.48 ? 47  HIS A CB    1 
ATOM   337  C  CG    . HIS A 1 47  ? 0.614   -17.166 6.763   1.00 39.27 ? 47  HIS A CG    1 
ATOM   338  N  ND1   . HIS A 1 47  ? 1.169   -18.054 5.858   1.00 44.71 ? 47  HIS A ND1   1 
ATOM   339  C  CD2   . HIS A 1 47  ? -0.729  -17.324 6.675   1.00 44.31 ? 47  HIS A CD2   1 
ATOM   340  C  CE1   . HIS A 1 47  ? 0.200   -18.721 5.257   1.00 44.62 ? 47  HIS A CE1   1 
ATOM   341  N  NE2   . HIS A 1 47  ? -0.976  -18.288 5.738   1.00 42.06 ? 47  HIS A NE2   1 
ATOM   342  N  N     . THR A 1 48  ? 1.736   -12.480 7.981   1.00 24.33 ? 48  THR A N     1 
ATOM   343  C  CA    . THR A 1 48  ? 2.277   -11.414 8.861   1.00 22.98 ? 48  THR A CA    1 
ATOM   344  C  C     . THR A 1 48  ? 1.210   -11.096 9.907   1.00 17.87 ? 48  THR A C     1 
ATOM   345  O  O     . THR A 1 48  ? -0.003  -11.054 9.557   1.00 20.58 ? 48  THR A O     1 
ATOM   346  C  CB    . THR A 1 48  ? 2.734   -10.150 8.092   1.00 20.38 ? 48  THR A CB    1 
ATOM   347  O  OG1   . THR A 1 48  ? 3.210   -9.222  9.072   1.00 24.07 ? 48  THR A OG1   1 
ATOM   348  C  CG2   . THR A 1 48  ? 1.677   -9.497  7.247   1.00 20.90 ? 48  THR A CG2   1 
ATOM   349  N  N     . LEU A 1 49  ? 1.674   -10.808 11.118  1.00 23.52 ? 49  LEU A N     1 
ATOM   350  C  CA    . LEU A 1 49  ? 0.812   -10.175 12.143  1.00 24.98 ? 49  LEU A CA    1 
ATOM   351  C  C     . LEU A 1 49  ? 0.421   -8.769  11.669  1.00 19.28 ? 49  LEU A C     1 
ATOM   352  O  O     . LEU A 1 49  ? 1.328   -8.103  11.083  1.00 22.73 ? 49  LEU A O     1 
ATOM   353  C  CB    . LEU A 1 49  ? 1.555   -10.062 13.467  1.00 25.35 ? 49  LEU A CB    1 
ATOM   354  C  CG    . LEU A 1 49  ? 0.606   -9.846  14.648  1.00 29.90 ? 49  LEU A CG    1 
ATOM   355  C  CD1   . LEU A 1 49  ? -0.324  -11.029 14.866  1.00 29.41 ? 49  LEU A CD1   1 
ATOM   356  C  CD2   . LEU A 1 49  ? 1.375   -9.532  15.914  1.00 30.62 ? 49  LEU A CD2   1 
ATOM   357  N  N     . VAL A 1 50  ? -0.848  -8.423  11.850  1.00 20.77 ? 50  VAL A N     1 
ATOM   358  C  CA    . VAL A 1 50  ? -1.461  -7.083  11.588  1.00 19.60 ? 50  VAL A CA    1 
ATOM   359  C  C     . VAL A 1 50  ? -2.038  -6.591  12.916  1.00 21.27 ? 50  VAL A C     1 
ATOM   360  O  O     . VAL A 1 50  ? -2.724  -7.369  13.588  1.00 22.51 ? 50  VAL A O     1 
ATOM   361  C  CB    . VAL A 1 50  ? -2.555  -7.114  10.526  1.00 22.60 ? 50  VAL A CB    1 
ATOM   362  C  CG1   . VAL A 1 50  ? -2.898  -5.699  10.066  1.00 22.44 ? 50  VAL A CG1   1 
ATOM   363  C  CG2   . VAL A 1 50  ? -2.111  -8.009  9.360   1.00 24.63 ? 50  VAL A CG2   1 
ATOM   364  N  N     . THR A 1 51  ? -1.699  -5.358  13.307  1.00 18.26 ? 51  THR A N     1 
ATOM   365  C  CA    . THR A 1 51  ? -2.217  -4.749  14.550  1.00 18.47 ? 51  THR A CA    1 
ATOM   366  C  C     . THR A 1 51  ? -3.046  -3.537  14.180  1.00 18.02 ? 51  THR A C     1 
ATOM   367  O  O     . THR A 1 51  ? -2.576  -2.718  13.388  1.00 17.85 ? 51  THR A O     1 
ATOM   368  C  CB    . THR A 1 51  ? -1.058  -4.316  15.447  1.00 19.29 ? 51  THR A CB    1 
ATOM   369  O  OG1   . THR A 1 51  ? -0.239  -5.448  15.717  1.00 23.67 ? 51  THR A OG1   1 
ATOM   370  C  CG2   . THR A 1 51  ? -1.556  -3.726  16.745  1.00 20.09 ? 51  THR A CG2   1 
ATOM   371  N  N     . GLU A 1 52  ? -4.259  -3.451  14.707  1.00 16.07 ? 52  GLU A N     1 
ATOM   372  C  CA    . GLU A 1 52  ? -5.204  -2.353  14.467  1.00 19.73 ? 52  GLU A CA    1 
ATOM   373  C  C     . GLU A 1 52  ? -5.031  -1.305  15.562  1.00 17.86 ? 52  GLU A C     1 
ATOM   374  O  O     . GLU A 1 52  ? -4.245  -1.517  16.508  1.00 19.72 ? 52  GLU A O     1 
ATOM   375  C  CB    . GLU A 1 52  ? -6.621  -2.920  14.392  1.00 22.01 ? 52  GLU A CB    1 
ATOM   376  C  CG    . GLU A 1 52  ? -6.720  -4.020  13.355  1.00 25.11 ? 52  GLU A CG    1 
ATOM   377  C  CD    . GLU A 1 52  ? -6.837  -3.509  11.940  1.00 26.49 ? 52  GLU A CD    1 
ATOM   378  O  OE1   . GLU A 1 52  ? -7.400  -2.429  11.755  1.00 31.73 ? 52  GLU A OE1   1 
ATOM   379  O  OE2   . GLU A 1 52  ? -6.395  -4.214  11.021  1.00 29.28 ? 52  GLU A OE2   1 
ATOM   380  N  N     . SER A 1 53  ? -5.750  -0.205  15.399  1.00 23.00 ? 53  SER A N     1 
ATOM   381  C  CA    . SER A 1 53  ? -5.522  1.017   16.201  1.00 25.31 ? 53  SER A CA    1 
ATOM   382  C  C     . SER A 1 53  ? -5.901  0.750   17.663  1.00 27.47 ? 53  SER A C     1 
ATOM   383  O  O     . SER A 1 53  ? -5.337  1.440   18.532  1.00 28.77 ? 53  SER A O     1 
ATOM   384  C  CB    . SER A 1 53  ? -6.252  2.181   15.645  1.00 26.56 ? 53  SER A CB    1 
ATOM   385  O  OG    . SER A 1 53  ? -7.587  1.836   15.391  1.00 34.31 ? 53  SER A OG    1 
ATOM   386  N  N     . ASP A 1 54  ? -6.806  -0.213  17.918  1.00 25.65 ? 54  ASP A N     1 
ATOM   387  C  CA    . ASP A 1 54  ? -7.204  -0.634  19.296  1.00 25.37 ? 54  ASP A CA    1 
ATOM   388  C  C     . ASP A 1 54  ? -6.281  -1.735  19.857  1.00 24.57 ? 54  ASP A C     1 
ATOM   389  O  O     . ASP A 1 54  ? -6.579  -2.286  20.960  1.00 25.57 ? 54  ASP A O     1 
ATOM   390  C  CB    . ASP A 1 54  ? -8.663  -1.084  19.317  1.00 26.94 ? 54  ASP A CB    1 
ATOM   391  C  CG    . ASP A 1 54  ? -9.022  -2.198  18.343  1.00 31.41 ? 54  ASP A CG    1 
ATOM   392  O  OD1   . ASP A 1 54  ? -8.099  -2.758  17.696  1.00 27.25 ? 54  ASP A OD1   1 
ATOM   393  O  OD2   . ASP A 1 54  ? -10.236 -2.521  18.240  1.00 34.92 ? 54  ASP A OD2   1 
ATOM   394  N  N     . GLY A 1 55  ? -5.214  -2.088  19.135  1.00 22.19 ? 55  GLY A N     1 
ATOM   395  C  CA    . GLY A 1 55  ? -4.243  -3.124  19.489  1.00 19.45 ? 55  GLY A CA    1 
ATOM   396  C  C     . GLY A 1 55  ? -4.664  -4.501  18.998  1.00 19.05 ? 55  GLY A C     1 
ATOM   397  O  O     . GLY A 1 55  ? -3.811  -5.377  19.036  1.00 21.31 ? 55  GLY A O     1 
ATOM   398  N  N     . ARG A 1 56  ? -5.892  -4.667  18.515  1.00 19.09 ? 56  ARG A N     1 
ATOM   399  C  CA    . ARG A 1 56  ? -6.373  -6.021  18.110  1.00 21.12 ? 56  ARG A CA    1 
ATOM   400  C  C     . ARG A 1 56  ? -5.508  -6.525  16.955  1.00 24.80 ? 56  ARG A C     1 
ATOM   401  O  O     . ARG A 1 56  ? -5.165  -5.735  16.036  1.00 21.44 ? 56  ARG A O     1 
ATOM   402  C  CB    . ARG A 1 56  ? -7.841  -5.999  17.693  1.00 22.68 ? 56  ARG A CB    1 
ATOM   403  C  CG    . ARG A 1 56  ? -8.829  -5.825  18.830  1.00 26.45 ? 56  ARG A CG    1 
ATOM   404  C  CD    . ARG A 1 56  ? -8.549  -6.794  19.973  1.00 26.62 ? 56  ARG A CD    1 
ATOM   405  N  NE    . ARG A 1 56  ? -9.239  -8.093  19.875  1.00 28.24 ? 56  ARG A NE    1 
ATOM   406  C  CZ    . ARG A 1 56  ? -10.456 -8.352  20.346  1.00 27.67 ? 56  ARG A CZ    1 
ATOM   407  N  NH1   . ARG A 1 56  ? -10.945 -9.569  20.226  1.00 27.93 ? 56  ARG A NH1   1 
ATOM   408  N  NH2   . ARG A 1 56  ? -11.209 -7.402  20.865  1.00 30.42 ? 56  ARG A NH2   1 
ATOM   409  N  N     . THR A 1 57  ? -5.209  -7.817  16.962  1.00 27.76 ? 57  THR A N     1 
ATOM   410  C  CA    . THR A 1 57  ? -4.291  -8.430  15.977  1.00 27.91 ? 57  THR A CA    1 
ATOM   411  C  C     . THR A 1 57  ? -5.037  -9.496  15.162  1.00 31.75 ? 57  THR A C     1 
ATOM   412  O  O     . THR A 1 57  ? -6.089  -10.052 15.613  1.00 25.00 ? 57  THR A O     1 
ATOM   413  C  CB    . THR A 1 57  ? -3.008  -8.919  16.658  1.00 26.25 ? 57  THR A CB    1 
ATOM   414  O  OG1   . THR A 1 57  ? -3.395  -9.986  17.529  1.00 33.04 ? 57  THR A OG1   1 
ATOM   415  C  CG2   . THR A 1 57  ? -2.279  -7.822  17.402  1.00 26.69 ? 57  THR A CG2   1 
ATOM   416  N  N     . TRP A 1 58  ? -4.530  -9.725  13.949  1.00 29.46 ? 58  TRP A N     1 
ATOM   417  C  CA    . TRP A 1 58  ? -4.950  -10.864 13.085  1.00 27.09 ? 58  TRP A CA    1 
ATOM   418  C  C     . TRP A 1 58  ? -3.767  -11.203 12.179  1.00 29.33 ? 58  TRP A C     1 
ATOM   419  O  O     . TRP A 1 58  ? -2.847  -10.395 12.124  1.00 24.58 ? 58  TRP A O     1 
ATOM   420  C  CB    . TRP A 1 58  ? -6.244  -10.522 12.341  1.00 27.47 ? 58  TRP A CB    1 
ATOM   421  C  CG    . TRP A 1 58  ? -6.193  -9.274  11.510  1.00 31.39 ? 58  TRP A CG    1 
ATOM   422  C  CD1   . TRP A 1 58  ? -6.400  -7.989  11.925  1.00 32.90 ? 58  TRP A CD1   1 
ATOM   423  C  CD2   . TRP A 1 58  ? -5.988  -9.202  10.092  1.00 31.65 ? 58  TRP A CD2   1 
ATOM   424  N  NE1   . TRP A 1 58  ? -6.326  -7.126  10.866  1.00 32.64 ? 58  TRP A NE1   1 
ATOM   425  C  CE2   . TRP A 1 58  ? -6.096  -7.845  9.725   1.00 32.46 ? 58  TRP A CE2   1 
ATOM   426  C  CE3   . TRP A 1 58  ? -5.755  -10.159 9.096   1.00 35.40 ? 58  TRP A CE3   1 
ATOM   427  C  CZ2   . TRP A 1 58  ? -5.905  -7.413  8.413   1.00 35.34 ? 58  TRP A CZ2   1 
ATOM   428  C  CZ3   . TRP A 1 58  ? -5.576  -9.730  7.801   1.00 33.56 ? 58  TRP A CZ3   1 
ATOM   429  C  CH2   . TRP A 1 58  ? -5.662  -8.383  7.465   1.00 32.85 ? 58  TRP A CH2   1 
ATOM   430  N  N     . ILE A 1 59  ? -3.737  -12.394 11.571  1.00 31.03 ? 59  ILE A N     1 
ATOM   431  C  CA    . ILE A 1 59  ? -2.589  -12.867 10.730  1.00 31.72 ? 59  ILE A CA    1 
ATOM   432  C  C     . ILE A 1 59  ? -3.092  -12.944 9.281   1.00 27.36 ? 59  ILE A C     1 
ATOM   433  O  O     . ILE A 1 59  ? -4.209  -13.484 9.068   1.00 28.81 ? 59  ILE A O     1 
ATOM   434  C  CB    . ILE A 1 59  ? -2.037  -14.236 11.197  1.00 33.30 ? 59  ILE A CB    1 
ATOM   435  C  CG1   . ILE A 1 59  ? -1.814  -14.319 12.711  1.00 36.23 ? 59  ILE A CG1   1 
ATOM   436  C  CG2   . ILE A 1 59  ? -0.770  -14.588 10.426  1.00 30.82 ? 59  ILE A CG2   1 
ATOM   437  C  CD1   . ILE A 1 59  ? -0.447  -13.897 13.170  1.00 37.41 ? 59  ILE A CD1   1 
ATOM   438  N  N     . THR A 1 60  ? -2.364  -12.383 8.300   1.00 26.62 ? 60  THR A N     1 
ATOM   439  C  CA    . THR A 1 60  ? -2.826  -12.451 6.878   1.00 25.49 ? 60  THR A CA    1 
ATOM   440  C  C     . THR A 1 60  ? -2.880  -13.926 6.446   1.00 23.79 ? 60  THR A C     1 
ATOM   441  O  O     . THR A 1 60  ? -2.075  -14.703 6.961   1.00 23.17 ? 60  THR A O     1 
ATOM   442  C  CB    . THR A 1 60  ? -1.956  -11.610 5.934   1.00 22.84 ? 60  THR A CB    1 
ATOM   443  O  OG1   . THR A 1 60  ? -0.627  -12.084 6.024   1.00 21.73 ? 60  THR A OG1   1 
ATOM   444  C  CG2   . THR A 1 60  ? -1.987  -10.141 6.306   1.00 23.95 ? 60  THR A CG2   1 
ATOM   445  N  N     . ARG A 1 61  ? -3.785  -14.241 5.529   1.00 29.61 ? 61  ARG A N     1 
ATOM   446  C  CA    . ARG A 1 61  ? -4.106  -15.646 5.146   1.00 32.26 ? 61  ARG A CA    1 
ATOM   447  C  C     . ARG A 1 61  ? -3.386  -16.044 3.849   1.00 34.60 ? 61  ARG A C     1 
ATOM   448  O  O     . ARG A 1 61  ? -3.367  -17.223 3.530   1.00 30.74 ? 61  ARG A O     1 
ATOM   449  C  CB    . ARG A 1 61  ? -5.620  -15.806 5.024   1.00 35.75 ? 61  ARG A CB    1 
ATOM   450  C  CG    . ARG A 1 61  ? -6.347  -15.750 6.360   0.85 39.47 ? 61  ARG A CG    1 
ATOM   451  C  CD    . ARG A 1 61  ? -7.710  -15.088 6.246   0.71 40.56 ? 61  ARG A CD    1 
ATOM   452  N  NE    . ARG A 1 61  ? -8.463  -15.128 7.497   0.54 39.01 ? 61  ARG A NE    1 
ATOM   453  C  CZ    . ARG A 1 61  ? -8.229  -14.371 8.571   0.40 42.50 ? 61  ARG A CZ    1 
ATOM   454  N  NH1   . ARG A 1 61  ? -7.238  -13.493 8.583   0.78 42.22 ? 61  ARG A NH1   1 
ATOM   455  N  NH2   . ARG A 1 61  ? -8.988  -14.498 9.648   0.80 42.91 ? 61  ARG A NH2   1 
ATOM   456  N  N     . GLU A 1 62  ? -2.735  -15.114 3.160   1.00 35.25 ? 62  GLU A N     1 
ATOM   457  C  CA    . GLU A 1 62  ? -2.228  -15.361 1.787   1.00 33.71 ? 62  GLU A CA    1 
ATOM   458  C  C     . GLU A 1 62  ? -1.119  -14.369 1.492   1.00 34.55 ? 62  GLU A C     1 
ATOM   459  O  O     . GLU A 1 62  ? -1.069  -13.298 2.088   1.00 30.77 ? 62  GLU A O     1 
ATOM   460  C  CB    . GLU A 1 62  ? -3.324  -15.081 0.785   1.00 36.20 ? 62  GLU A CB    1 
ATOM   461  C  CG    . GLU A 1 62  ? -4.048  -13.822 1.170   1.00 41.27 ? 62  GLU A CG    1 
ATOM   462  C  CD    . GLU A 1 62  ? -4.869  -13.204 0.074   1.00 43.50 ? 62  GLU A CD    1 
ATOM   463  O  OE1   . GLU A 1 62  ? -4.623  -13.545 -1.103  1.00 49.90 ? 62  GLU A OE1   1 
ATOM   464  O  OE2   . GLU A 1 62  ? -5.734  -12.379 0.409   1.00 46.09 ? 62  GLU A OE2   1 
ATOM   465  N  N     . PRO A 1 63  ? -0.251  -14.685 0.525   1.00 29.09 ? 63  PRO A N     1 
ATOM   466  C  CA    . PRO A 1 63  ? 0.870   -13.823 0.229   1.00 25.02 ? 63  PRO A CA    1 
ATOM   467  C  C     . PRO A 1 63  ? 0.420   -12.527 -0.451  1.00 20.44 ? 63  PRO A C     1 
ATOM   468  O  O     . PRO A 1 63  ? -0.596  -12.454 -1.118  1.00 20.36 ? 63  PRO A O     1 
ATOM   469  C  CB    . PRO A 1 63  ? 1.780   -14.641 -0.695  1.00 27.13 ? 63  PRO A CB    1 
ATOM   470  C  CG    . PRO A 1 63  ? 0.893   -15.749 -1.240  1.00 29.32 ? 63  PRO A CG    1 
ATOM   471  C  CD    . PRO A 1 63  ? -0.252  -15.928 -0.267  1.00 28.64 ? 63  PRO A CD    1 
ATOM   472  N  N     . ALA A 1 64  ? 1.270   -11.522 -0.263  1.00 17.49 ? 64  ALA A N     1 
ATOM   473  C  CA    . ALA A 1 64  ? 1.070   -10.208 -0.902  1.00 15.76 ? 64  ALA A CA    1 
ATOM   474  C  C     . ALA A 1 64  ? 2.416   -9.665  -1.374  1.00 15.14 ? 64  ALA A C     1 
ATOM   475  O  O     . ALA A 1 64  ? 3.410   -9.894  -0.723  1.00 15.42 ? 64  ALA A O     1 
ATOM   476  C  CB    . ALA A 1 64  ? 0.402   -9.261  0.055   1.00 15.58 ? 64  ALA A CB    1 
ATOM   477  N  N     . ILE A 1 65  ? 2.389   -8.946  -2.484  1.00 13.18 ? 65  ILE A N     1 
ATOM   478  C  CA    . ILE A 1 65  ? 3.510   -8.082  -2.909  1.00 14.03 ? 65  ILE A CA    1 
ATOM   479  C  C     . ILE A 1 65  ? 3.063   -6.658  -2.645  1.00 13.54 ? 65  ILE A C     1 
ATOM   480  O  O     . ILE A 1 65  ? 1.937   -6.299  -2.982  1.00 13.48 ? 65  ILE A O     1 
ATOM   481  C  CB    . ILE A 1 65  ? 3.862   -8.298  -4.386  1.00 15.14 ? 65  ILE A CB    1 
ATOM   482  C  CG1   . ILE A 1 65  ? 4.358   -9.726  -4.645  1.00 16.53 ? 65  ILE A CG1   1 
ATOM   483  C  CG2   . ILE A 1 65  ? 4.837   -7.227  -4.862  1.00 15.34 ? 65  ILE A CG2   1 
ATOM   484  C  CD1   . ILE A 1 65  ? 5.614   -10.071 -3.959  1.00 17.96 ? 65  ILE A CD1   1 
ATOM   485  N  N     . VAL A 1 66  ? 3.904   -5.871  -1.990  1.00 11.63 ? 66  VAL A N     1 
ATOM   486  C  CA    . VAL A 1 66  ? 3.571   -4.462  -1.648  1.00 12.34 ? 66  VAL A CA    1 
ATOM   487  C  C     . VAL A 1 66  ? 4.466   -3.535  -2.443  1.00 11.78 ? 66  VAL A C     1 
ATOM   488  O  O     . VAL A 1 66  ? 5.672   -3.838  -2.685  1.00 13.11 ? 66  VAL A O     1 
ATOM   489  C  CB    . VAL A 1 66  ? 3.659   -4.246  -0.129  1.00 13.52 ? 66  VAL A CB    1 
ATOM   490  C  CG1   . VAL A 1 66  ? 2.717   -5.205  0.560   1.00 15.63 ? 66  VAL A CG1   1 
ATOM   491  C  CG2   . VAL A 1 66  ? 5.102   -4.386  0.418   1.00 13.62 ? 66  VAL A CG2   1 
ATOM   492  N  N     . TYR A 1 67  ? 3.920   -2.434  -2.910  1.00 11.42 ? 67  TYR A N     1 
ATOM   493  C  CA    . TYR A 1 67  ? 4.587   -1.443  -3.774  1.00 11.21 ? 67  TYR A CA    1 
ATOM   494  C  C     . TYR A 1 67  ? 4.434   -0.058  -3.151  1.00 10.91 ? 67  TYR A C     1 
ATOM   495  O  O     . TYR A 1 67  ? 3.308   0.388   -2.970  1.00 11.34 ? 67  TYR A O     1 
ATOM   496  C  CB    . TYR A 1 67  ? 4.021   -1.518  -5.188  1.00 11.91 ? 67  TYR A CB    1 
ATOM   497  C  CG    . TYR A 1 67  ? 4.534   -0.482  -6.145  1.00 13.23 ? 67  TYR A CG    1 
ATOM   498  C  CD1   . TYR A 1 67  ? 3.953   0.767   -6.224  1.00 12.72 ? 67  TYR A CD1   1 
ATOM   499  C  CD2   . TYR A 1 67  ? 5.557   -0.770  -7.030  1.00 15.07 ? 67  TYR A CD2   1 
ATOM   500  C  CE1   . TYR A 1 67  ? 4.393   1.724   -7.120  1.00 15.33 ? 67  TYR A CE1   1 
ATOM   501  C  CE2   . TYR A 1 67  ? 6.017   0.181   -7.919  1.00 14.72 ? 67  TYR A CE2   1 
ATOM   502  C  CZ    . TYR A 1 67  ? 5.421   1.422   -7.976  1.00 15.41 ? 67  TYR A CZ    1 
ATOM   503  O  OH    . TYR A 1 67  ? 5.845   2.335   -8.911  1.00 19.63 ? 67  TYR A OH    1 
ATOM   504  N  N     . PHE A 1 68  ? 5.534   0.593   -2.784  1.00 11.77 ? 68  PHE A N     1 
ATOM   505  C  CA    . PHE A 1 68  ? 5.566   1.955   -2.223  1.00 13.45 ? 68  PHE A CA    1 
ATOM   506  C  C     . PHE A 1 68  ? 6.389   2.889   -3.091  1.00 14.65 ? 68  PHE A C     1 
ATOM   507  O  O     . PHE A 1 68  ? 7.424   2.406   -3.606  1.00 15.06 ? 68  PHE A O     1 
ATOM   508  C  CB    . PHE A 1 68  ? 6.189   1.878   -0.835  1.00 13.16 ? 68  PHE A CB    1 
ATOM   509  C  CG    . PHE A 1 68  ? 5.303   1.132   0.136   1.00 12.46 ? 68  PHE A CG    1 
ATOM   510  C  CD1   . PHE A 1 68  ? 4.236   1.745   0.758   1.00 14.17 ? 68  PHE A CD1   1 
ATOM   511  C  CD2   . PHE A 1 68  ? 5.539   -0.193  0.434   1.00 13.62 ? 68  PHE A CD2   1 
ATOM   512  C  CE1   . PHE A 1 68  ? 3.402   1.052   1.627   1.00 13.02 ? 68  PHE A CE1   1 
ATOM   513  C  CE2   . PHE A 1 68  ? 4.718   -0.873  1.332   1.00 13.23 ? 68  PHE A CE2   1 
ATOM   514  C  CZ    . PHE A 1 68  ? 3.629   -0.279  1.899   1.00 13.44 ? 68  PHE A CZ    1 
ATOM   515  N  N     . HIS A 1 69  ? 5.911   4.124   -3.267  1.00 14.66 ? 69  HIS A N     1 
ATOM   516  C  CA    . HIS A 1 69  ? 6.592   5.128   -4.115  1.00 17.11 ? 69  HIS A CA    1 
ATOM   517  C  C     . HIS A 1 69  ? 6.857   6.385   -3.294  1.00 18.28 ? 69  HIS A C     1 
ATOM   518  O  O     . HIS A 1 69  ? 6.025   6.756   -2.461  1.00 18.96 ? 69  HIS A O     1 
ATOM   519  C  CB    . HIS A 1 69  ? 5.773   5.391   -5.374  1.00 19.92 ? 69  HIS A CB    1 
ATOM   520  C  CG    . HIS A 1 69  ? 6.628   5.881   -6.481  1.00 23.50 ? 69  HIS A CG    1 
ATOM   521  N  ND1   . HIS A 1 69  ? 7.182   7.151   -6.457  1.00 25.22 ? 69  HIS A ND1   1 
ATOM   522  C  CD2   . HIS A 1 69  ? 7.018   5.305   -7.642  1.00 24.89 ? 69  HIS A CD2   1 
ATOM   523  C  CE1   . HIS A 1 69  ? 7.855   7.330   -7.571  1.00 25.98 ? 69  HIS A CE1   1 
ATOM   524  N  NE2   . HIS A 1 69  ? 7.771   6.240   -8.314  1.00 26.92 ? 69  HIS A NE2   1 
ATOM   525  N  N     . SER A 1 70  ? 8.010   7.025   -3.499  1.00 18.33 ? 70  SER A N     1 
ATOM   526  C  CA    . SER A 1 70  ? 8.366   8.222   -2.699  1.00 21.39 ? 70  SER A CA    1 
ATOM   527  C  C     . SER A 1 70  ? 7.737   9.485   -3.293  1.00 20.96 ? 70  SER A C     1 
ATOM   528  O  O     . SER A 1 70  ? 7.804   10.498  -2.570  1.00 21.47 ? 70  SER A O     1 
ATOM   529  C  CB    . SER A 1 70  ? 9.878   8.356   -2.590  1.00 23.53 ? 70  SER A CB    1 
ATOM   530  O  OG    . SER A 1 70  ? 10.410  8.528   -3.877  1.00 26.02 ? 70  SER A OG    1 
ATOM   531  N  N     . GLU A 1 71  ? 7.198   9.450   -4.520  1.00 21.80 ? 71  GLU A N     1 
ATOM   532  C  CA    . GLU A 1 71  ? 6.722   10.641  -5.305  1.00 24.75 ? 71  GLU A CA    1 
ATOM   533  C  C     . GLU A 1 71  ? 5.226   10.572  -5.660  1.00 24.24 ? 71  GLU A C     1 
ATOM   534  O  O     . GLU A 1 71  ? 4.730   11.447  -6.484  1.00 26.34 ? 71  GLU A O     1 
ATOM   535  C  CB    . GLU A 1 71  ? 7.374   10.749  -6.689  1.00 29.31 ? 71  GLU A CB    1 
ATOM   536  C  CG    . GLU A 1 71  ? 8.906   10.735  -6.761  1.00 33.86 ? 71  GLU A CG    1 
ATOM   537  C  CD    . GLU A 1 71  ? 9.366   11.039  -8.190  1.00 37.49 ? 71  GLU A CD    1 
ATOM   538  O  OE1   . GLU A 1 71  ? 8.948   10.302  -9.127  1.00 46.76 ? 71  GLU A OE1   1 
ATOM   539  O  OE2   . GLU A 1 71  ? 10.067  12.059  -8.394  1.00 49.86 ? 71  GLU A OE2   1 
ATOM   540  N  N     . TYR A 1 72  ? 4.537   9.516   -5.256  1.00 16.77 ? 72  TYR A N     1 
ATOM   541  C  CA    . TYR A 1 72  ? 3.085   9.376   -5.506  1.00 16.89 ? 72  TYR A CA    1 
ATOM   542  C  C     . TYR A 1 72  ? 2.390   9.193   -4.163  1.00 14.76 ? 72  TYR A C     1 
ATOM   543  O  O     . TYR A 1 72  ? 2.959   8.589   -3.240  1.00 15.79 ? 72  TYR A O     1 
ATOM   544  C  CB    . TYR A 1 72  ? 2.798   8.229   -6.481  1.00 15.25 ? 72  TYR A CB    1 
ATOM   545  C  CG    . TYR A 1 72  ? 3.155   8.553   -7.911  1.00 16.32 ? 72  TYR A CG    1 
ATOM   546  C  CD1   . TYR A 1 72  ? 2.336   9.381   -8.679  1.00 17.43 ? 72  TYR A CD1   1 
ATOM   547  C  CD2   . TYR A 1 72  ? 4.347   8.117   -8.457  1.00 19.06 ? 72  TYR A CD2   1 
ATOM   548  C  CE1   . TYR A 1 72  ? 2.686   9.734   -9.980  1.00 20.15 ? 72  TYR A CE1   1 
ATOM   549  C  CE2   . TYR A 1 72  ? 4.702   8.473   -9.749  1.00 18.74 ? 72  TYR A CE2   1 
ATOM   550  C  CZ    . TYR A 1 72  ? 3.875   9.280   -10.505 1.00 20.11 ? 72  TYR A CZ    1 
ATOM   551  O  OH    . TYR A 1 72  ? 4.201   9.641   -11.790 1.00 24.18 ? 72  TYR A OH    1 
ATOM   552  N  N     . TRP A 1 73  ? 1.167   9.703   -4.102  1.00 13.96 ? 73  TRP A N     1 
ATOM   553  C  CA    . TRP A 1 73  ? 0.320   9.678   -2.875  1.00 13.35 ? 73  TRP A CA    1 
ATOM   554  C  C     . TRP A 1 73  ? -0.581  8.449   -2.939  1.00 11.76 ? 73  TRP A C     1 
ATOM   555  O  O     . TRP A 1 73  ? -1.831  8.533   -2.735  1.00 12.32 ? 73  TRP A O     1 
ATOM   556  C  CB    . TRP A 1 73  ? -0.435  11.004  -2.744  1.00 13.41 ? 73  TRP A CB    1 
ATOM   557  C  CG    . TRP A 1 73  ? 0.427   12.157  -2.302  1.00 12.82 ? 73  TRP A CG    1 
ATOM   558  C  CD1   . TRP A 1 73  ? 1.556   12.660  -2.906  1.00 14.80 ? 73  TRP A CD1   1 
ATOM   559  C  CD2   . TRP A 1 73  ? 0.270   12.891  -1.085  1.00 13.22 ? 73  TRP A CD2   1 
ATOM   560  N  NE1   . TRP A 1 73  ? 2.063   13.695  -2.158  1.00 14.25 ? 73  TRP A NE1   1 
ATOM   561  C  CE2   . TRP A 1 73  ? 1.290   13.866  -1.042  1.00 14.43 ? 73  TRP A CE2   1 
ATOM   562  C  CE3   . TRP A 1 73  ? -0.669  12.854  -0.037  1.00 14.45 ? 73  TRP A CE3   1 
ATOM   563  C  CZ2   . TRP A 1 73  ? 1.413   14.768  0.026   1.00 15.60 ? 73  TRP A CZ2   1 
ATOM   564  C  CZ3   . TRP A 1 73  ? -0.555  13.766  0.993   1.00 15.23 ? 73  TRP A CZ3   1 
ATOM   565  C  CH2   . TRP A 1 73  ? 0.486   14.692  1.028   1.00 16.81 ? 73  TRP A CH2   1 
ATOM   566  N  N     . PHE A 1 74  ? 0.021   7.305   -3.182  1.00 12.48 ? 74  PHE A N     1 
ATOM   567  C  CA    . PHE A 1 74  ? -0.681  6.005   -3.074  1.00 13.04 ? 74  PHE A CA    1 
ATOM   568  C  C     . PHE A 1 74  ? 0.336   4.920   -2.922  1.00 12.87 ? 74  PHE A C     1 
ATOM   569  O  O     . PHE A 1 74  ? 1.508   5.084   -3.216  1.00 13.50 ? 74  PHE A O     1 
ATOM   570  C  CB    . PHE A 1 74  ? -1.535  5.692   -4.289  1.00 13.36 ? 74  PHE A CB    1 
ATOM   571  C  CG    . PHE A 1 74  ? -0.844  5.748   -5.632  1.00 13.82 ? 74  PHE A CG    1 
ATOM   572  C  CD1   . PHE A 1 74  ? -0.124  4.673   -6.110  1.00 17.41 ? 74  PHE A CD1   1 
ATOM   573  C  CD2   . PHE A 1 74  ? -0.967  6.877   -6.432  1.00 15.84 ? 74  PHE A CD2   1 
ATOM   574  C  CE1   . PHE A 1 74  ? 0.476   4.729   -7.360  1.00 17.97 ? 74  PHE A CE1   1 
ATOM   575  C  CE2   . PHE A 1 74  ? -0.416  6.897   -7.702  1.00 16.03 ? 74  PHE A CE2   1 
ATOM   576  C  CZ    . PHE A 1 74  ? 0.318   5.843   -8.164  1.00 16.53 ? 74  PHE A CZ    1 
ATOM   577  N  N     . ASN A 1 75  ? -0.134  3.794   -2.415  1.00 11.58 ? 75  ASN A N     1 
ATOM   578  C  CA    . ASN A 1 75  ? 0.661   2.560   -2.375  1.00 11.47 ? 75  ASN A CA    1 
ATOM   579  C  C     . ASN A 1 75  ? -0.251  1.399   -2.738  1.00 12.88 ? 75  ASN A C     1 
ATOM   580  O  O     . ASN A 1 75  ? -1.487  1.568   -2.806  1.00 12.78 ? 75  ASN A O     1 
ATOM   581  C  CB    . ASN A 1 75  ? 1.429   2.336   -1.072  1.00 11.51 ? 75  ASN A CB    1 
ATOM   582  C  CG    . ASN A 1 75  ? 0.558   2.362   0.161   1.00 13.38 ? 75  ASN A CG    1 
ATOM   583  O  OD1   . ASN A 1 75  ? -0.250  1.463   0.293   1.00 15.28 ? 75  ASN A OD1   1 
ATOM   584  N  ND2   . ASN A 1 75  ? 0.782   3.254   1.112   1.00 11.65 ? 75  ASN A ND2   1 
ATOM   585  N  N     . VAL A 1 76  ? 0.350   0.294   -3.141  1.00 11.27 ? 76  VAL A N     1 
ATOM   586  C  CA    . VAL A 1 76  ? -0.425  -0.778  -3.823  1.00 11.33 ? 76  VAL A CA    1 
ATOM   587  C  C     . VAL A 1 76  ? -0.082  -2.108  -3.183  1.00 12.56 ? 76  VAL A C     1 
ATOM   588  O  O     . VAL A 1 76  ? 1.093   -2.416  -3.068  1.00 12.44 ? 76  VAL A O     1 
ATOM   589  C  CB    . VAL A 1 76  ? -0.162  -0.799  -5.331  1.00 12.01 ? 76  VAL A CB    1 
ATOM   590  C  CG1   . VAL A 1 76  ? -0.919  -1.948  -5.964  1.00 13.63 ? 76  VAL A CG1   1 
ATOM   591  C  CG2   . VAL A 1 76  ? -0.556  0.535   -5.965  1.00 12.09 ? 76  VAL A CG2   1 
ATOM   592  N  N     . ILE A 1 77  ? -1.111  -2.856  -2.827  1.00 11.50 ? 77  ILE A N     1 
ATOM   593  C  CA    . ILE A 1 77  ? -0.992  -4.228  -2.304  1.00 13.94 ? 77  ILE A CA    1 
ATOM   594  C  C     . ILE A 1 77  ? -1.518  -5.189  -3.363  1.00 14.00 ? 77  ILE A C     1 
ATOM   595  O  O     . ILE A 1 77  ? -2.686  -5.001  -3.770  1.00 14.54 ? 77  ILE A O     1 
ATOM   596  C  CB    . ILE A 1 77  ? -1.745  -4.392  -0.974  1.00 15.30 ? 77  ILE A CB    1 
ATOM   597  C  CG1   . ILE A 1 77  ? -1.452  -3.221  -0.032  1.00 18.02 ? 77  ILE A CG1   1 
ATOM   598  C  CG2   . ILE A 1 77  ? -1.465  -5.765  -0.404  1.00 17.13 ? 77  ILE A CG2   1 
ATOM   599  C  CD1   . ILE A 1 77  ? -0.032  -3.054  0.319   1.00 20.18 ? 77  ILE A CD1   1 
ATOM   600  N  N     . CYS A 1 78  ? -0.747  -6.191  -3.732  1.00 14.01 ? 78  CYS A N     1 
ATOM   601  C  CA    . CYS A 1 78  ? -1.089  -7.175  -4.789  1.00 15.47 ? 78  CYS A CA    1 
ATOM   602  C  C     . CYS A 1 78  ? -1.303  -8.527  -4.130  1.00 17.66 ? 78  CYS A C     1 
ATOM   603  O  O     . CYS A 1 78  ? -0.365  -9.007  -3.553  1.00 15.86 ? 78  CYS A O     1 
ATOM   604  C  CB    . CYS A 1 78  ? 0.011   -7.300  -5.816  1.00 15.48 ? 78  CYS A CB    1 
ATOM   605  S  SG    . CYS A 1 78  ? 0.819   -5.762  -6.298  1.00 18.71 ? 78  CYS A SG    1 
ATOM   606  N  N     . MET A 1 79  ? -2.525  -9.074  -4.199  1.00 22.00 ? 79  MET A N     1 
ATOM   607  C  CA    . MET A 1 79  ? -2.980  -10.281 -3.460  1.00 26.40 ? 79  MET A CA    1 
ATOM   608  C  C     . MET A 1 79  ? -3.163  -11.434 -4.445  1.00 29.68 ? 79  MET A C     1 
ATOM   609  O  O     . MET A 1 79  ? -3.792  -11.243 -5.506  1.00 26.38 ? 79  MET A O     1 
ATOM   610  C  CB    . MET A 1 79  ? -4.335  -10.013 -2.814  1.00 31.54 ? 79  MET A CB    1 
ATOM   611  C  CG    . MET A 1 79  ? -4.341  -10.184 -1.350  1.00 44.16 ? 79  MET A CG    1 
ATOM   612  S  SD    . MET A 1 79  ? -3.625  -8.743  -0.597  1.00 56.07 ? 79  MET A SD    1 
ATOM   613  C  CE    . MET A 1 79  ? -4.523  -7.455  -1.453  1.00 50.95 ? 79  MET A CE    1 
ATOM   614  N  N     . PHE A 1 80  ? -2.696  -12.615 -4.063  1.00 29.12 ? 80  PHE A N     1 
ATOM   615  C  CA    . PHE A 1 80  ? -2.822  -13.851 -4.855  1.00 31.21 ? 80  PHE A CA    1 
ATOM   616  C  C     . PHE A 1 80  ? -3.941  -14.662 -4.216  1.00 33.82 ? 80  PHE A C     1 
ATOM   617  O  O     . PHE A 1 80  ? -3.716  -15.234 -3.129  1.00 37.20 ? 80  PHE A O     1 
ATOM   618  C  CB    . PHE A 1 80  ? -1.491  -14.595 -4.864  1.00 32.26 ? 80  PHE A CB    1 
ATOM   619  C  CG    . PHE A 1 80  ? -0.412  -13.719 -5.437  1.00 32.80 ? 80  PHE A CG    1 
ATOM   620  C  CD1   . PHE A 1 80  ? -0.369  -13.471 -6.796  1.00 34.67 ? 80  PHE A CD1   1 
ATOM   621  C  CD2   . PHE A 1 80  ? 0.428   -13.015 -4.600  1.00 35.67 ? 80  PHE A CD2   1 
ATOM   622  C  CE1   . PHE A 1 80  ? 0.581   -12.604 -7.313  1.00 35.85 ? 80  PHE A CE1   1 
ATOM   623  C  CE2   . PHE A 1 80  ? 1.383   -12.162 -5.116  1.00 33.76 ? 80  PHE A CE2   1 
ATOM   624  C  CZ    . PHE A 1 80  ? 1.448   -11.948 -6.467  1.00 33.12 ? 80  PHE A CZ    1 
ATOM   625  N  N     . ARG A 1 81  ? -5.130  -14.602 -4.815  1.00 32.64 ? 81  ARG A N     1 
ATOM   626  C  CA    . ARG A 1 81  ? -6.310  -15.384 -4.363  1.00 34.72 ? 81  ARG A CA    1 
ATOM   627  C  C     . ARG A 1 81  ? -6.513  -16.527 -5.369  1.00 34.18 ? 81  ARG A C     1 
ATOM   628  O  O     . ARG A 1 81  ? -5.817  -16.553 -6.381  1.00 36.04 ? 81  ARG A O     1 
ATOM   629  C  CB    . ARG A 1 81  ? -7.473  -14.410 -4.144  1.00 32.68 ? 81  ARG A CB    1 
ATOM   630  C  CG    . ARG A 1 81  ? -7.216  -13.385 -3.046  1.00 35.61 ? 81  ARG A CG    1 
ATOM   631  C  CD    . ARG A 1 81  ? -8.428  -12.587 -2.613  1.00 41.49 ? 81  ARG A CD    1 
ATOM   632  N  NE    . ARG A 1 81  ? -8.110  -11.560 -1.621  1.00 40.19 ? 81  ARG A NE    1 
ATOM   633  C  CZ    . ARG A 1 81  ? -8.990  -10.675 -1.152  0.17 44.20 ? 81  ARG A CZ    1 
ATOM   634  N  NH1   . ARG A 1 81  ? -10.241 -10.677 -1.589  1.00 46.83 ? 81  ARG A NH1   1 
ATOM   635  N  NH2   . ARG A 1 81  ? -8.616  -9.783  -0.253  0.82 45.48 ? 81  ARG A NH2   1 
ATOM   636  N  N     . GLU A 1 82  ? -7.402  -17.491 -5.087  1.00 42.68 ? 82  GLU A N     1 
ATOM   637  C  CA    . GLU A 1 82  ? -7.590  -18.706 -5.931  1.00 38.87 ? 82  GLU A CA    1 
ATOM   638  C  C     . GLU A 1 82  ? -7.968  -18.330 -7.373  1.00 37.08 ? 82  GLU A C     1 
ATOM   639  O  O     . GLU A 1 82  ? -7.460  -19.006 -8.296  1.00 34.68 ? 82  GLU A O     1 
ATOM   640  C  CB    . GLU A 1 82  ? -8.658  -19.633 -5.344  0.99 43.89 ? 82  GLU A CB    1 
ATOM   641  C  CG    . GLU A 1 82  ? -8.946  -20.818 -6.244  0.75 43.34 ? 82  GLU A CG    1 
ATOM   642  C  CD    . GLU A 1 82  ? -9.590  -22.007 -5.567  0.03 43.57 ? 82  GLU A CD    1 
ATOM   643  O  OE1   . GLU A 1 82  ? -10.190 -21.817 -4.490  0.77 44.53 ? 82  GLU A OE1   1 
ATOM   644  O  OE2   . GLU A 1 82  ? -9.483  -23.115 -6.129  0.73 43.16 ? 82  GLU A OE2   1 
ATOM   645  N  N     . ASP A 1 83  ? -8.818  -17.311 -7.590  1.00 34.83 ? 83  ASP A N     1 
ATOM   646  C  CA    . ASP A 1 83  ? -9.293  -16.942 -8.959  1.00 32.65 ? 83  ASP A CA    1 
ATOM   647  C  C     . ASP A 1 83  ? -8.559  -15.724 -9.540  1.00 32.71 ? 83  ASP A C     1 
ATOM   648  O  O     . ASP A 1 83  ? -9.095  -15.109 -10.477 1.00 29.14 ? 83  ASP A O     1 
ATOM   649  C  CB    . ASP A 1 83  ? -10.804 -16.705 -9.007  1.00 35.32 ? 83  ASP A CB    1 
ATOM   650  C  CG    . ASP A 1 83  ? -11.296 -15.631 -8.060  1.00 38.88 ? 83  ASP A CG    1 
ATOM   651  O  OD1   . ASP A 1 83  ? -10.464 -15.060 -7.316  1.00 39.08 ? 83  ASP A OD1   1 
ATOM   652  O  OD2   . ASP A 1 83  ? -12.509 -15.409 -8.037  1.00 36.35 ? 83  ASP A OD2   1 
ATOM   653  N  N     . GLY A 1 84  ? -7.364  -15.393 -9.042  1.00 27.04 ? 84  GLY A N     1 
ATOM   654  C  CA    . GLY A 1 84  ? -6.450  -14.476 -9.735  1.00 27.77 ? 84  GLY A CA    1 
ATOM   655  C  C     . GLY A 1 84  ? -5.990  -13.361 -8.819  1.00 23.93 ? 84  GLY A C     1 
ATOM   656  O  O     . GLY A 1 84  ? -6.136  -13.470 -7.558  1.00 26.51 ? 84  GLY A O     1 
ATOM   657  N  N     . ILE A 1 85  ? -5.462  -12.312 -9.444  1.00 24.00 ? 85  ILE A N     1 
ATOM   658  C  CA    . ILE A 1 85  ? -4.738  -11.233 -8.716  1.00 23.80 ? 85  ILE A CA    1 
ATOM   659  C  C     . ILE A 1 85  ? -5.706  -10.112 -8.367  1.00 20.95 ? 85  ILE A C     1 
ATOM   660  O  O     . ILE A 1 85  ? -6.362  -9.575  -9.294  1.00 19.56 ? 85  ILE A O     1 
ATOM   661  C  CB    . ILE A 1 85  ? -3.564  -10.719 -9.556  1.00 26.89 ? 85  ILE A CB    1 
ATOM   662  C  CG1   . ILE A 1 85  ? -2.645  -11.854 -10.012 1.00 30.55 ? 85  ILE A CG1   1 
ATOM   663  C  CG2   . ILE A 1 85  ? -2.811  -9.657  -8.775  1.00 27.01 ? 85  ILE A CG2   1 
ATOM   664  C  CD1   . ILE A 1 85  ? -1.985  -11.571 -11.336 1.00 35.15 ? 85  ILE A CD1   1 
ATOM   665  N  N     . TYR A 1 86  ? -5.748  -9.748  -7.088  1.00 18.87 ? 86  TYR A N     1 
ATOM   666  C  CA    . TYR A 1 86  ? -6.554  -8.644  -6.562  1.00 18.87 ? 86  TYR A CA    1 
ATOM   667  C  C     . TYR A 1 86  ? -5.555  -7.561  -6.172  1.00 18.57 ? 86  TYR A C     1 
ATOM   668  O  O     . TYR A 1 86  ? -4.426  -7.897  -5.762  1.00 19.74 ? 86  TYR A O     1 
ATOM   669  C  CB    . TYR A 1 86  ? -7.383  -9.080  -5.348  1.00 21.73 ? 86  TYR A CB    1 
ATOM   670  C  CG    . TYR A 1 86  ? -8.538  -10.009 -5.635  1.00 23.44 ? 86  TYR A CG    1 
ATOM   671  C  CD1   . TYR A 1 86  ? -8.299  -11.327 -5.986  1.00 28.61 ? 86  TYR A CD1   1 
ATOM   672  C  CD2   . TYR A 1 86  ? -9.845  -9.557  -5.603  1.00 27.17 ? 86  TYR A CD2   1 
ATOM   673  C  CE1   . TYR A 1 86  ? -9.342  -12.190 -6.295  1.00 28.87 ? 86  TYR A CE1   1 
ATOM   674  C  CE2   . TYR A 1 86  ? -10.904 -10.425 -5.866  1.00 26.58 ? 86  TYR A CE2   1 
ATOM   675  C  CZ    . TYR A 1 86  ? -10.642 -11.731 -6.225  1.00 28.72 ? 86  TYR A CZ    1 
ATOM   676  O  OH    . TYR A 1 86  ? -11.664 -12.594 -6.493  1.00 31.87 ? 86  TYR A OH    1 
ATOM   677  N  N     . TYR A 1 87  ? -5.911  -6.314  -6.373  1.00 15.15 ? 87  TYR A N     1 
ATOM   678  C  CA    . TYR A 1 87  ? -5.087  -5.193  -5.855  1.00 15.85 ? 87  TYR A CA    1 
ATOM   679  C  C     . TYR A 1 87  ? -5.926  -4.381  -4.882  1.00 15.88 ? 87  TYR A C     1 
ATOM   680  O  O     . TYR A 1 87  ? -7.154  -4.137  -5.074  1.00 16.55 ? 87  TYR A O     1 
ATOM   681  C  CB    . TYR A 1 87  ? -4.612  -4.261  -6.972  1.00 15.39 ? 87  TYR A CB    1 
ATOM   682  C  CG    . TYR A 1 87  ? -3.717  -4.888  -7.992  1.00 13.64 ? 87  TYR A CG    1 
ATOM   683  C  CD1   . TYR A 1 87  ? -2.345  -4.856  -7.872  1.00 14.33 ? 87  TYR A CD1   1 
ATOM   684  C  CD2   . TYR A 1 87  ? -4.235  -5.502  -9.128  1.00 14.37 ? 87  TYR A CD2   1 
ATOM   685  C  CE1   . TYR A 1 87  ? -1.523  -5.423  -8.815  1.00 14.18 ? 87  TYR A CE1   1 
ATOM   686  C  CE2   . TYR A 1 87  ? -3.433  -6.079  -10.071 1.00 14.14 ? 87  TYR A CE2   1 
ATOM   687  C  CZ    . TYR A 1 87  ? -2.058  -6.004  -9.954  1.00 14.21 ? 87  TYR A CZ    1 
ATOM   688  O  OH    . TYR A 1 87  ? -1.261  -6.526  -10.916 1.00 16.50 ? 87  TYR A OH    1 
ATOM   689  N  N     . TYR A 1 88  ? -5.310  -3.939  -3.781  1.00 14.88 ? 88  TYR A N     1 
ATOM   690  C  CA    . TYR A 1 88  ? -5.930  -2.982  -2.845  1.00 15.72 ? 88  TYR A CA    1 
ATOM   691  C  C     . TYR A 1 88  ? -4.988  -1.801  -2.782  1.00 15.95 ? 88  TYR A C     1 
ATOM   692  O  O     . TYR A 1 88  ? -3.838  -2.018  -2.408  1.00 16.14 ? 88  TYR A O     1 
ATOM   693  C  CB    . TYR A 1 88  ? -6.183  -3.572  -1.457  0.99 18.14 ? 88  TYR A CB    1 
ATOM   694  C  CG    . TYR A 1 88  ? -7.336  -4.548  -1.380  0.45 22.23 ? 88  TYR A CG    1 
ATOM   695  C  CD1   . TYR A 1 88  ? -7.146  -5.889  -1.657  0.81 26.81 ? 88  TYR A CD1   1 
ATOM   696  C  CD2   . TYR A 1 88  ? -8.597  -4.140  -0.988  0.19 23.98 ? 88  TYR A CD2   1 
ATOM   697  C  CE1   . TYR A 1 88  ? -8.193  -6.800  -1.588  0.44 25.39 ? 88  TYR A CE1   1 
ATOM   698  C  CE2   . TYR A 1 88  ? -9.649  -5.037  -0.908  0.88 26.21 ? 88  TYR A CE2   1 
ATOM   699  C  CZ    . TYR A 1 88  ? -9.445  -6.366  -1.196  0.40 25.53 ? 88  TYR A CZ    1 
ATOM   700  O  OH    . TYR A 1 88  ? -10.526 -7.195  -1.089  0.53 31.60 ? 88  TYR A OH    1 
ATOM   701  N  N     . CYS A 1 89  ? -5.457  -0.632  -3.123  1.00 14.27 ? 89  CYS A N     1 
ATOM   702  C  CA    . CYS A 1 89  ? -4.577  0.555   -3.240  1.00 14.61 ? 89  CYS A CA    1 
ATOM   703  C  C     . CYS A 1 89  ? -4.984  1.585   -2.227  1.00 13.08 ? 89  CYS A C     1 
ATOM   704  O  O     . CYS A 1 89  ? -6.145  2.038   -2.277  1.00 13.96 ? 89  CYS A O     1 
ATOM   705  C  CB    . CYS A 1 89  ? -4.722  1.175   -4.607  1.00 14.85 ? 89  CYS A CB    1 
ATOM   706  S  SG    . CYS A 1 89  ? -4.581  -0.028  -5.969  1.00 17.41 ? 89  CYS A SG    1 
ATOM   707  N  N     . ASN A 1 90  ? -4.062  1.988   -1.374  1.00 13.06 ? 90  ASN A N     1 
ATOM   708  C  CA    . ASN A 1 90  ? -4.301  3.064   -0.397  1.00 11.96 ? 90  ASN A CA    1 
ATOM   709  C  C     . ASN A 1 90  ? -4.015  4.396   -1.060  1.00 12.04 ? 90  ASN A C     1 
ATOM   710  O  O     . ASN A 1 90  ? -2.901  4.539   -1.530  1.00 13.97 ? 90  ASN A O     1 
ATOM   711  C  CB    . ASN A 1 90  ? -3.356  3.041   0.812   1.00 13.64 ? 90  ASN A CB    1 
ATOM   712  C  CG    . ASN A 1 90  ? -3.619  1.881   1.732   1.00 14.39 ? 90  ASN A CG    1 
ATOM   713  O  OD1   . ASN A 1 90  ? -4.699  1.756   2.328   1.00 15.45 ? 90  ASN A OD1   1 
ATOM   714  N  ND2   . ASN A 1 90  ? -2.638  0.982   1.871   1.00 16.79 ? 90  ASN A ND2   1 
ATOM   715  N  N     . LEU A 1 91  ? -4.920  5.355   -0.982  1.00 11.02 ? 91  LEU A N     1 
ATOM   716  C  CA    . LEU A 1 91  ? -4.486  6.751   -1.080  1.00 11.25 ? 91  LEU A CA    1 
ATOM   717  C  C     . LEU A 1 91  ? -3.769  7.130   0.223   1.00 11.38 ? 91  LEU A C     1 
ATOM   718  O  O     . LEU A 1 91  ? -4.248  6.815   1.317   1.00 10.82 ? 91  LEU A O     1 
ATOM   719  C  CB    . LEU A 1 91  ? -5.639  7.695   -1.368  1.00 11.25 ? 91  LEU A CB    1 
ATOM   720  C  CG    . LEU A 1 91  ? -6.145  7.759   -2.813  1.00 11.68 ? 91  LEU A CG    1 
ATOM   721  C  CD1   . LEU A 1 91  ? -5.115  8.347   -3.724  1.00 12.88 ? 91  LEU A CD1   1 
ATOM   722  C  CD2   . LEU A 1 91  ? -6.591  6.420   -3.334  1.00 11.76 ? 91  LEU A CD2   1 
ATOM   723  N  N     . SER A 1 92  ? -2.635  7.810   0.115   1.00 9.99  ? 92  SER A N     1 
ATOM   724  C  CA    . SER A 1 92  ? -1.646  7.909   1.210   1.00 11.23 ? 92  SER A CA    1 
ATOM   725  C  C     . SER A 1 92  ? -0.654  9.024   0.948   1.00 11.40 ? 92  SER A C     1 
ATOM   726  O  O     . SER A 1 92  ? -0.485  9.408   -0.195  1.00 12.35 ? 92  SER A O     1 
ATOM   727  C  CB    . SER A 1 92  ? -0.883  6.620   1.347   1.00 11.70 ? 92  SER A CB    1 
ATOM   728  O  OG    . SER A 1 92  ? -0.124  6.308   0.146   1.00 14.63 ? 92  SER A OG    1 
ATOM   729  N  N     . SER A 1 93  ? 0.009   9.449   1.992   1.00 10.30 ? 93  SER A N     1 
ATOM   730  C  CA    . SER A 1 93  ? 1.251   10.207  1.800   1.00 10.85 ? 93  SER A CA    1 
ATOM   731  C  C     . SER A 1 93  ? 2.212   9.263   1.085   1.00 11.99 ? 93  SER A C     1 
ATOM   732  O  O     . SER A 1 93  ? 2.102   8.052   1.149   1.00 10.96 ? 93  SER A O     1 
ATOM   733  C  CB    . SER A 1 93  ? 1.809   10.677  3.075   1.00 11.58 ? 93  SER A CB    1 
ATOM   734  O  OG    . SER A 1 93  ? 2.415   9.599   3.794   1.00 11.94 ? 93  SER A OG    1 
ATOM   735  N  N     . PRO A 1 94  ? 3.245   9.791   0.423   1.00 12.28 ? 94  PRO A N     1 
ATOM   736  C  CA    . PRO A 1 94  ? 4.361   8.948   0.023   1.00 13.28 ? 94  PRO A CA    1 
ATOM   737  C  C     . PRO A 1 94  ? 5.021   8.410   1.298   1.00 14.02 ? 94  PRO A C     1 
ATOM   738  O  O     . PRO A 1 94  ? 4.752   8.877   2.428   1.00 15.38 ? 94  PRO A O     1 
ATOM   739  C  CB    . PRO A 1 94  ? 5.263   9.878   -0.795  1.00 13.91 ? 94  PRO A CB    1 
ATOM   740  C  CG    . PRO A 1 94  ? 4.486   11.125  -1.018  1.00 14.48 ? 94  PRO A CG    1 
ATOM   741  C  CD    . PRO A 1 94  ? 3.360   11.173  -0.011  1.00 14.10 ? 94  PRO A CD    1 
ATOM   742  N  N     . PHE A 1 95  ? 5.858   7.391   1.160   1.00 14.11 ? 95  PHE A N     1 
ATOM   743  C  CA    . PHE A 1 95  ? 6.483   6.732   2.332   1.00 14.61 ? 95  PHE A CA    1 
ATOM   744  C  C     . PHE A 1 95  ? 7.789   7.425   2.740   1.00 15.27 ? 95  PHE A C     1 
ATOM   745  O  O     . PHE A 1 95  ? 8.439   8.111   1.915   1.00 16.22 ? 95  PHE A O     1 
ATOM   746  C  CB    . PHE A 1 95  ? 6.760   5.252   2.060   1.00 14.67 ? 95  PHE A CB    1 
ATOM   747  C  CG    . PHE A 1 95  ? 7.940   5.009   1.150   1.00 16.39 ? 95  PHE A CG    1 
ATOM   748  C  CD1   . PHE A 1 95  ? 7.826   4.970   -0.239  1.00 16.47 ? 95  PHE A CD1   1 
ATOM   749  C  CD2   . PHE A 1 95  ? 9.190   4.807   1.716   1.00 18.16 ? 95  PHE A CD2   1 
ATOM   750  C  CE1   . PHE A 1 95  ? 8.929   4.719   -1.044  1.00 18.85 ? 95  PHE A CE1   1 
ATOM   751  C  CE2   . PHE A 1 95  ? 10.285  4.562   0.903   1.00 19.78 ? 95  PHE A CE2   1 
ATOM   752  C  CZ    . PHE A 1 95  ? 10.163  4.555   -0.466  1.00 18.00 ? 95  PHE A CZ    1 
ATOM   753  N  N     . VAL A 1 96  ? 8.145   7.207   3.987   1.00 16.18 ? 96  VAL A N     1 
ATOM   754  C  CA    . VAL A 1 96  ? 9.534   7.381   4.492   1.00 16.22 ? 96  VAL A CA    1 
ATOM   755  C  C     . VAL A 1 96  ? 9.947   6.093   5.186   1.00 16.93 ? 96  VAL A C     1 
ATOM   756  O  O     . VAL A 1 96  ? 9.094   5.340   5.699   1.00 18.76 ? 96  VAL A O     1 
ATOM   757  C  CB    . VAL A 1 96  ? 9.639   8.603   5.422   1.00 19.92 ? 96  VAL A CB    1 
ATOM   758  C  CG1   . VAL A 1 96  ? 9.191   9.897   4.758   1.00 24.00 ? 96  VAL A CG1   1 
ATOM   759  C  CG2   . VAL A 1 96  ? 8.883   8.377   6.701   1.00 18.95 ? 96  VAL A CG2   1 
ATOM   760  N  N     . CYS A 1 97  ? 11.242  5.776   5.201   1.00 17.48 ? 97  CYS A N     1 
ATOM   761  C  CA    . CYS A 1 97  ? 11.702  4.529   5.847   1.00 19.57 ? 97  CYS A CA    1 
ATOM   762  C  C     . CYS A 1 97  ? 12.821  4.903   6.823   1.00 21.68 ? 97  CYS A C     1 
ATOM   763  O  O     . CYS A 1 97  ? 13.632  5.732   6.485   1.00 24.88 ? 97  CYS A O     1 
ATOM   764  C  CB    . CYS A 1 97  ? 12.063  3.469   4.809   1.00 24.88 ? 97  CYS A CB    1 
ATOM   765  S  SG    . CYS A 1 97  ? 12.286  1.812   5.522   1.00 32.66 ? 97  CYS A SG    1 
ATOM   766  N  N     . ASP A 1 98  ? 12.728  4.408   8.038   1.00 20.26 ? 98  ASP A N     1 
ATOM   767  C  CA    . ASP A 1 98  ? 13.817  4.542   9.029   1.00 20.83 ? 98  ASP A CA    1 
ATOM   768  C  C     . ASP A 1 98  ? 14.032  3.196   9.714   1.00 22.45 ? 98  ASP A C     1 
ATOM   769  O  O     . ASP A 1 98  ? 13.402  2.199   9.332   1.00 20.16 ? 98  ASP A O     1 
ATOM   770  C  CB    . ASP A 1 98  ? 13.500  5.706   9.966   1.00 20.27 ? 98  ASP A CB    1 
ATOM   771  C  CG    . ASP A 1 98  ? 12.246  5.547   10.811  1.00 19.32 ? 98  ASP A CG    1 
ATOM   772  O  OD1   . ASP A 1 98  ? 11.919  4.417   11.214  1.00 20.41 ? 98  ASP A OD1   1 
ATOM   773  O  OD2   . ASP A 1 98  ? 11.617  6.617   11.132  1.00 20.62 ? 98  ASP A OD2   1 
ATOM   774  N  N     . GLU A 1 99  ? 14.903  3.135   10.724  1.00 25.15 ? 99  GLU A N     1 
ATOM   775  C  CA    . GLU A 1 99  ? 15.184  1.830   11.368  1.00 24.72 ? 99  GLU A CA    1 
ATOM   776  C  C     . GLU A 1 99  ? 13.942  1.212   12.018  1.00 24.58 ? 99  GLU A C     1 
ATOM   777  O  O     . GLU A 1 99  ? 13.961  -0.006  12.204  1.00 25.57 ? 99  GLU A O     1 
ATOM   778  C  CB    . GLU A 1 99  ? 16.302  1.937   12.413  1.00 30.74 ? 99  GLU A CB    1 
ATOM   779  C  CG    . GLU A 1 99  ? 15.993  2.928   13.510  1.00 31.14 ? 99  GLU A CG    1 
ATOM   780  C  CD    . GLU A 1 99  ? 17.117  3.067   14.523  1.00 38.13 ? 99  GLU A CD    1 
ATOM   781  O  OE1   . GLU A 1 99  ? 17.877  2.084   14.687  1.00 34.38 ? 99  GLU A OE1   1 
ATOM   782  O  OE2   . GLU A 1 99  ? 17.228  4.154   15.131  1.00 37.83 ? 99  GLU A OE2   1 
ATOM   783  N  N     . GLU A 1 100 ? 12.918  2.009   12.390  1.00 18.61 ? 100 GLU A N     1 
ATOM   784  C  CA    . GLU A 1 100 ? 11.726  1.462   13.039  1.00 18.65 ? 100 GLU A CA    1 
ATOM   785  C  C     . GLU A 1 100 ? 10.869  0.775   11.984  1.00 17.51 ? 100 GLU A C     1 
ATOM   786  O  O     . GLU A 1 100 ? 10.404  -0.342  12.241  1.00 19.58 ? 100 GLU A O     1 
ATOM   787  C  CB    . GLU A 1 100 ? 10.939  2.541   13.770  1.00 19.01 ? 100 GLU A CB    1 
ATOM   788  C  CG    . GLU A 1 100 ? 11.684  3.018   14.980  1.00 20.81 ? 100 GLU A CG    1 
ATOM   789  C  CD    . GLU A 1 100 ? 10.928  4.097   15.729  1.00 23.53 ? 100 GLU A CD    1 
ATOM   790  O  OE1   . GLU A 1 100 ? 10.101  4.832   15.079  1.00 22.27 ? 100 GLU A OE1   1 
ATOM   791  O  OE2   . GLU A 1 100 ? 11.142  4.172   16.968  1.00 23.64 ? 100 GLU A OE2   1 
ATOM   792  N  N     . ALA A 1 101 ? 10.598  1.470   10.892  1.00 17.08 ? 101 ALA A N     1 
ATOM   793  C  CA    . ALA A 1 101 ? 9.579   0.990   9.922   1.00 14.79 ? 101 ALA A CA    1 
ATOM   794  C  C     . ALA A 1 101 ? 9.608   1.815   8.648   1.00 14.63 ? 101 ALA A C     1 
ATOM   795  O  O     . ALA A 1 101 ? 10.143  2.910   8.637   1.00 15.10 ? 101 ALA A O     1 
ATOM   796  C  CB    . ALA A 1 101 ? 8.194   1.022   10.524  1.00 15.28 ? 101 ALA A CB    1 
ATOM   797  N  N     . LEU A 1 102 ? 8.978   1.263   7.599   1.00 13.71 ? 102 LEU A N     1 
ATOM   798  C  CA    . LEU A 1 102 ? 8.446   2.045   6.479   1.00 13.27 ? 102 LEU A CA    1 
ATOM   799  C  C     . LEU A 1 102 ? 7.110   2.629   6.970   1.00 11.83 ? 102 LEU A C     1 
ATOM   800  O  O     . LEU A 1 102 ? 6.306   1.861   7.532   1.00 12.84 ? 102 LEU A O     1 
ATOM   801  C  CB    . LEU A 1 102 ? 8.280   1.181   5.227   1.00 13.57 ? 102 LEU A CB    1 
ATOM   802  C  CG    . LEU A 1 102 ? 7.754   1.895   3.969   1.00 14.73 ? 102 LEU A CG    1 
ATOM   803  C  CD1   . LEU A 1 102 ? 8.263   1.224   2.723   1.00 16.49 ? 102 LEU A CD1   1 
ATOM   804  C  CD2   . LEU A 1 102 ? 6.238   1.939   3.939   1.00 14.86 ? 102 LEU A CD2   1 
ATOM   805  N  N     . LYS A 1 103 ? 6.960   3.941   6.765   1.00 11.64 ? 103 LYS A N     1 
ATOM   806  C  CA    . LYS A 1 103 ? 5.864   4.719   7.387   1.00 11.83 ? 103 LYS A CA    1 
ATOM   807  C  C     . LYS A 1 103 ? 5.144   5.536   6.328   1.00 10.45 ? 103 LYS A C     1 
ATOM   808  O  O     . LYS A 1 103 ? 5.747   6.120   5.449   1.00 12.37 ? 103 LYS A O     1 
ATOM   809  C  CB    . LYS A 1 103 ? 6.426   5.608   8.478   1.00 11.71 ? 103 LYS A CB    1 
ATOM   810  C  CG    . LYS A 1 103 ? 7.120   4.868   9.591   1.00 12.65 ? 103 LYS A CG    1 
ATOM   811  C  CD    . LYS A 1 103 ? 7.868   5.803   10.525  1.00 13.24 ? 103 LYS A CD    1 
ATOM   812  C  CE    . LYS A 1 103 ? 8.606   5.001   11.580  1.00 14.98 ? 103 LYS A CE    1 
ATOM   813  N  NZ    . LYS A 1 103 ? 9.348   5.908   12.492  1.00 18.14 ? 103 LYS A NZ    1 
ATOM   814  N  N     . TYR A 1 104 ? 3.829   5.646   6.452   1.00 10.73 ? 104 TYR A N     1 
ATOM   815  C  CA    . TYR A 1 104 ? 3.039   6.542   5.585   1.00 9.92  ? 104 TYR A CA    1 
ATOM   816  C  C     . TYR A 1 104 ? 1.758   6.913   6.334   1.00 9.90  ? 104 TYR A C     1 
ATOM   817  O  O     . TYR A 1 104 ? 1.344   6.231   7.301   1.00 11.33 ? 104 TYR A O     1 
ATOM   818  C  CB    . TYR A 1 104 ? 2.697   5.887   4.229   1.00 9.72  ? 104 TYR A CB    1 
ATOM   819  C  CG    . TYR A 1 104 ? 1.811   4.671   4.363   1.00 9.19  ? 104 TYR A CG    1 
ATOM   820  C  CD1   . TYR A 1 104 ? 2.312   3.376   4.494   1.00 10.34 ? 104 TYR A CD1   1 
ATOM   821  C  CD2   . TYR A 1 104 ? 0.441   4.808   4.221   1.00 9.65  ? 104 TYR A CD2   1 
ATOM   822  C  CE1   . TYR A 1 104 ? 1.466   2.277   4.612   1.00 10.71 ? 104 TYR A CE1   1 
ATOM   823  C  CE2   . TYR A 1 104 ? -0.403  3.712   4.342   1.00 10.46 ? 104 TYR A CE2   1 
ATOM   824  C  CZ    . TYR A 1 104 ? 0.108   2.437   4.550   1.00 11.07 ? 104 TYR A CZ    1 
ATOM   825  O  OH    . TYR A 1 104 ? -0.735  1.321   4.576   1.00 11.27 ? 104 TYR A OH    1 
ATOM   826  N  N     . ILE A 1 105 ? 1.119   7.946   5.825   1.00 10.72 ? 105 ILE A N     1 
ATOM   827  C  CA    . ILE A 1 105 ? -0.220  8.372   6.295   1.00 10.45 ? 105 ILE A CA    1 
ATOM   828  C  C     . ILE A 1 105 ? -1.295  7.789   5.386   1.00 10.43 ? 105 ILE A C     1 
ATOM   829  O  O     . ILE A 1 105 ? -1.260  7.977   4.187   1.00 11.38 ? 105 ILE A O     1 
ATOM   830  C  CB    . ILE A 1 105 ? -0.317  9.904   6.384   1.00 11.81 ? 105 ILE A CB    1 
ATOM   831  C  CG1   . ILE A 1 105 ? 0.800   10.492  7.238   1.00 13.13 ? 105 ILE A CG1   1 
ATOM   832  C  CG2   . ILE A 1 105 ? -1.695  10.266  6.882   1.00 10.89 ? 105 ILE A CG2   1 
ATOM   833  C  CD1   . ILE A 1 105 ? 0.833   11.997  7.264   1.00 16.10 ? 105 ILE A CD1   1 
ATOM   834  N  N     . ASP A 1 106 ? -2.264  7.110   5.999   1.00 9.86  ? 106 ASP A N     1 
ATOM   835  C  CA    . ASP A 1 106 ? -3.436  6.606   5.273   1.00 9.79  ? 106 ASP A CA    1 
ATOM   836  C  C     . ASP A 1 106 ? -4.479  7.722   5.135   1.00 10.17 ? 106 ASP A C     1 
ATOM   837  O  O     . ASP A 1 106 ? -4.898  8.267   6.186   1.00 11.21 ? 106 ASP A O     1 
ATOM   838  C  CB    . ASP A 1 106 ? -3.975  5.401   6.025   1.00 9.77  ? 106 ASP A CB    1 
ATOM   839  C  CG    . ASP A 1 106 ? -5.214  4.822   5.337   1.00 9.56  ? 106 ASP A CG    1 
ATOM   840  O  OD1   . ASP A 1 106 ? -6.298  5.479   5.420   1.00 11.21 ? 106 ASP A OD1   1 
ATOM   841  O  OD2   . ASP A 1 106 ? -5.052  3.756   4.686   1.00 11.98 ? 106 ASP A OD2   1 
ATOM   842  N  N     . TYR A 1 107 ? -4.864  8.042   3.887   1.00 10.65 ? 107 TYR A N     1 
ATOM   843  C  CA    . TYR A 1 107 ? -5.821  9.143   3.571   1.00 9.94  ? 107 TYR A CA    1 
ATOM   844  C  C     . TYR A 1 107 ? -7.148  8.586   3.059   1.00 11.53 ? 107 TYR A C     1 
ATOM   845  O  O     . TYR A 1 107 ? -7.807  9.236   2.223   1.00 11.50 ? 107 TYR A O     1 
ATOM   846  C  CB    . TYR A 1 107 ? -5.168  10.175  2.637   1.00 11.22 ? 107 TYR A CB    1 
ATOM   847  C  CG    . TYR A 1 107 ? -4.327  11.165  3.387   1.00 10.92 ? 107 TYR A CG    1 
ATOM   848  C  CD1   . TYR A 1 107 ? -4.915  12.055  4.283   1.00 11.50 ? 107 TYR A CD1   1 
ATOM   849  C  CD2   . TYR A 1 107 ? -2.959  11.234  3.239   1.00 11.49 ? 107 TYR A CD2   1 
ATOM   850  C  CE1   . TYR A 1 107 ? -4.174  12.974  5.001   1.00 11.47 ? 107 TYR A CE1   1 
ATOM   851  C  CE2   . TYR A 1 107 ? -2.201  12.141  3.942   1.00 12.71 ? 107 TYR A CE2   1 
ATOM   852  C  CZ    . TYR A 1 107 ? -2.813  13.022  4.811   1.00 11.57 ? 107 TYR A CZ    1 
ATOM   853  O  OH    . TYR A 1 107 ? -2.069  13.884  5.563   1.00 14.49 ? 107 TYR A OH    1 
ATOM   854  N  N     . ASP A 1 108 ? -7.602  7.502   3.673   1.00 11.72 ? 108 ASP A N     1 
ATOM   855  C  CA    . ASP A 1 108 ? -8.999  7.059   3.735   1.00 11.28 ? 108 ASP A CA    1 
ATOM   856  C  C     . ASP A 1 108 ? -9.484  6.414   2.437   1.00 11.69 ? 108 ASP A C     1 
ATOM   857  O  O     . ASP A 1 108 ? -9.992  5.289   2.479   1.00 12.62 ? 108 ASP A O     1 
ATOM   858  C  CB    . ASP A 1 108 ? -9.914  8.236   4.055   1.00 11.47 ? 108 ASP A CB    1 
ATOM   859  C  CG    . ASP A 1 108 ? -9.488  8.998   5.265   1.00 12.30 ? 108 ASP A CG    1 
ATOM   860  O  OD1   . ASP A 1 108 ? -9.324  8.339   6.349   1.00 14.44 ? 108 ASP A OD1   1 
ATOM   861  O  OD2   . ASP A 1 108 ? -9.366  10.243  5.131   1.00 15.15 ? 108 ASP A OD2   1 
ATOM   862  N  N     . LEU A 1 109 ? -9.431  7.159   1.339   1.00 11.27 ? 109 LEU A N     1 
ATOM   863  C  CA    . LEU A 1 109 ? -9.813  6.636   0.005   1.00 12.07 ? 109 LEU A CA    1 
ATOM   864  C  C     . LEU A 1 109 ? -9.002  5.398   -0.331  1.00 12.77 ? 109 LEU A C     1 
ATOM   865  O  O     . LEU A 1 109 ? -7.801  5.343   -0.050  1.00 12.64 ? 109 LEU A O     1 
ATOM   866  C  CB    . LEU A 1 109 ? -9.562  7.705   -1.054  1.00 12.20 ? 109 LEU A CB    1 
ATOM   867  C  CG    . LEU A 1 109 ? -10.341 8.989   -0.873  1.00 13.12 ? 109 LEU A CG    1 
ATOM   868  C  CD1   . LEU A 1 109 ? -9.739  10.064  -1.765  1.00 13.71 ? 109 LEU A CD1   1 
ATOM   869  C  CD2   . LEU A 1 109 ? -11.820 8.762   -1.167  1.00 14.67 ? 109 LEU A CD2   1 
ATOM   870  N  N     . ASP A 1 110 ? -9.646  4.435   -0.963  1.00 12.28 ? 110 ASP A N     1 
ATOM   871  C  CA    . ASP A 1 110 ? -9.007  3.167   -1.333  1.00 13.05 ? 110 ASP A CA    1 
ATOM   872  C  C     . ASP A 1 110 ? -9.545  2.760   -2.700  1.00 13.44 ? 110 ASP A C     1 
ATOM   873  O  O     . ASP A 1 110 ? -10.678 3.113   -3.042  1.00 14.62 ? 110 ASP A O     1 
ATOM   874  C  CB    . ASP A 1 110 ? -9.204  2.093   -0.270  1.00 14.12 ? 110 ASP A CB    1 
ATOM   875  C  CG    . ASP A 1 110 ? -8.371  2.365   0.997   1.00 16.75 ? 110 ASP A CG    1 
ATOM   876  O  OD1   . ASP A 1 110 ? -7.149  2.223   0.936   1.00 20.09 ? 110 ASP A OD1   1 
ATOM   877  O  OD2   . ASP A 1 110 ? -8.939  2.580   2.016   1.00 19.09 ? 110 ASP A OD2   1 
ATOM   878  N  N     . ILE A 1 111 ? -8.732  2.084   -3.472  1.00 12.35 ? 111 ILE A N     1 
ATOM   879  C  CA    . ILE A 1 111 ? -9.190  1.535   -4.779  1.00 13.57 ? 111 ILE A CA    1 
ATOM   880  C  C     . ILE A 1 111 ? -9.012  0.037   -4.765  1.00 15.43 ? 111 ILE A C     1 
ATOM   881  O  O     . ILE A 1 111 ? -7.907  -0.419  -4.526  1.00 15.14 ? 111 ILE A O     1 
ATOM   882  C  CB    . ILE A 1 111 ? -8.524  2.195   -5.991  1.00 14.59 ? 111 ILE A CB    1 
ATOM   883  C  CG1   . ILE A 1 111 ? -8.810  3.700   -6.013  1.00 15.90 ? 111 ILE A CG1   1 
ATOM   884  C  CG2   . ILE A 1 111 ? -8.946  1.503   -7.289  1.00 15.11 ? 111 ILE A CG2   1 
ATOM   885  C  CD1   . ILE A 1 111 ? -8.244  4.466   -7.186  1.00 17.62 ? 111 ILE A CD1   1 
ATOM   886  N  N     . LYS A 1 112 ? -10.079 -0.729  -5.017  1.00 13.62 ? 112 LYS A N     1 
ATOM   887  C  CA    . LYS A 1 112 ? -9.944  -2.176  -5.140  1.00 16.02 ? 112 LYS A CA    1 
ATOM   888  C  C     . LYS A 1 112 ? -9.953  -2.505  -6.609  1.00 16.19 ? 112 LYS A C     1 
ATOM   889  O  O     . LYS A 1 112 ? -10.771 -1.923  -7.320  1.00 15.01 ? 112 LYS A O     1 
ATOM   890  C  CB    . LYS A 1 112 ? -11.118 -2.927  -4.488  1.00 19.54 ? 112 LYS A CB    1 
ATOM   891  C  CG    . LYS A 1 112 ? -10.977 -4.433  -4.599  1.00 24.55 ? 112 LYS A CG    1 
ATOM   892  C  CD    . LYS A 1 112 ? -11.889 -5.285  -3.709  1.00 33.84 ? 112 LYS A CD    1 
ATOM   893  C  CE    . LYS A 1 112 ? -13.264 -4.699  -3.514  1.00 39.42 ? 112 LYS A CE    1 
ATOM   894  N  NZ    . LYS A 1 112 ? -14.220 -5.750  -3.061  1.00 43.48 ? 112 LYS A NZ    1 
ATOM   895  N  N     . VAL A 1 113 ? -9.053  -3.383  -7.010  1.00 13.39 ? 113 VAL A N     1 
ATOM   896  C  CA    . VAL A 1 113 ? -9.015  -3.899  -8.415  1.00 14.83 ? 113 VAL A CA    1 
ATOM   897  C  C     . VAL A 1 113 ? -9.233  -5.397  -8.392  1.00 14.21 ? 113 VAL A C     1 
ATOM   898  O  O     . VAL A 1 113 ? -8.560  -6.123  -7.673  1.00 15.00 ? 113 VAL A O     1 
ATOM   899  C  CB    . VAL A 1 113 ? -7.690  -3.548  -9.098  1.00 14.08 ? 113 VAL A CB    1 
ATOM   900  C  CG1   . VAL A 1 113 ? -7.745  -3.922  -10.576 1.00 16.49 ? 113 VAL A CG1   1 
ATOM   901  C  CG2   . VAL A 1 113 ? -7.416  -2.073  -8.951  1.00 15.67 ? 113 VAL A CG2   1 
ATOM   902  N  N     . TYR A 1 114 ? -10.195 -5.856  -9.205  1.00 15.78 ? 114 TYR A N     1 
ATOM   903  C  CA    . TYR A 1 114 ? -10.608 -7.268  -9.279  1.00 17.38 ? 114 TYR A CA    1 
ATOM   904  C  C     . TYR A 1 114 ? -9.786  -7.969  -10.359 1.00 15.33 ? 114 TYR A C     1 
ATOM   905  O  O     . TYR A 1 114 ? -9.180  -7.326  -11.232 1.00 14.99 ? 114 TYR A O     1 
ATOM   906  C  CB    . TYR A 1 114 ? -12.128 -7.342  -9.537  1.00 19.93 ? 114 TYR A CB    1 
ATOM   907  C  CG    . TYR A 1 114 ? -13.010 -6.682  -8.498  1.00 22.51 ? 114 TYR A CG    1 
ATOM   908  C  CD1   . TYR A 1 114 ? -13.025 -5.308  -8.310  1.00 25.52 ? 114 TYR A CD1   1 
ATOM   909  C  CD2   . TYR A 1 114 ? -13.825 -7.433  -7.692  1.00 29.00 ? 114 TYR A CD2   1 
ATOM   910  C  CE1   . TYR A 1 114 ? -13.826 -4.700  -7.353  1.00 29.33 ? 114 TYR A CE1   1 
ATOM   911  C  CE2   . TYR A 1 114 ? -14.649 -6.847  -6.740  1.00 27.85 ? 114 TYR A CE2   1 
ATOM   912  C  CZ    . TYR A 1 114 ? -14.650 -5.481  -6.568  1.00 31.07 ? 114 TYR A CZ    1 
ATOM   913  O  OH    . TYR A 1 114 ? -15.462 -4.924  -5.612  1.00 38.82 ? 114 TYR A OH    1 
ATOM   914  N  N     . PRO A 1 115 ? -9.690  -9.312  -10.343 1.00 18.57 ? 115 PRO A N     1 
ATOM   915  C  CA    . PRO A 1 115 ? -8.978  -10.058 -11.378 1.00 19.13 ? 115 PRO A CA    1 
ATOM   916  C  C     . PRO A 1 115 ? -9.405  -9.733  -12.812 1.00 17.65 ? 115 PRO A C     1 
ATOM   917  O  O     . PRO A 1 115 ? -8.603  -9.770  -13.691 1.00 19.19 ? 115 PRO A O     1 
ATOM   918  C  CB    . PRO A 1 115 ? -9.278  -11.533 -11.069 1.00 21.25 ? 115 PRO A CB    1 
ATOM   919  C  CG    . PRO A 1 115 ? -9.593  -11.560 -9.615  1.00 20.39 ? 115 PRO A CG    1 
ATOM   920  C  CD    . PRO A 1 115 ? -10.129 -10.193 -9.246  1.00 18.94 ? 115 PRO A CD    1 
ATOM   921  N  N     . ASN A 1 116 ? -10.639 -9.283  -13.014 1.00 18.74 ? 116 ASN A N     1 
ATOM   922  C  CA    . ASN A 1 116 ? -11.183 -8.966  -14.363 1.00 17.84 ? 116 ASN A CA    1 
ATOM   923  C  C     . ASN A 1 116 ? -10.855 -7.533  -14.781 1.00 19.85 ? 116 ASN A C     1 
ATOM   924  O  O     . ASN A 1 116 ? -11.283 -7.102  -15.859 1.00 22.00 ? 116 ASN A O     1 
ATOM   925  C  CB    . ASN A 1 116 ? -12.697 -9.261  -14.425 1.00 18.21 ? 116 ASN A CB    1 
ATOM   926  C  CG    . ASN A 1 116 ? -13.521 -8.377  -13.515 1.00 19.05 ? 116 ASN A CG    1 
ATOM   927  O  OD1   . ASN A 1 116 ? -13.043 -7.361  -12.969 1.00 17.76 ? 116 ASN A OD1   1 
ATOM   928  N  ND2   . ASN A 1 116 ? -14.798 -8.697  -13.376 1.00 19.58 ? 116 ASN A ND2   1 
ATOM   929  N  N     . GLY A 1 117 ? -10.109 -6.801  -13.955 1.00 18.49 ? 117 GLY A N     1 
ATOM   930  C  CA    . GLY A 1 117 ? -9.609  -5.449  -14.236 1.00 18.32 ? 117 GLY A CA    1 
ATOM   931  C  C     . GLY A 1 117 ? -10.488 -4.363  -13.670 1.00 17.61 ? 117 GLY A C     1 
ATOM   932  O  O     . GLY A 1 117 ? -10.003 -3.231  -13.594 1.00 18.60 ? 117 GLY A O     1 
ATOM   933  N  N     . LYS A 1 118 ? -11.736 -4.696  -13.293 1.00 17.94 ? 118 LYS A N     1 
ATOM   934  C  CA    . LYS A 1 118 ? -12.678 -3.690  -12.784 1.00 19.62 ? 118 LYS A CA    1 
ATOM   935  C  C     . LYS A 1 118 ? -12.046 -3.027  -11.553 1.00 18.29 ? 118 LYS A C     1 
ATOM   936  O  O     . LYS A 1 118 ? -11.516 -3.766  -10.741 1.00 18.86 ? 118 LYS A O     1 
ATOM   937  C  CB    . LYS A 1 118 ? -14.022 -4.324  -12.430 1.00 22.62 ? 118 LYS A CB    1 
ATOM   938  C  CG    . LYS A 1 118 ? -15.130 -3.310  -12.234 1.00 26.55 ? 118 LYS A CG    1 
ATOM   939  C  CD    . LYS A 1 118 ? -16.401 -3.888  -11.640 1.00 27.14 ? 118 LYS A CD    1 
ATOM   940  C  CE    . LYS A 1 118 ? -16.265 -4.428  -10.235 1.00 26.94 ? 118 LYS A CE    1 
ATOM   941  N  NZ    . LYS A 1 118 ? -17.514 -5.127  -9.851  1.00 22.86 ? 118 LYS A NZ    1 
ATOM   942  N  N     . TYR A 1 119 ? -12.138 -1.722  -11.443 1.00 18.24 ? 119 TYR A N     1 
ATOM   943  C  CA    . TYR A 1 119 ? -11.692 -1.036  -10.208 1.00 18.14 ? 119 TYR A CA    1 
ATOM   944  C  C     . TYR A 1 119 ? -12.889 -0.298  -9.604  1.00 20.97 ? 119 TYR A C     1 
ATOM   945  O  O     . TYR A 1 119 ? -13.806 0.134   -10.356 1.00 20.29 ? 119 TYR A O     1 
ATOM   946  C  CB    . TYR A 1 119 ? -10.466 -0.177  -10.501 1.00 18.88 ? 119 TYR A CB    1 
ATOM   947  C  CG    . TYR A 1 119 ? -10.716 0.941   -11.469 1.00 20.97 ? 119 TYR A CG    1 
ATOM   948  C  CD1   . TYR A 1 119 ? -11.310 2.124   -11.062 1.00 21.31 ? 119 TYR A CD1   1 
ATOM   949  C  CD2   . TYR A 1 119 ? -10.388 0.800   -12.807 1.00 22.79 ? 119 TYR A CD2   1 
ATOM   950  C  CE1   . TYR A 1 119 ? -11.593 3.123   -11.969 1.00 23.71 ? 119 TYR A CE1   1 
ATOM   951  C  CE2   . TYR A 1 119 ? -10.640 1.807   -13.725 1.00 23.64 ? 119 TYR A CE2   1 
ATOM   952  C  CZ    . TYR A 1 119 ? -11.232 2.977   -13.294 1.00 26.60 ? 119 TYR A CZ    1 
ATOM   953  O  OH    . TYR A 1 119 ? -11.490 3.970   -14.189 1.00 31.55 ? 119 TYR A OH    1 
ATOM   954  N  N     . HIS A 1 120 ? -12.872 -0.119  -8.272  1.00 19.91 ? 120 HIS A N     1 
ATOM   955  C  CA    . HIS A 1 120 ? -13.889 0.699   -7.556  1.00 20.98 ? 120 HIS A CA    1 
ATOM   956  C  C     . HIS A 1 120 ? -13.162 1.638   -6.598  1.00 19.43 ? 120 HIS A C     1 
ATOM   957  O  O     . HIS A 1 120 ? -12.343 1.130   -5.794  1.00 17.00 ? 120 HIS A O     1 
ATOM   958  C  CB    . HIS A 1 120 ? -14.904 -0.165  -6.762  1.00 27.32 ? 120 HIS A CB    1 
ATOM   959  C  CG    . HIS A 1 120 ? -15.962 -0.846  -7.563  1.00 34.49 ? 120 HIS A CG    1 
ATOM   960  N  ND1   . HIS A 1 120 ? -16.668 -0.202  -8.573  1.00 42.20 ? 120 HIS A ND1   1 
ATOM   961  C  CD2   . HIS A 1 120 ? -16.501 -2.073  -7.444  1.00 39.90 ? 120 HIS A CD2   1 
ATOM   962  C  CE1   . HIS A 1 120 ? -17.563 -1.031  -9.076  1.00 44.67 ? 120 HIS A CE1   1 
ATOM   963  N  NE2   . HIS A 1 120 ? -17.481 -2.182  -8.400  1.00 44.19 ? 120 HIS A NE2   1 
ATOM   964  N  N     . LEU A 1 121 ? -13.487 2.916   -6.652  1.00 16.64 ? 121 LEU A N     1 
ATOM   965  C  CA    . LEU A 1 121 ? -13.041 3.876   -5.610  1.00 17.31 ? 121 LEU A CA    1 
ATOM   966  C  C     . LEU A 1 121 ? -13.943 3.691   -4.390  1.00 18.19 ? 121 LEU A C     1 
ATOM   967  O  O     . LEU A 1 121 ? -15.176 3.861   -4.512  1.00 19.35 ? 121 LEU A O     1 
ATOM   968  C  CB    . LEU A 1 121 ? -13.091 5.301   -6.148  1.00 18.47 ? 121 LEU A CB    1 
ATOM   969  C  CG    . LEU A 1 121 ? -12.787 6.385   -5.126  1.00 19.04 ? 121 LEU A CG    1 
ATOM   970  C  CD1   . LEU A 1 121 ? -11.336 6.310   -4.660  1.00 19.59 ? 121 LEU A CD1   1 
ATOM   971  C  CD2   . LEU A 1 121 ? -13.073 7.769   -5.707  1.00 23.01 ? 121 LEU A CD2   1 
ATOM   972  N  N     . LEU A 1 122 ? -13.348 3.362   -3.259  1.00 16.27 ? 122 LEU A N     1 
ATOM   973  C  CA    . LEU A 1 122 ? -14.044 3.107   -1.979  1.00 16.28 ? 122 LEU A CA    1 
ATOM   974  C  C     . LEU A 1 122 ? -13.810 4.245   -0.995  1.00 15.66 ? 122 LEU A C     1 
ATOM   975  O  O     . LEU A 1 122 ? -12.787 4.954   -1.085  1.00 14.61 ? 122 LEU A O     1 
ATOM   976  C  CB    . LEU A 1 122 ? -13.521 1.812   -1.369  1.00 16.94 ? 122 LEU A CB    1 
ATOM   977  C  CG    . LEU A 1 122 ? -13.520 0.577   -2.272  1.00 20.73 ? 122 LEU A CG    1 
ATOM   978  C  CD1   . LEU A 1 122 ? -12.843 -0.622  -1.602  1.00 21.60 ? 122 LEU A CD1   1 
ATOM   979  C  CD2   . LEU A 1 122 ? -14.937 0.212   -2.667  1.00 24.63 ? 122 LEU A CD2   1 
ATOM   980  N  N     . ASP A 1 123 ? -14.721 4.396   -0.034  1.00 15.42 ? 123 ASP A N     1 
ATOM   981  C  CA    . ASP A 1 123 ? -14.495 5.172   1.213   1.00 15.73 ? 123 ASP A CA    1 
ATOM   982  C  C     . ASP A 1 123 ? -14.538 6.676   0.980   1.00 16.35 ? 123 ASP A C     1 
ATOM   983  O  O     . ASP A 1 123 ? -13.945 7.425   1.765   1.00 17.24 ? 123 ASP A O     1 
ATOM   984  C  CB    . ASP A 1 123 ? -13.233 4.669   1.923   1.00 15.36 ? 123 ASP A CB    1 
ATOM   985  C  CG    . ASP A 1 123 ? -13.377 3.293   2.547   1.00 18.13 ? 123 ASP A CG    1 
ATOM   986  O  OD1   . ASP A 1 123 ? -14.496 2.711   2.470   1.00 21.30 ? 123 ASP A OD1   1 
ATOM   987  O  OD2   . ASP A 1 123 ? -12.375 2.785   3.055   1.00 17.78 ? 123 ASP A OD2   1 
ATOM   988  N  N     . GLU A 1 124 ? -15.307 7.161   0.007   1.00 19.32 ? 124 GLU A N     1 
ATOM   989  C  CA    . GLU A 1 124 ? -15.568 8.604   -0.143  1.00 21.18 ? 124 GLU A CA    1 
ATOM   990  C  C     . GLU A 1 124 ? -16.267 9.105   1.128   1.00 20.43 ? 124 GLU A C     1 
ATOM   991  O  O     . GLU A 1 124 ? -15.915 10.171  1.569   1.00 20.32 ? 124 GLU A O     1 
ATOM   992  C  CB    . GLU A 1 124 ? -16.336 8.839   -1.445  1.00 23.89 ? 124 GLU A CB    1 
ATOM   993  C  CG    . GLU A 1 124 ? -15.433 8.864   -2.661  1.00 28.56 ? 124 GLU A CG    1 
ATOM   994  C  CD    . GLU A 1 124 ? -16.122 8.979   -4.012  1.00 32.11 ? 124 GLU A CD    1 
ATOM   995  O  OE1   . GLU A 1 124 ? -16.010 10.057  -4.651  1.00 37.90 ? 124 GLU A OE1   1 
ATOM   996  O  OE2   . GLU A 1 124 ? -16.696 7.977   -4.452  1.00 35.32 ? 124 GLU A OE2   1 
ATOM   997  N  N     . ASP A 1 125 ? -17.137 8.298   1.755   1.00 22.46 ? 125 ASP A N     1 
ATOM   998  C  CA    . ASP A 1 125 ? -17.800 8.676   3.030   1.00 24.25 ? 125 ASP A CA    1 
ATOM   999  C  C     . ASP A 1 125 ? -16.756 8.825   4.141   1.00 20.96 ? 125 ASP A C     1 
ATOM   1000 O  O     . ASP A 1 125 ? -16.772 9.877   4.776   1.00 20.84 ? 125 ASP A O     1 
ATOM   1001 C  CB    . ASP A 1 125 ? -18.927 7.715   3.427   1.00 26.10 ? 125 ASP A CB    1 
ATOM   1002 C  CG    . ASP A 1 125 ? -19.670 8.160   4.677   0.86 28.18 ? 125 ASP A CG    1 
ATOM   1003 O  OD1   . ASP A 1 125 ? -20.566 9.011   4.541   0.35 30.86 ? 125 ASP A OD1   1 
ATOM   1004 O  OD2   . ASP A 1 125 ? -19.334 7.669   5.777   0.52 31.05 ? 125 ASP A OD2   1 
ATOM   1005 N  N     . GLU A 1 126 ? -15.869 7.824   4.330   1.00 19.30 ? 126 GLU A N     1 
ATOM   1006 C  CA    . GLU A 1 126 ? -14.803 7.824   5.345   1.00 17.13 ? 126 GLU A CA    1 
ATOM   1007 C  C     . GLU A 1 126 ? -13.965 9.097   5.132   1.00 15.02 ? 126 GLU A C     1 
ATOM   1008 O  O     . GLU A 1 126 ? -13.609 9.779   6.080   1.00 16.80 ? 126 GLU A O     1 
ATOM   1009 C  CB    . GLU A 1 126 ? -13.915 6.581   5.228   1.00 17.16 ? 126 GLU A CB    1 
ATOM   1010 C  CG    . GLU A 1 126 ? -12.786 6.577   6.238   1.00 19.47 ? 126 GLU A CG    1 
ATOM   1011 C  CD    . GLU A 1 126 ? -11.844 5.382   6.285   1.00 26.24 ? 126 GLU A CD    1 
ATOM   1012 O  OE1   . GLU A 1 126 ? -11.499 4.935   7.403   1.00 33.68 ? 126 GLU A OE1   1 
ATOM   1013 O  OE2   . GLU A 1 126 ? -11.388 4.972   5.252   1.00 22.77 ? 126 GLU A OE2   1 
ATOM   1014 N  N     . TYR A 1 127 ? -13.625 9.376   3.879   1.00 14.91 ? 127 TYR A N     1 
ATOM   1015 C  CA    . TYR A 1 127 ? -12.741 10.503  3.517   1.00 14.23 ? 127 TYR A CA    1 
ATOM   1016 C  C     . TYR A 1 127 ? -13.380 11.843  3.883   1.00 14.63 ? 127 TYR A C     1 
ATOM   1017 O  O     . TYR A 1 127 ? -12.753 12.656  4.524   1.00 15.44 ? 127 TYR A O     1 
ATOM   1018 C  CB    . TYR A 1 127 ? -12.415 10.458  2.035   1.00 14.65 ? 127 TYR A CB    1 
ATOM   1019 C  CG    . TYR A 1 127 ? -11.567 11.599  1.555   1.00 14.04 ? 127 TYR A CG    1 
ATOM   1020 C  CD1   . TYR A 1 127 ? -10.269 11.772  2.012   1.00 14.56 ? 127 TYR A CD1   1 
ATOM   1021 C  CD2   . TYR A 1 127 ? -12.078 12.548  0.696   1.00 16.92 ? 127 TYR A CD2   1 
ATOM   1022 C  CE1   . TYR A 1 127 ? -9.477  12.853  1.636   1.00 14.68 ? 127 TYR A CE1   1 
ATOM   1023 C  CE2   . TYR A 1 127 ? -11.292 13.609  0.281   1.00 17.20 ? 127 TYR A CE2   1 
ATOM   1024 C  CZ    . TYR A 1 127 ? -9.997  13.769  0.752   1.00 18.01 ? 127 TYR A CZ    1 
ATOM   1025 O  OH    . TYR A 1 127 ? -9.246  14.841  0.378   1.00 19.28 ? 127 TYR A OH    1 
ATOM   1026 N  N     . GLU A 1 128 ? -14.648 12.004  3.509   1.00 18.20 ? 128 GLU A N     1 
ATOM   1027 C  CA    . GLU A 1 128 ? -15.403 13.242  3.827   1.00 21.65 ? 128 GLU A CA    1 
ATOM   1028 C  C     . GLU A 1 128 ? -15.425 13.463  5.354   1.00 21.63 ? 128 GLU A C     1 
ATOM   1029 O  O     . GLU A 1 128 ? -15.067 14.579  5.830   1.00 20.06 ? 128 GLU A O     1 
ATOM   1030 C  CB    . GLU A 1 128 ? -16.809 13.139  3.237   1.00 23.73 ? 128 GLU A CB    1 
ATOM   1031 C  CG    . GLU A 1 128 ? -17.598 14.417  3.480   0.68 24.87 ? 128 GLU A CG    1 
ATOM   1032 C  CD    . GLU A 1 128 ? -18.541 14.878  2.382   0.22 27.45 ? 128 GLU A CD    1 
ATOM   1033 O  OE1   . GLU A 1 128 ? -19.443 15.658  2.694   0.56 30.18 ? 128 GLU A OE1   1 
ATOM   1034 O  OE2   . GLU A 1 128 ? -18.363 14.481  1.223   0.49 32.47 ? 128 GLU A OE2   1 
ATOM   1035 N  N     . GLN A 1 129 ? -15.790 12.433  6.122   1.00 21.58 ? 129 GLN A N     1 
ATOM   1036 C  CA    . GLN A 1 129 ? -15.863 12.512  7.602   1.00 23.19 ? 129 GLN A CA    1 
ATOM   1037 C  C     . GLN A 1 129 ? -14.482 12.881  8.160   1.00 20.02 ? 129 GLN A C     1 
ATOM   1038 O  O     . GLN A 1 129 ? -14.383 13.778  8.991   1.00 20.81 ? 129 GLN A O     1 
ATOM   1039 C  CB    . GLN A 1 129 ? -16.422 11.218  8.195   1.00 24.75 ? 129 GLN A CB    1 
ATOM   1040 C  CG    . GLN A 1 129 ? -17.897 10.964  7.905   1.00 29.03 ? 129 GLN A CG    1 
ATOM   1041 C  CD    . GLN A 1 129 ? -18.410 9.818   8.744   0.62 30.63 ? 129 GLN A CD    1 
ATOM   1042 O  OE1   . GLN A 1 129 ? -18.453 9.906   9.967   0.58 33.44 ? 129 GLN A OE1   1 
ATOM   1043 N  NE2   . GLN A 1 129 ? -18.745 8.712   8.096   0.68 31.40 ? 129 GLN A NE2   1 
ATOM   1044 N  N     . HIS A 1 130 ? -13.415 12.171  7.780   1.00 18.03 ? 130 HIS A N     1 
ATOM   1045 C  CA    . HIS A 1 130 ? -12.078 12.400  8.362   1.00 16.62 ? 130 HIS A CA    1 
ATOM   1046 C  C     . HIS A 1 130 ? -11.503 13.750  7.916   1.00 15.72 ? 130 HIS A C     1 
ATOM   1047 O  O     . HIS A 1 130 ? -10.775 14.400  8.706   1.00 16.17 ? 130 HIS A O     1 
ATOM   1048 C  CB    . HIS A 1 130 ? -11.151 11.252  7.961   1.00 16.76 ? 130 HIS A CB    1 
ATOM   1049 C  CG    . HIS A 1 130 ? -11.445 10.002  8.711   1.00 18.66 ? 130 HIS A CG    1 
ATOM   1050 N  ND1   . HIS A 1 130 ? -10.847 8.799   8.388   1.00 16.78 ? 130 HIS A ND1   1 
ATOM   1051 C  CD2   . HIS A 1 130 ? -12.261 9.755   9.770   1.00 20.30 ? 130 HIS A CD2   1 
ATOM   1052 C  CE1   . HIS A 1 130 ? -11.277 7.854   9.213   1.00 19.08 ? 130 HIS A CE1   1 
ATOM   1053 N  NE2   . HIS A 1 130 ? -12.153 8.419   10.081  1.00 21.07 ? 130 HIS A NE2   1 
ATOM   1054 N  N     . MET A 1 131 ? -11.780 14.156  6.692   1.00 18.27 ? 131 MET A N     1 
ATOM   1055 C  CA    . MET A 1 131 ? -11.252 15.439  6.180   1.00 17.86 ? 131 MET A CA    1 
ATOM   1056 C  C     . MET A 1 131 ? -11.843 16.598  7.015   1.00 19.68 ? 131 MET A C     1 
ATOM   1057 O  O     . MET A 1 131 ? -11.099 17.536  7.364   1.00 19.31 ? 131 MET A O     1 
ATOM   1058 C  CB    . MET A 1 131 ? -11.576 15.654  4.709   1.00 20.43 ? 131 MET A CB    1 
ATOM   1059 C  CG    . MET A 1 131 ? -11.251 17.067  4.259   1.00 24.56 ? 131 MET A CG    1 
ATOM   1060 S  SD    . MET A 1 131 ? -11.189 17.138  2.456   1.00 32.71 ? 131 MET A SD    1 
ATOM   1061 C  CE    . MET A 1 131 ? -12.833 16.567  2.059   1.00 32.12 ? 131 MET A CE    1 
ATOM   1062 N  N     . ASN A 1 132 ? -13.115 16.479  7.402   1.00 20.32 ? 132 ASN A N     1 
ATOM   1063 C  CA    . ASN A 1 132 ? -13.760 17.443  8.336   1.00 24.64 ? 132 ASN A CA    1 
ATOM   1064 C  C     . ASN A 1 132 ? -13.226 17.286  9.770   1.00 22.98 ? 132 ASN A C     1 
ATOM   1065 O  O     . ASN A 1 132 ? -12.839 18.276  10.360  1.00 22.97 ? 132 ASN A O     1 
ATOM   1066 C  CB    . ASN A 1 132 ? -15.280 17.258  8.324   1.00 26.47 ? 132 ASN A CB    1 
ATOM   1067 C  CG    . ASN A 1 132 ? -15.927 17.622  7.008   1.00 32.01 ? 132 ASN A CG    1 
ATOM   1068 O  OD1   . ASN A 1 132 ? -15.401 18.424  6.236   1.00 41.37 ? 132 ASN A OD1   1 
ATOM   1069 N  ND2   . ASN A 1 132 ? -17.085 17.037  6.751   1.00 39.33 ? 132 ASN A ND2   1 
ATOM   1070 N  N     . GLN A 1 133 ? -13.194 16.079  10.328  1.00 24.39 ? 133 GLN A N     1 
ATOM   1071 C  CA    . GLN A 1 133 ? -12.837 15.819  11.743  1.00 24.09 ? 133 GLN A CA    1 
ATOM   1072 C  C     . GLN A 1 133 ? -11.380 16.232  11.977  1.00 21.37 ? 133 GLN A C     1 
ATOM   1073 O  O     . GLN A 1 133 ? -11.077 16.804  13.031  1.00 22.66 ? 133 GLN A O     1 
ATOM   1074 C  CB    . GLN A 1 133 ? -13.070 14.346  12.093  1.00 27.57 ? 133 GLN A CB    1 
ATOM   1075 C  CG    . GLN A 1 133 ? -14.545 13.988  12.211  1.00 32.68 ? 133 GLN A CG    1 
ATOM   1076 C  CD    . GLN A 1 133 ? -14.849 12.509  12.117  1.00 36.60 ? 133 GLN A CD    1 
ATOM   1077 O  OE1   . GLN A 1 133 ? -15.936 12.125  11.674  1.00 44.03 ? 133 GLN A OE1   1 
ATOM   1078 N  NE2   . GLN A 1 133 ? -13.907 11.683  12.549  1.00 38.07 ? 133 GLN A NE2   1 
ATOM   1079 N  N     . MET A 1 134 ? -10.474 15.921  11.034  1.00 21.17 ? 134 MET A N     1 
ATOM   1080 C  CA    . MET A 1 134 ? -9.026  16.166  11.200  1.00 18.70 ? 134 MET A CA    1 
ATOM   1081 C  C     . MET A 1 134 ? -8.556  17.379  10.361  1.00 18.55 ? 134 MET A C     1 
ATOM   1082 O  O     . MET A 1 134 ? -7.340  17.661  10.393  1.00 19.21 ? 134 MET A O     1 
ATOM   1083 C  CB    . MET A 1 134 ? -8.237  14.912  10.798  1.00 19.42 ? 134 MET A CB    1 
ATOM   1084 C  CG    . MET A 1 134 ? -8.554  13.742  11.671  1.00 20.50 ? 134 MET A CG    1 
ATOM   1085 S  SD    . MET A 1 134 ? -7.468  12.317  11.321  1.00 22.58 ? 134 MET A SD    1 
ATOM   1086 C  CE    . MET A 1 134 ? -8.429  10.933  11.950  1.00 28.09 ? 134 MET A CE    1 
ATOM   1087 N  N     . ASN A 1 135 ? -9.483  18.111  9.719   1.00 18.55 ? 135 ASN A N     1 
ATOM   1088 C  CA    . ASN A 1 135 ? -9.200  19.415  9.030   1.00 19.89 ? 135 ASN A CA    1 
ATOM   1089 C  C     . ASN A 1 135 ? -8.045  19.256  8.028   1.00 18.20 ? 135 ASN A C     1 
ATOM   1090 O  O     . ASN A 1 135 ? -7.069  20.017  8.070   1.00 18.82 ? 135 ASN A O     1 
ATOM   1091 C  CB    . ASN A 1 135 ? -8.820  20.496  10.045  1.00 22.64 ? 135 ASN A CB    1 
ATOM   1092 C  CG    . ASN A 1 135 ? -9.950  20.710  11.018  1.00 29.31 ? 135 ASN A CG    1 
ATOM   1093 O  OD1   . ASN A 1 135 ? -11.045 21.067  10.588  1.00 36.34 ? 135 ASN A OD1   1 
ATOM   1094 N  ND2   . ASN A 1 135 ? -9.692  20.499  12.301  1.00 34.26 ? 135 ASN A ND2   1 
ATOM   1095 N  N     . TYR A 1 136 ? -8.155  18.320  7.094   1.00 15.08 ? 136 TYR A N     1 
ATOM   1096 C  CA    . TYR A 1 136 ? -7.175  18.188  5.992   1.00 15.88 ? 136 TYR A CA    1 
ATOM   1097 C  C     . TYR A 1 136 ? -7.080  19.514  5.243   1.00 15.99 ? 136 TYR A C     1 
ATOM   1098 O  O     . TYR A 1 136 ? -8.093  20.078  4.866   1.00 16.48 ? 136 TYR A O     1 
ATOM   1099 C  CB    . TYR A 1 136 ? -7.565  17.114  4.981   1.00 14.33 ? 136 TYR A CB    1 
ATOM   1100 C  CG    . TYR A 1 136 ? -7.686  15.694  5.476   1.00 13.67 ? 136 TYR A CG    1 
ATOM   1101 C  CD1   . TYR A 1 136 ? -7.254  15.324  6.748   1.00 14.22 ? 136 TYR A CD1   1 
ATOM   1102 C  CD2   . TYR A 1 136 ? -8.216  14.706  4.671   1.00 12.69 ? 136 TYR A CD2   1 
ATOM   1103 C  CE1   . TYR A 1 136 ? -7.334  14.005  7.179   1.00 13.61 ? 136 TYR A CE1   1 
ATOM   1104 C  CE2   . TYR A 1 136 ? -8.323  13.393  5.098   1.00 12.74 ? 136 TYR A CE2   1 
ATOM   1105 C  CZ    . TYR A 1 136 ? -7.922  13.051  6.377   1.00 13.26 ? 136 TYR A CZ    1 
ATOM   1106 O  OH    . TYR A 1 136 ? -8.054  11.741  6.749   1.00 14.43 ? 136 TYR A OH    1 
ATOM   1107 N  N     . PRO A 1 137 ? -5.869  20.051  5.038   1.00 16.40 ? 137 PRO A N     1 
ATOM   1108 C  CA    . PRO A 1 137 ? -5.680  21.258  4.221   1.00 17.14 ? 137 PRO A CA    1 
ATOM   1109 C  C     . PRO A 1 137 ? -6.189  21.088  2.799   1.00 16.61 ? 137 PRO A C     1 
ATOM   1110 O  O     . PRO A 1 137 ? -6.193  19.957  2.280   1.00 15.95 ? 137 PRO A O     1 
ATOM   1111 C  CB    . PRO A 1 137 ? -4.181  21.447  4.152   1.00 19.52 ? 137 PRO A CB    1 
ATOM   1112 C  CG    . PRO A 1 137 ? -3.664  20.730  5.339   1.00 21.39 ? 137 PRO A CG    1 
ATOM   1113 C  CD    . PRO A 1 137 ? -4.602  19.576  5.596   1.00 18.25 ? 137 PRO A CD    1 
ATOM   1114 N  N     . HIS A 1 138 ? -6.577  22.203  2.169   1.00 15.55 ? 138 HIS A N     1 
ATOM   1115 C  CA    . HIS A 1 138 ? -7.082  22.177  0.793   1.00 16.43 ? 138 HIS A CA    1 
ATOM   1116 C  C     . HIS A 1 138 ? -6.081  21.498  -0.143  1.00 14.13 ? 138 HIS A C     1 
ATOM   1117 O  O     . HIS A 1 138 ? -6.511  20.783  -1.039  1.00 14.18 ? 138 HIS A O     1 
ATOM   1118 C  CB    . HIS A 1 138 ? -7.406  23.614  0.353   1.00 17.50 ? 138 HIS A CB    1 
ATOM   1119 C  CG    . HIS A 1 138 ? -8.708  24.072  0.905   1.00 21.95 ? 138 HIS A CG    1 
ATOM   1120 N  ND1   . HIS A 1 138 ? -9.925  23.574  0.443   1.00 26.31 ? 138 HIS A ND1   1 
ATOM   1121 C  CD2   . HIS A 1 138 ? -8.988  25.009  1.839   1.00 25.66 ? 138 HIS A CD2   1 
ATOM   1122 C  CE1   . HIS A 1 138 ? -10.905 24.189  1.094   1.00 27.65 ? 138 HIS A CE1   1 
ATOM   1123 N  NE2   . HIS A 1 138 ? -10.355 25.062  1.964   1.00 26.57 ? 138 HIS A NE2   1 
ATOM   1124 N  N     . ASP A 1 139 ? -4.784  21.757  0.009   1.00 14.80 ? 139 ASP A N     1 
ATOM   1125 C  CA    . ASP A 1 139 ? -3.797  21.211  -0.965  1.00 14.58 ? 139 ASP A CA    1 
ATOM   1126 C  C     . ASP A 1 139 ? -3.718  19.692  -0.818  1.00 14.98 ? 139 ASP A C     1 
ATOM   1127 O  O     . ASP A 1 139 ? -3.505  19.080  -1.838  1.00 14.96 ? 139 ASP A O     1 
ATOM   1128 C  CB    . ASP A 1 139 ? -2.427  21.870  -0.918  1.00 15.91 ? 139 ASP A CB    1 
ATOM   1129 C  CG    . ASP A 1 139 ? -2.429  23.265  -1.522  1.00 17.27 ? 139 ASP A CG    1 
ATOM   1130 O  OD1   . ASP A 1 139 ? -3.473  23.647  -2.137  1.00 17.29 ? 139 ASP A OD1   1 
ATOM   1131 O  OD2   . ASP A 1 139 ? -1.416  23.955  -1.339  1.00 18.33 ? 139 ASP A OD2   1 
ATOM   1132 N  N     . ILE A 1 140 ? -3.933  19.114  0.372   1.00 15.62 ? 140 ILE A N     1 
ATOM   1133 C  CA    . ILE A 1 140 ? -3.975  17.634  0.496   1.00 16.08 ? 140 ILE A CA    1 
ATOM   1134 C  C     . ILE A 1 140 ? -5.169  17.093  -0.273  1.00 15.68 ? 140 ILE A C     1 
ATOM   1135 O  O     . ILE A 1 140 ? -5.028  16.100  -1.000  1.00 14.19 ? 140 ILE A O     1 
ATOM   1136 C  CB    . ILE A 1 140 ? -4.009  17.229  1.976   1.00 19.16 ? 140 ILE A CB    1 
ATOM   1137 C  CG1   . ILE A 1 140 ? -2.716  17.622  2.658   1.00 23.20 ? 140 ILE A CG1   1 
ATOM   1138 C  CG2   . ILE A 1 140 ? -4.301  15.762  2.148   1.00 20.06 ? 140 ILE A CG2   1 
ATOM   1139 C  CD1   . ILE A 1 140 ? -1.528  17.190  1.945   1.00 23.85 ? 140 ILE A CD1   1 
ATOM   1140 N  N     . ASP A 1 141 ? -6.326  17.731  -0.119  1.00 16.09 ? 141 ASP A N     1 
ATOM   1141 C  CA    . ASP A 1 141 ? -7.533  17.322  -0.866  1.00 15.95 ? 141 ASP A CA    1 
ATOM   1142 C  C     . ASP A 1 141 ? -7.235  17.357  -2.368  1.00 14.37 ? 141 ASP A C     1 
ATOM   1143 O  O     . ASP A 1 141 ? -7.538  16.402  -3.089  1.00 15.29 ? 141 ASP A O     1 
ATOM   1144 C  CB    . ASP A 1 141 ? -8.715  18.206  -0.497  1.00 17.45 ? 141 ASP A CB    1 
ATOM   1145 C  CG    . ASP A 1 141 ? -9.979  17.814  -1.232  1.00 22.04 ? 141 ASP A CG    1 
ATOM   1146 O  OD1   . ASP A 1 141 ? -10.365 16.647  -1.191  1.00 20.60 ? 141 ASP A OD1   1 
ATOM   1147 O  OD2   . ASP A 1 141 ? -10.542 18.681  -1.906  1.00 25.63 ? 141 ASP A OD2   1 
ATOM   1148 N  N     . ILE A 1 142 ? -6.569  18.401  -2.853  1.00 13.75 ? 142 ILE A N     1 
ATOM   1149 C  CA    . ILE A 1 142 ? -6.288  18.508  -4.307  1.00 13.98 ? 142 ILE A CA    1 
ATOM   1150 C  C     . ILE A 1 142 ? -5.353  17.387  -4.716  1.00 13.73 ? 142 ILE A C     1 
ATOM   1151 O  O     . ILE A 1 142 ? -5.576  16.783  -5.754  1.00 15.33 ? 142 ILE A O     1 
ATOM   1152 C  CB    . ILE A 1 142 ? -5.678  19.875  -4.646  1.00 14.97 ? 142 ILE A CB    1 
ATOM   1153 C  CG1   . ILE A 1 142 ? -6.699  20.986  -4.461  1.00 16.18 ? 142 ILE A CG1   1 
ATOM   1154 C  CG2   . ILE A 1 142 ? -5.143  19.897  -6.067  1.00 14.24 ? 142 ILE A CG2   1 
ATOM   1155 C  CD1   . ILE A 1 142 ? -6.081  22.345  -4.456  1.00 16.00 ? 142 ILE A CD1   1 
ATOM   1156 N  N     . ILE A 1 143 ? -4.281  17.200  -3.978  1.00 13.45 ? 143 ILE A N     1 
ATOM   1157 C  CA    . ILE A 1 143 ? -3.257  16.168  -4.314  1.00 13.15 ? 143 ILE A CA    1 
ATOM   1158 C  C     . ILE A 1 143 ? -3.922  14.792  -4.271  1.00 13.77 ? 143 ILE A C     1 
ATOM   1159 O  O     . ILE A 1 143 ? -3.637  13.949  -5.145  1.00 12.56 ? 143 ILE A O     1 
ATOM   1160 C  CB    . ILE A 1 143 ? -2.040  16.245  -3.385  1.00 16.00 ? 143 ILE A CB    1 
ATOM   1161 C  CG1   . ILE A 1 143 ? -1.271  17.532  -3.588  1.00 17.34 ? 143 ILE A CG1   1 
ATOM   1162 C  CG2   . ILE A 1 143 ? -1.127  15.033  -3.587  1.00 17.97 ? 143 ILE A CG2   1 
ATOM   1163 C  CD1   . ILE A 1 143 ? -0.490  17.947  -2.379  1.00 19.02 ? 143 ILE A CD1   1 
ATOM   1164 N  N     . LEU A 1 144 ? -4.714  14.493  -3.242  1.00 13.74 ? 144 LEU A N     1 
ATOM   1165 C  CA    . LEU A 1 144 ? -5.344  13.152  -3.168  1.00 13.95 ? 144 LEU A CA    1 
ATOM   1166 C  C     . LEU A 1 144 ? -6.268  12.919  -4.362  1.00 14.77 ? 144 LEU A C     1 
ATOM   1167 O  O     . LEU A 1 144 ? -6.217  11.820  -4.941  1.00 13.47 ? 144 LEU A O     1 
ATOM   1168 C  CB    . LEU A 1 144 ? -6.083  13.007  -1.824  1.00 13.39 ? 144 LEU A CB    1 
ATOM   1169 C  CG    . LEU A 1 144 ? -5.190  12.930  -0.585  1.00 14.11 ? 144 LEU A CG    1 
ATOM   1170 C  CD1   . LEU A 1 144 ? -6.048  13.010  0.661   1.00 14.24 ? 144 LEU A CD1   1 
ATOM   1171 C  CD2   . LEU A 1 144 ? -4.366  11.653  -0.565  1.00 15.30 ? 144 LEU A CD2   1 
ATOM   1172 N  N     . ARG A 1 145 ? -7.087  13.886  -4.740  1.00 16.29 ? 145 ARG A N     1 
ATOM   1173 C  CA    . ARG A 1 145 ? -8.003  13.732  -5.902  1.00 18.39 ? 145 ARG A CA    1 
ATOM   1174 C  C     . ARG A 1 145 ? -7.188  13.580  -7.186  1.00 15.68 ? 145 ARG A C     1 
ATOM   1175 O  O     . ARG A 1 145 ? -7.551  12.736  -8.036  1.00 16.28 ? 145 ARG A O     1 
ATOM   1176 C  CB    . ARG A 1 145 ? -8.984  14.907  -5.957  1.00 21.24 ? 145 ARG A CB    1 
ATOM   1177 C  CG    . ARG A 1 145 ? -10.027 14.877  -4.842  1.00 25.89 ? 145 ARG A CG    1 
ATOM   1178 C  CD    . ARG A 1 145 ? -10.743 13.546  -4.757  1.00 30.83 ? 145 ARG A CD    1 
ATOM   1179 N  NE    . ARG A 1 145 ? -11.884 13.531  -3.857  1.00 37.15 ? 145 ARG A NE    1 
ATOM   1180 C  CZ    . ARG A 1 145 ? -12.725 12.505  -3.726  1.00 36.20 ? 145 ARG A CZ    1 
ATOM   1181 N  NH1   . ARG A 1 145 ? -13.730 12.584  -2.876  1.00 36.19 ? 145 ARG A NH1   1 
ATOM   1182 N  NH2   . ARG A 1 145 ? -12.562 11.415  -4.449  1.00 36.81 ? 145 ARG A NH2   1 
ATOM   1183 N  N     . ARG A 1 146 ? -6.076  14.303  -7.322  1.00 15.11 ? 146 ARG A N     1 
ATOM   1184 C  CA    . ARG A 1 146 ? -5.174  14.139  -8.489  1.00 16.60 ? 146 ARG A CA    1 
ATOM   1185 C  C     . ARG A 1 146 ? -4.634  12.706  -8.517  1.00 15.89 ? 146 ARG A C     1 
ATOM   1186 O  O     . ARG A 1 146 ? -4.614  12.067  -9.582  1.00 17.16 ? 146 ARG A O     1 
ATOM   1187 C  CB    . ARG A 1 146 ? -4.040  15.154  -8.426  1.00 17.37 ? 146 ARG A CB    1 
ATOM   1188 C  CG    . ARG A 1 146 ? -3.137  15.128  -9.648  1.00 18.97 ? 146 ARG A CG    1 
ATOM   1189 C  CD    . ARG A 1 146 ? -1.875  15.945  -9.459  1.00 20.95 ? 146 ARG A CD    1 
ATOM   1190 N  NE    . ARG A 1 146 ? -2.287  17.321  -9.379  1.00 19.92 ? 146 ARG A NE    1 
ATOM   1191 C  CZ    . ARG A 1 146 ? -1.968  18.178  -8.401  1.00 18.95 ? 146 ARG A CZ    1 
ATOM   1192 N  NH1   . ARG A 1 146 ? -1.194  17.810  -7.406  1.00 20.93 ? 146 ARG A NH1   1 
ATOM   1193 N  NH2   . ARG A 1 146 ? -2.468  19.396  -8.448  1.00 21.08 ? 146 ARG A NH2   1 
ATOM   1194 N  N     . ASN A 1 147 ? -4.295  12.185  -7.344  1.00 13.09 ? 147 ASN A N     1 
ATOM   1195 C  CA    . ASN A 1 147 ? -3.622  10.875  -7.281  1.00 13.26 ? 147 ASN A CA    1 
ATOM   1196 C  C     . ASN A 1 147 ? -4.657  9.763   -7.498  1.00 13.58 ? 147 ASN A C     1 
ATOM   1197 O  O     . ASN A 1 147 ? -4.224  8.720   -7.956  1.00 13.34 ? 147 ASN A O     1 
ATOM   1198 C  CB    . ASN A 1 147 ? -2.770  10.694  -6.028  1.00 13.28 ? 147 ASN A CB    1 
ATOM   1199 C  CG    . ASN A 1 147 ? -1.389  11.258  -6.250  1.00 12.52 ? 147 ASN A CG    1 
ATOM   1200 O  OD1   . ASN A 1 147 ? -0.425  10.509  -6.445  1.00 14.21 ? 147 ASN A OD1   1 
ATOM   1201 N  ND2   . ASN A 1 147 ? -1.295  12.591  -6.177  1.00 14.29 ? 147 ASN A ND2   1 
ATOM   1202 N  N     . VAL A 1 148 ? -5.921  9.942   -7.135  1.00 12.68 ? 148 VAL A N     1 
ATOM   1203 C  CA    . VAL A 1 148 ? -7.006  8.996   -7.497  1.00 13.48 ? 148 VAL A CA    1 
ATOM   1204 C  C     . VAL A 1 148 ? -7.019  8.887   -9.021  1.00 14.95 ? 148 VAL A C     1 
ATOM   1205 O  O     . VAL A 1 148 ? -7.017  7.777   -9.554  1.00 15.61 ? 148 VAL A O     1 
ATOM   1206 C  CB    . VAL A 1 148 ? -8.382  9.424   -6.967  1.00 14.73 ? 148 VAL A CB    1 
ATOM   1207 C  CG1   . VAL A 1 148 ? -9.509  8.621   -7.595  1.00 16.55 ? 148 VAL A CG1   1 
ATOM   1208 C  CG2   . VAL A 1 148 ? -8.440  9.360   -5.448  1.00 14.60 ? 148 VAL A CG2   1 
ATOM   1209 N  N     . ASP A 1 149 ? -7.027  10.027  -9.699  1.00 15.41 ? 149 ASP A N     1 
ATOM   1210 C  CA    . ASP A 1 149 ? -7.040  10.017  -11.189 1.00 17.98 ? 149 ASP A CA    1 
ATOM   1211 C  C     . ASP A 1 149 ? -5.789  9.359   -11.746 1.00 17.15 ? 149 ASP A C     1 
ATOM   1212 O  O     . ASP A 1 149 ? -5.911  8.609   -12.716 1.00 18.07 ? 149 ASP A O     1 
ATOM   1213 C  CB    . ASP A 1 149 ? -7.227  11.439  -11.708 1.00 20.18 ? 149 ASP A CB    1 
ATOM   1214 C  CG    . ASP A 1 149 ? -8.627  11.974  -11.494 1.00 26.81 ? 149 ASP A CG    1 
ATOM   1215 O  OD1   . ASP A 1 149 ? -9.569  11.170  -11.315 0.44 25.67 ? 149 ASP A OD1   1 
ATOM   1216 O  OD2   . ASP A 1 149 ? -8.760  13.223  -11.515 1.00 32.44 ? 149 ASP A OD2   1 
ATOM   1217 N  N     . ILE A 1 150 ? -4.601  9.639   -11.226 1.00 16.01 ? 150 ILE A N     1 
ATOM   1218 C  CA    . ILE A 1 150 ? -3.347  8.992   -11.690 1.00 14.83 ? 150 ILE A CA    1 
ATOM   1219 C  C     . ILE A 1 150 ? -3.442  7.474   -11.482 1.00 15.87 ? 150 ILE A C     1 
ATOM   1220 O  O     . ILE A 1 150 ? -3.083  6.696   -12.336 1.00 15.55 ? 150 ILE A O     1 
ATOM   1221 C  CB    . ILE A 1 150 ? -2.132  9.539   -10.955 1.00 16.79 ? 150 ILE A CB    1 
ATOM   1222 C  CG1   . ILE A 1 150 ? -1.942  11.035  -11.272 1.00 18.39 ? 150 ILE A CG1   1 
ATOM   1223 C  CG2   . ILE A 1 150 ? -0.888  8.732   -11.237 1.00 17.55 ? 150 ILE A CG2   1 
ATOM   1224 C  CD1   . ILE A 1 150 ? -0.951  11.721  -10.417 1.00 18.89 ? 150 ILE A CD1   1 
ATOM   1225 N  N     . LEU A 1 151 ? -3.845  7.048   -10.317 1.00 15.49 ? 151 LEU A N     1 
ATOM   1226 C  CA    . LEU A 1 151 ? -3.929  5.615   -10.012 1.00 15.62 ? 151 LEU A CA    1 
ATOM   1227 C  C     . LEU A 1 151 ? -4.948  4.936   -10.959 1.00 15.99 ? 151 LEU A C     1 
ATOM   1228 O  O     . LEU A 1 151 ? -4.613  3.855   -11.469 1.00 15.50 ? 151 LEU A O     1 
ATOM   1229 C  CB    . LEU A 1 151 ? -4.280  5.543   -8.521  1.00 17.95 ? 151 LEU A CB    1 
ATOM   1230 C  CG    . LEU A 1 151 ? -4.474  4.182   -7.891  1.00 20.63 ? 151 LEU A CG    1 
ATOM   1231 C  CD1   . LEU A 1 151 ? -3.238  3.350   -8.090  1.00 20.18 ? 151 LEU A CD1   1 
ATOM   1232 C  CD2   . LEU A 1 151 ? -4.763  4.381   -6.409  1.00 21.22 ? 151 LEU A CD2   1 
ATOM   1233 N  N     . GLN A 1 152 ? -6.090  5.553   -11.259 1.00 14.97 ? 152 GLN A N     1 
ATOM   1234 C  CA    . GLN A 1 152 ? -7.070  4.938   -12.211 1.00 16.23 ? 152 GLN A CA    1 
ATOM   1235 C  C     . GLN A 1 152 ? -6.407  4.807   -13.580 1.00 17.58 ? 152 GLN A C     1 
ATOM   1236 O  O     . GLN A 1 152 ? -6.586  3.767   -14.245 1.00 17.62 ? 152 GLN A O     1 
ATOM   1237 C  CB    . GLN A 1 152 ? -8.381  5.689   -12.229 1.00 18.88 ? 152 GLN A CB    1 
ATOM   1238 C  CG    . GLN A 1 152 ? -9.078  5.543   -10.890 1.00 18.96 ? 152 GLN A CG    1 
ATOM   1239 C  CD    . GLN A 1 152 ? -10.330 6.361   -10.804 1.00 21.90 ? 152 GLN A CD    1 
ATOM   1240 O  OE1   . GLN A 1 152 ? -10.598 7.192   -11.665 1.00 29.19 ? 152 GLN A OE1   1 
ATOM   1241 N  NE2   . GLN A 1 152 ? -11.112 6.090   -9.777  1.00 21.95 ? 152 GLN A NE2   1 
ATOM   1242 N  N     . GLN A 1 153 ? -5.626  5.796   -13.992 1.00 18.08 ? 153 GLN A N     1 
ATOM   1243 C  CA    . GLN A 1 153 ? -4.931  5.726   -15.308 1.00 18.74 ? 153 GLN A CA    1 
ATOM   1244 C  C     . GLN A 1 153 ? -3.881  4.610   -15.273 1.00 19.02 ? 153 GLN A C     1 
ATOM   1245 O  O     . GLN A 1 153 ? -3.841  3.823   -16.260 1.00 19.23 ? 153 GLN A O     1 
ATOM   1246 C  CB    . GLN A 1 153 ? -4.440  7.114   -15.734 1.00 23.03 ? 153 GLN A CB    1 
ATOM   1247 C  CG    . GLN A 1 153 ? -5.559  8.147   -15.883 1.00 23.75 ? 153 GLN A CG    1 
ATOM   1248 C  CD    . GLN A 1 153 ? -6.671  7.886   -16.886 1.00 29.92 ? 153 GLN A CD    1 
ATOM   1249 O  OE1   . GLN A 1 153 ? -6.457  7.844   -18.095 1.00 29.69 ? 153 GLN A OE1   1 
ATOM   1250 N  NE2   . GLN A 1 153 ? -7.897  7.742   -16.410 1.00 32.56 ? 153 GLN A NE2   1 
ATOM   1251 N  N     . TRP A 1 154 ? -3.093  4.453   -14.191 1.00 15.68 ? 154 TRP A N     1 
ATOM   1252 C  CA    . TRP A 1 154 ? -2.094  3.345   -14.065 1.00 15.44 ? 154 TRP A CA    1 
ATOM   1253 C  C     . TRP A 1 154 ? -2.800  2.005   -14.191 1.00 15.12 ? 154 TRP A C     1 
ATOM   1254 O  O     . TRP A 1 154 ? -2.210  1.072   -14.774 1.00 16.04 ? 154 TRP A O     1 
ATOM   1255 C  CB    . TRP A 1 154 ? -1.322  3.384   -12.747 1.00 15.40 ? 154 TRP A CB    1 
ATOM   1256 C  CG    . TRP A 1 154 ? -0.231  4.402   -12.623 1.00 15.43 ? 154 TRP A CG    1 
ATOM   1257 C  CD1   . TRP A 1 154 ? -0.142  5.628   -13.207 1.00 18.43 ? 154 TRP A CD1   1 
ATOM   1258 C  CD2   . TRP A 1 154 ? 0.943   4.245   -11.821 1.00 16.53 ? 154 TRP A CD2   1 
ATOM   1259 N  NE1   . TRP A 1 154 ? 1.012   6.258   -12.798 1.00 17.81 ? 154 TRP A NE1   1 
ATOM   1260 C  CE2   . TRP A 1 154 ? 1.697   5.425   -11.952 1.00 18.52 ? 154 TRP A CE2   1 
ATOM   1261 C  CE3   . TRP A 1 154 ? 1.411   3.235   -10.969 1.00 17.55 ? 154 TRP A CE3   1 
ATOM   1262 C  CZ2   . TRP A 1 154 ? 2.916   5.589   -11.285 1.00 18.35 ? 154 TRP A CZ2   1 
ATOM   1263 C  CZ3   . TRP A 1 154 ? 2.613   3.399   -10.313 1.00 18.63 ? 154 TRP A CZ3   1 
ATOM   1264 C  CH2   . TRP A 1 154 ? 3.325   4.595   -10.428 1.00 18.68 ? 154 TRP A CH2   1 
ATOM   1265 N  N     . ILE A 1 155 ? -3.954  1.850   -13.551 1.00 13.58 ? 155 ILE A N     1 
ATOM   1266 C  CA    . ILE A 1 155 ? -4.711  0.567   -13.584 1.00 13.39 ? 155 ILE A CA    1 
ATOM   1267 C  C     . ILE A 1 155 ? -5.136  0.330   -15.043 1.00 14.83 ? 155 ILE A C     1 
ATOM   1268 O  O     . ILE A 1 155 ? -4.913  -0.784  -15.529 1.00 15.74 ? 155 ILE A O     1 
ATOM   1269 C  CB    . ILE A 1 155 ? -5.882  0.615   -12.597 1.00 14.41 ? 155 ILE A CB    1 
ATOM   1270 C  CG1   . ILE A 1 155 ? -5.390  0.659   -11.144 1.00 14.67 ? 155 ILE A CG1   1 
ATOM   1271 C  CG2   . ILE A 1 155 ? -6.818  -0.539  -12.867 1.00 14.95 ? 155 ILE A CG2   1 
ATOM   1272 C  CD1   . ILE A 1 155 ? -6.388  1.162   -10.150 1.00 14.26 ? 155 ILE A CD1   1 
ATOM   1273 N  N     . GLU A 1 156 ? -5.751  1.315   -15.677 1.00 14.98 ? 156 GLU A N     1 
ATOM   1274 C  CA    . GLU A 1 156 ? -6.224  1.149   -17.079 1.00 18.27 ? 156 GLU A CA    1 
ATOM   1275 C  C     . GLU A 1 156 ? -5.050  0.833   -17.994 1.00 17.63 ? 156 GLU A C     1 
ATOM   1276 O  O     . GLU A 1 156 ? -5.265  0.020   -18.918 1.00 19.70 ? 156 GLU A O     1 
ATOM   1277 C  CB    . GLU A 1 156 ? -6.961  2.414   -17.518 1.00 20.26 ? 156 GLU A CB    1 
ATOM   1278 C  CG    . GLU A 1 156 ? -8.259  2.652   -16.794 1.00 26.32 ? 156 GLU A CG    1 
ATOM   1279 C  CD    . GLU A 1 156 ? -8.554  4.150   -16.655 1.00 33.25 ? 156 GLU A CD    1 
ATOM   1280 O  OE1   . GLU A 1 156 ? -9.525  4.534   -15.931 1.00 34.03 ? 156 GLU A OE1   1 
ATOM   1281 O  OE2   . GLU A 1 156 ? -7.771  4.956   -17.223 1.00 39.71 ? 156 GLU A OE2   1 
ATOM   1282 N  N     . GLN A 1 157 ? -3.881  1.451   -17.828 1.00 16.94 ? 157 GLN A N     1 
ATOM   1283 C  CA    . GLN A 1 157 ? -2.698  1.275   -18.709 1.00 19.43 ? 157 GLN A CA    1 
ATOM   1284 C  C     . GLN A 1 157 ? -1.877  0.026   -18.342 1.00 20.75 ? 157 GLN A C     1 
ATOM   1285 O  O     . GLN A 1 157 ? -0.939  -0.318  -19.095 1.00 25.52 ? 157 GLN A O     1 
ATOM   1286 C  CB    . GLN A 1 157 ? -1.835  2.534   -18.676 1.00 19.63 ? 157 GLN A CB    1 
ATOM   1287 C  CG    . GLN A 1 157 ? -2.583  3.779   -19.127 1.00 21.82 ? 157 GLN A CG    1 
ATOM   1288 C  CD    . GLN A 1 157 ? -1.832  5.031   -18.754 1.00 27.38 ? 157 GLN A CD    1 
ATOM   1289 O  OE1   . GLN A 1 157 ? -0.718  4.969   -18.257 1.00 38.68 ? 157 GLN A OE1   1 
ATOM   1290 N  NE2   . GLN A 1 157 ? -2.436  6.170   -19.013 1.00 24.98 ? 157 GLN A NE2   1 
ATOM   1291 N  N     . LYS A 1 158 ? -2.144  -0.608  -17.205 1.00 20.56 ? 158 LYS A N     1 
ATOM   1292 C  CA    . LYS A 1 158 ? -1.338  -1.734  -16.659 1.00 21.86 ? 158 LYS A CA    1 
ATOM   1293 C  C     . LYS A 1 158 ? 0.096   -1.254  -16.434 1.00 21.10 ? 158 LYS A C     1 
ATOM   1294 O  O     . LYS A 1 158 ? 1.082   -1.930  -16.795 1.00 24.98 ? 158 LYS A O     1 
ATOM   1295 C  CB    . LYS A 1 158 ? -1.499  -2.965  -17.549 1.00 27.18 ? 158 LYS A CB    1 
ATOM   1296 C  CG    . LYS A 1 158 ? -2.955  -3.392  -17.625 1.00 28.05 ? 158 LYS A CG    1 
ATOM   1297 C  CD    . LYS A 1 158 ? -3.230  -4.742  -18.177 1.00 34.92 ? 158 LYS A CD    1 
ATOM   1298 C  CE    . LYS A 1 158 ? -4.406  -5.385  -17.468 1.00 37.00 ? 158 LYS A CE    1 
ATOM   1299 N  NZ    . LYS A 1 158 ? -5.648  -4.587  -17.608 1.00 35.68 ? 158 LYS A NZ    1 
ATOM   1300 N  N     . LYS A 1 159 ? 0.224   -0.115  -15.767 1.00 21.94 ? 159 LYS A N     1 
ATOM   1301 C  CA    . LYS A 1 159 ? 1.522   0.512   -15.452 1.00 22.88 ? 159 LYS A CA    1 
ATOM   1302 C  C     . LYS A 1 159 ? 1.998   0.057   -14.062 1.00 20.26 ? 159 LYS A C     1 
ATOM   1303 O  O     . LYS A 1 159 ? 1.168   -0.207  -13.185 1.00 18.08 ? 159 LYS A O     1 
ATOM   1304 C  CB    . LYS A 1 159 ? 1.284   2.016   -15.494 1.00 24.83 ? 159 LYS A CB    1 
ATOM   1305 C  CG    . LYS A 1 159 ? 2.512   2.880   -15.467 1.00 29.15 ? 159 LYS A CG    1 
ATOM   1306 C  CD    . LYS A 1 159 ? 2.248   4.197   -16.166 1.00 33.39 ? 159 LYS A CD    1 
ATOM   1307 C  CE    . LYS A 1 159 ? 3.481   5.070   -16.161 0.75 35.34 ? 159 LYS A CE    1 
ATOM   1308 N  NZ    . LYS A 1 159 ? 3.985   5.295   -14.788 0.60 37.56 ? 159 LYS A NZ    1 
ATOM   1309 N  N     . GLY A 1 160 ? 3.305   0.027   -13.821 1.00 20.97 ? 160 GLY A N     1 
ATOM   1310 C  CA    . GLY A 1 160 ? 3.840   -0.240  -12.478 1.00 19.86 ? 160 GLY A CA    1 
ATOM   1311 C  C     . GLY A 1 160 ? 3.399   -1.588  -11.940 1.00 17.17 ? 160 GLY A C     1 
ATOM   1312 O  O     . GLY A 1 160 ? 3.513   -2.607  -12.639 1.00 16.82 ? 160 GLY A O     1 
ATOM   1313 N  N     . PRO A 1 161 ? 2.804   -1.663  -10.717 1.00 15.96 ? 161 PRO A N     1 
ATOM   1314 C  CA    . PRO A 1 161 ? 2.463   -2.949  -10.126 1.00 16.76 ? 161 PRO A CA    1 
ATOM   1315 C  C     . PRO A 1 161 ? 1.275   -3.590  -10.838 1.00 14.47 ? 161 PRO A C     1 
ATOM   1316 O  O     . PRO A 1 161 ? 0.987   -4.713  -10.627 1.00 15.56 ? 161 PRO A O     1 
ATOM   1317 C  CB    . PRO A 1 161 ? 2.154   -2.612  -8.656  1.00 18.06 ? 161 PRO A CB    1 
ATOM   1318 C  CG    . PRO A 1 161 ? 1.717   -1.160  -8.686  1.00 18.16 ? 161 PRO A CG    1 
ATOM   1319 C  CD    . PRO A 1 161 ? 2.450   -0.513  -9.833  1.00 16.36 ? 161 PRO A CD    1 
ATOM   1320 N  N     . PHE A 1 162 ? 0.587   -2.848  -11.698 1.00 15.01 ? 162 PHE A N     1 
ATOM   1321 C  CA    . PHE A 1 162 ? -0.573  -3.371  -12.463 1.00 14.00 ? 162 PHE A CA    1 
ATOM   1322 C  C     . PHE A 1 162 ? -0.124  -4.063  -13.763 1.00 14.42 ? 162 PHE A C     1 
ATOM   1323 O  O     . PHE A 1 162 ? -0.992  -4.583  -14.476 1.00 16.44 ? 162 PHE A O     1 
ATOM   1324 C  CB    . PHE A 1 162 ? -1.565  -2.228  -12.737 1.00 13.21 ? 162 PHE A CB    1 
ATOM   1325 C  CG    . PHE A 1 162 ? -1.990  -1.524  -11.478 1.00 12.51 ? 162 PHE A CG    1 
ATOM   1326 C  CD1   . PHE A 1 162 ? -2.728  -2.178  -10.499 1.00 13.27 ? 162 PHE A CD1   1 
ATOM   1327 C  CD2   . PHE A 1 162 ? -1.582  -0.217  -11.257 1.00 13.17 ? 162 PHE A CD2   1 
ATOM   1328 C  CE1   . PHE A 1 162 ? -3.028  -1.504  -9.317  1.00 12.40 ? 162 PHE A CE1   1 
ATOM   1329 C  CE2   . PHE A 1 162 ? -1.848  0.431   -10.066 1.00 12.70 ? 162 PHE A CE2   1 
ATOM   1330 C  CZ    . PHE A 1 162 ? -2.589  -0.219  -9.121  1.00 13.51 ? 162 PHE A CZ    1 
ATOM   1331 N  N     . ALA A 1 163 ? 1.151   -4.026  -14.080 1.00 14.41 ? 163 ALA A N     1 
ATOM   1332 C  CA    . ALA A 1 163 ? 1.690   -4.751  -15.260 1.00 16.58 ? 163 ALA A CA    1 
ATOM   1333 C  C     . ALA A 1 163 ? 1.679   -6.248  -14.962 1.00 17.28 ? 163 ALA A C     1 
ATOM   1334 O  O     . ALA A 1 163 ? 2.229   -6.690  -13.964 1.00 15.34 ? 163 ALA A O     1 
ATOM   1335 C  CB    . ALA A 1 163 ? 3.065   -4.232  -15.565 1.00 16.78 ? 163 ALA A CB    1 
ATOM   1336 N  N     . PRO A 1 164 ? 1.097   -7.127  -15.812 1.00 19.50 ? 164 PRO A N     1 
ATOM   1337 C  CA    . PRO A 1 164 ? 1.218   -8.571  -15.578 1.00 20.35 ? 164 PRO A CA    1 
ATOM   1338 C  C     . PRO A 1 164 ? 2.671   -9.037  -15.397 1.00 19.13 ? 164 PRO A C     1 
ATOM   1339 O  O     . PRO A 1 164 ? 2.862   -9.893  -14.561 1.00 19.93 ? 164 PRO A O     1 
ATOM   1340 C  CB    . PRO A 1 164 ? 0.556   -9.140  -16.827 1.00 23.11 ? 164 PRO A CB    1 
ATOM   1341 C  CG    . PRO A 1 164 ? -0.516  -8.120  -17.100 1.00 25.40 ? 164 PRO A CG    1 
ATOM   1342 C  CD    . PRO A 1 164 ? 0.237   -6.817  -16.967 1.00 22.71 ? 164 PRO A CD    1 
ATOM   1343 N  N     . ASP A 1 165 ? 3.638   -8.442  -16.091 1.00 19.42 ? 165 ASP A N     1 
ATOM   1344 C  CA    . ASP A 1 165 ? 5.063   -8.863  -15.987 1.00 20.73 ? 165 ASP A CA    1 
ATOM   1345 C  C     . ASP A 1 165 ? 5.620   -8.484  -14.617 1.00 20.21 ? 165 ASP A C     1 
ATOM   1346 O  O     . ASP A 1 165 ? 6.455   -9.216  -14.083 1.00 19.97 ? 165 ASP A O     1 
ATOM   1347 C  CB    . ASP A 1 165 ? 5.921   -8.266  -17.096 1.00 26.44 ? 165 ASP A CB    1 
ATOM   1348 C  CG    . ASP A 1 165 ? 5.745   -8.969  -18.432 1.00 30.65 ? 165 ASP A CG    1 
ATOM   1349 O  OD1   . ASP A 1 165 ? 5.112   -10.052 -18.459 1.00 32.87 ? 165 ASP A OD1   1 
ATOM   1350 O  OD2   . ASP A 1 165 ? 6.241   -8.403  -19.430 1.00 37.65 ? 165 ASP A OD2   1 
ATOM   1351 N  N     . PHE A 1 166 ? 5.163   -7.367  -14.051 1.00 18.15 ? 166 PHE A N     1 
ATOM   1352 C  CA    . PHE A 1 166 ? 5.550   -6.975  -12.670 1.00 17.04 ? 166 PHE A CA    1 
ATOM   1353 C  C     . PHE A 1 166 ? 5.181   -8.103  -11.709 1.00 16.29 ? 166 PHE A C     1 
ATOM   1354 O  O     . PHE A 1 166 ? 6.051   -8.570  -10.937 1.00 17.37 ? 166 PHE A O     1 
ATOM   1355 C  CB    . PHE A 1 166 ? 4.838   -5.675  -12.275 1.00 15.85 ? 166 PHE A CB    1 
ATOM   1356 C  CG    . PHE A 1 166 ? 5.073   -5.242  -10.856 1.00 15.94 ? 166 PHE A CG    1 
ATOM   1357 C  CD1   . PHE A 1 166 ? 6.017   -4.280  -10.577 1.00 16.78 ? 166 PHE A CD1   1 
ATOM   1358 C  CD2   . PHE A 1 166 ? 4.391   -5.869  -9.819  1.00 16.76 ? 166 PHE A CD2   1 
ATOM   1359 C  CE1   . PHE A 1 166 ? 6.239   -3.863  -9.274  1.00 16.92 ? 166 PHE A CE1   1 
ATOM   1360 C  CE2   . PHE A 1 166 ? 4.615   -5.454  -8.512  1.00 17.27 ? 166 PHE A CE2   1 
ATOM   1361 C  CZ    . PHE A 1 166 ? 5.553   -4.479  -8.253  1.00 16.43 ? 166 PHE A CZ    1 
ATOM   1362 N  N     . ILE A 1 167 ? 3.943   -8.584  -11.769 1.00 17.33 ? 167 ILE A N     1 
ATOM   1363 C  CA    . ILE A 1 167 ? 3.427   -9.681  -10.909 1.00 19.25 ? 167 ILE A CA    1 
ATOM   1364 C  C     . ILE A 1 167 ? 4.287   -10.937 -11.119 1.00 20.43 ? 167 ILE A C     1 
ATOM   1365 O  O     . ILE A 1 167 ? 4.641   -11.563 -10.124 1.00 22.38 ? 167 ILE A O     1 
ATOM   1366 C  CB    . ILE A 1 167 ? 1.944   -9.974  -11.219 1.00 23.84 ? 167 ILE A CB    1 
ATOM   1367 C  CG1   . ILE A 1 167 ? 1.049   -8.787  -10.877 1.00 25.68 ? 167 ILE A CG1   1 
ATOM   1368 C  CG2   . ILE A 1 167 ? 1.512   -11.244 -10.505 1.00 26.29 ? 167 ILE A CG2   1 
ATOM   1369 C  CD1   . ILE A 1 167 ? 1.135   -8.340  -9.438  1.00 27.79 ? 167 ILE A CD1   1 
ATOM   1370 N  N     . LYS A 1 168 ? 4.560   -11.303 -12.367 1.00 20.67 ? 168 LYS A N     1 
ATOM   1371 C  CA    . LYS A 1 168 ? 5.330   -12.546 -12.656 1.00 20.01 ? 168 LYS A CA    1 
ATOM   1372 C  C     . LYS A 1 168 ? 6.689   -12.422 -11.985 1.00 19.60 ? 168 LYS A C     1 
ATOM   1373 O  O     . LYS A 1 168 ? 7.086   -13.365 -11.232 1.00 22.40 ? 168 LYS A O     1 
ATOM   1374 C  CB    . LYS A 1 168 ? 5.445   -12.766 -14.168 1.00 22.03 ? 168 LYS A CB    1 
ATOM   1375 C  CG    . LYS A 1 168 ? 4.162   -13.281 -14.795 1.00 23.62 ? 168 LYS A CG    1 
ATOM   1376 C  CD    . LYS A 1 168 ? 4.138   -13.195 -16.288 1.00 29.98 ? 168 LYS A CD    1 
ATOM   1377 C  CE    . LYS A 1 168 ? 2.793   -13.583 -16.873 1.00 35.97 ? 168 LYS A CE    1 
ATOM   1378 N  NZ    . LYS A 1 168 ? 2.908   -13.818 -18.333 1.00 41.21 ? 168 LYS A NZ    1 
ATOM   1379 N  N     . VAL A 1 169 ? 7.379   -11.325 -12.230 1.00 17.94 ? 169 VAL A N     1 
ATOM   1380 C  CA    . VAL A 1 169 ? 8.776   -11.140 -11.746 1.00 18.02 ? 169 VAL A CA    1 
ATOM   1381 C  C     . VAL A 1 169 ? 8.779   -11.204 -10.211 1.00 20.32 ? 169 VAL A C     1 
ATOM   1382 O  O     . VAL A 1 169 ? 9.534   -12.032 -9.604  1.00 19.75 ? 169 VAL A O     1 
ATOM   1383 C  CB    . VAL A 1 169 ? 9.407   -9.852  -12.310 1.00 19.87 ? 169 VAL A CB    1 
ATOM   1384 C  CG1   . VAL A 1 169 ? 10.702  -9.485  -11.589 1.00 20.39 ? 169 VAL A CG1   1 
ATOM   1385 C  CG2   . VAL A 1 169 ? 9.660   -9.983  -13.818 1.00 21.26 ? 169 VAL A CG2   1 
ATOM   1386 N  N     . TRP A 1 170 ? 7.935   -10.397 -9.554  1.00 18.36 ? 170 TRP A N     1 
ATOM   1387 C  CA    . TRP A 1 170 ? 8.092   -10.214 -8.094  1.00 18.72 ? 170 TRP A CA    1 
ATOM   1388 C  C     . TRP A 1 170 ? 7.473   -11.376 -7.319  1.00 18.10 ? 170 TRP A C     1 
ATOM   1389 O  O     . TRP A 1 170 ? 8.016   -11.701 -6.280  1.00 18.22 ? 170 TRP A O     1 
ATOM   1390 C  CB    . TRP A 1 170 ? 7.639   -8.794  -7.652  1.00 17.79 ? 170 TRP A CB    1 
ATOM   1391 C  CG    . TRP A 1 170 ? 8.445   -7.715  -8.287  1.00 17.60 ? 170 TRP A CG    1 
ATOM   1392 C  CD1   . TRP A 1 170 ? 8.071   -6.776  -9.215  1.00 18.65 ? 170 TRP A CD1   1 
ATOM   1393 C  CD2   . TRP A 1 170 ? 9.838   -7.482  -8.059  1.00 17.43 ? 170 TRP A CD2   1 
ATOM   1394 N  NE1   . TRP A 1 170 ? 9.134   -5.999  -9.581  1.00 20.55 ? 170 TRP A NE1   1 
ATOM   1395 C  CE2   . TRP A 1 170 ? 10.236  -6.401  -8.878  1.00 19.15 ? 170 TRP A CE2   1 
ATOM   1396 C  CE3   . TRP A 1 170 ? 10.766  -8.075  -7.196  1.00 19.19 ? 170 TRP A CE3   1 
ATOM   1397 C  CZ2   . TRP A 1 170 ? 11.538  -5.927  -8.893  1.00 20.50 ? 170 TRP A CZ2   1 
ATOM   1398 C  CZ3   . TRP A 1 170 ? 12.061  -7.615  -7.230  1.00 20.19 ? 170 TRP A CZ3   1 
ATOM   1399 C  CH2   . TRP A 1 170 ? 12.431  -6.547  -8.047  1.00 20.44 ? 170 TRP A CH2   1 
ATOM   1400 N  N     . LYS A 1 171 ? 6.412   -12.009 -7.807  1.00 18.20 ? 171 LYS A N     1 
ATOM   1401 C  CA    . LYS A 1 171 ? 5.776   -13.192 -7.168  1.00 21.04 ? 171 LYS A CA    1 
ATOM   1402 C  C     . LYS A 1 171 ? 6.820   -14.313 -7.173  1.00 22.08 ? 171 LYS A C     1 
ATOM   1403 O  O     . LYS A 1 171 ? 7.058   -14.873 -6.118  1.00 23.30 ? 171 LYS A O     1 
ATOM   1404 C  CB    . LYS A 1 171 ? 4.495   -13.607 -7.897  1.00 23.04 ? 171 LYS A CB    1 
ATOM   1405 C  CG    . LYS A 1 171 ? 3.825   -14.897 -7.447  1.00 27.13 ? 171 LYS A CG    1 
ATOM   1406 C  CD    . LYS A 1 171 ? 2.655   -15.282 -8.344  0.72 31.87 ? 171 LYS A CD    1 
ATOM   1407 C  CE    . LYS A 1 171 ? 2.287   -16.746 -8.258  1.00 36.82 ? 171 LYS A CE    1 
ATOM   1408 N  NZ    . LYS A 1 171 ? 0.859   -16.966 -8.580  0.66 35.99 ? 171 LYS A NZ    1 
ATOM   1409 N  N     . GLU A 1 172 ? 7.502   -14.511 -8.300  1.00 23.90 ? 172 GLU A N     1 
ATOM   1410 C  CA    . GLU A 1 172 ? 8.552   -15.563 -8.401  1.00 24.66 ? 172 GLU A CA    1 
ATOM   1411 C  C     . GLU A 1 172 ? 9.739   -15.199 -7.502  1.00 24.09 ? 172 GLU A C     1 
ATOM   1412 O  O     . GLU A 1 172 ? 10.287  -16.103 -6.821  1.00 25.50 ? 172 GLU A O     1 
ATOM   1413 C  CB    . GLU A 1 172 ? 8.945   -15.725 -9.865  1.00 26.72 ? 172 GLU A CB    1 
ATOM   1414 C  CG    . GLU A 1 172 ? 7.835   -16.345 -10.695 1.00 30.15 ? 172 GLU A CG    1 
ATOM   1415 C  CD    . GLU A 1 172 ? 7.413   -17.732 -10.243 1.00 35.67 ? 172 GLU A CD    1 
ATOM   1416 O  OE1   . GLU A 1 172 ? 8.277   -18.456 -9.695  1.00 36.71 ? 172 GLU A OE1   1 
ATOM   1417 O  OE2   . GLU A 1 172 ? 6.225   -18.087 -10.445 1.00 46.26 ? 172 GLU A OE2   1 
ATOM   1418 N  N     . ARG A 1 173 ? 10.157  -13.943 -7.480  1.00 21.77 ? 173 ARG A N     1 
ATOM   1419 C  CA    . ARG A 1 173 ? 11.306  -13.490 -6.660  1.00 20.99 ? 173 ARG A CA    1 
ATOM   1420 C  C     . ARG A 1 173 ? 10.987  -13.729 -5.174  1.00 23.57 ? 173 ARG A C     1 
ATOM   1421 O  O     . ARG A 1 173 ? 11.856  -14.204 -4.441  1.00 21.95 ? 173 ARG A O     1 
ATOM   1422 C  CB    . ARG A 1 173 ? 11.621  -12.035 -6.988  1.00 26.02 ? 173 ARG A CB    1 
ATOM   1423 C  CG    . ARG A 1 173 ? 12.734  -11.417 -6.167  1.00 30.11 ? 173 ARG A CG    1 
ATOM   1424 C  CD    . ARG A 1 173 ? 14.047  -12.158 -6.324  0.72 35.25 ? 173 ARG A CD    1 
ATOM   1425 N  NE    . ARG A 1 173 ? 14.984  -11.597 -5.366  0.58 36.36 ? 173 ARG A NE    1 
ATOM   1426 C  CZ    . ARG A 1 173 ? 15.909  -12.273 -4.707  1.00 38.34 ? 173 ARG A CZ    1 
ATOM   1427 N  NH1   . ARG A 1 173 ? 16.087  -13.564 -4.925  1.00 36.35 ? 173 ARG A NH1   1 
ATOM   1428 N  NH2   . ARG A 1 173 ? 16.682  -11.633 -3.849  1.00 43.25 ? 173 ARG A NH2   1 
ATOM   1429 N  N     . TYR A 1 174 ? 9.780   -13.408 -4.730  1.00 20.48 ? 174 TYR A N     1 
ATOM   1430 C  CA    . TYR A 1 174 ? 9.370   -13.629 -3.317  1.00 21.38 ? 174 TYR A CA    1 
ATOM   1431 C  C     . TYR A 1 174 ? 9.289   -15.139 -3.026  1.00 24.62 ? 174 TYR A C     1 
ATOM   1432 O  O     . TYR A 1 174 ? 9.773   -15.559 -1.947  1.00 25.94 ? 174 TYR A O     1 
ATOM   1433 C  CB    . TYR A 1 174 ? 8.099   -12.845 -3.015  1.00 20.74 ? 174 TYR A CB    1 
ATOM   1434 C  CG    . TYR A 1 174 ? 7.669   -12.948 -1.581  1.00 20.98 ? 174 TYR A CG    1 
ATOM   1435 C  CD1   . TYR A 1 174 ? 8.591   -12.813 -0.553  1.00 21.54 ? 174 TYR A CD1   1 
ATOM   1436 C  CD2   . TYR A 1 174 ? 6.352   -13.197 -1.265  1.00 24.48 ? 174 TYR A CD2   1 
ATOM   1437 C  CE1   . TYR A 1 174 ? 8.211   -12.949 0.769   1.00 23.06 ? 174 TYR A CE1   1 
ATOM   1438 C  CE2   . TYR A 1 174 ? 5.939   -13.279 0.062   1.00 26.42 ? 174 TYR A CE2   1 
ATOM   1439 C  CZ    . TYR A 1 174 ? 6.885   -13.189 1.070   1.00 24.65 ? 174 TYR A CZ    1 
ATOM   1440 O  OH    . TYR A 1 174 ? 6.467   -13.308 2.369   1.00 25.64 ? 174 TYR A OH    1 
ATOM   1441 N  N     . LYS A 1 175 ? 8.704   -15.941 -3.927  1.00 25.92 ? 175 LYS A N     1 
ATOM   1442 C  CA    . LYS A 1 175 ? 8.634   -17.413 -3.698  1.00 30.08 ? 175 LYS A CA    1 
ATOM   1443 C  C     . LYS A 1 175 ? 10.050  -17.941 -3.417  1.00 30.71 ? 175 LYS A C     1 
ATOM   1444 O  O     . LYS A 1 175 ? 10.211  -18.793 -2.472  1.00 33.08 ? 175 LYS A O     1 
ATOM   1445 C  CB    . LYS A 1 175 ? 7.945   -18.121 -4.864  1.00 34.08 ? 175 LYS A CB    1 
ATOM   1446 C  CG    . LYS A 1 175 ? 6.427   -18.186 -4.734  0.64 35.63 ? 175 LYS A CG    1 
ATOM   1447 C  CD    . LYS A 1 175 ? 5.761   -19.040 -5.786  0.48 40.05 ? 175 LYS A CD    1 
ATOM   1448 C  CE    . LYS A 1 175 ? 5.849   -18.414 -7.159  0.60 42.69 ? 175 LYS A CE    1 
ATOM   1449 N  NZ    . LYS A 1 175 ? 4.905   -19.039 -8.115  1.00 47.03 ? 175 LYS A NZ    1 
ATOM   1450 N  N     . LYS A 1 176 ? 11.055  -17.454 -4.148  1.00 31.87 ? 176 LYS A N     1 
ATOM   1451 C  CA    . LYS A 1 176 ? 12.440  -18.002 -4.059  1.00 32.71 ? 176 LYS A CA    1 
ATOM   1452 C  C     . LYS A 1 176 ? 13.031  -17.581 -2.708  1.00 37.13 ? 176 LYS A C     1 
ATOM   1453 O  O     . LYS A 1 176 ? 13.451  -18.467 -1.947  1.00 34.93 ? 176 LYS A O     1 
ATOM   1454 C  CB    . LYS A 1 176 ? 13.291  -17.588 -5.265  1.00 35.07 ? 176 LYS A CB    1 
ATOM   1455 C  CG    . LYS A 1 176 ? 13.054  -18.425 -6.522  1.00 37.78 ? 176 LYS A CG    1 
ATOM   1456 C  CD    . LYS A 1 176 ? 14.283  -18.633 -7.389  0.58 38.40 ? 176 LYS A CD    1 
ATOM   1457 C  CE    . LYS A 1 176 ? 14.177  -19.814 -8.339  0.58 40.71 ? 176 LYS A CE    1 
ATOM   1458 N  NZ    . LYS A 1 176 ? 13.111  -19.626 -9.348  0.96 44.86 ? 176 LYS A NZ    1 
ATOM   1459 N  N     . ILE A 1 177 ? 12.983  -16.283 -2.381  1.00 33.16 ? 177 ILE A N     1 
ATOM   1460 C  CA    . ILE A 1 177 ? 13.650  -15.741 -1.161  1.00 34.25 ? 177 ILE A CA    1 
ATOM   1461 C  C     . ILE A 1 177 ? 12.925  -16.294 0.081   1.00 33.58 ? 177 ILE A C     1 
ATOM   1462 O  O     . ILE A 1 177 ? 13.595  -16.428 1.102   1.00 38.47 ? 177 ILE A O     1 
ATOM   1463 C  CB    . ILE A 1 177 ? 13.743  -14.192 -1.212  1.00 35.29 ? 177 ILE A CB    1 
ATOM   1464 C  CG1   . ILE A 1 177 ? 14.931  -13.662 -0.406  1.00 39.07 ? 177 ILE A CG1   1 
ATOM   1465 C  CG2   . ILE A 1 177 ? 12.442  -13.549 -0.784  1.00 36.51 ? 177 ILE A CG2   1 
ATOM   1466 C  CD1   . ILE A 1 177 ? 15.227  -12.200 -0.621  1.00 38.14 ? 177 ILE A CD1   1 
ATOM   1467 N  N     . ARG A 1 178 ? 11.641  -16.662 0.004   1.00 37.54 ? 178 ARG A N     1 
ATOM   1468 C  CA    . ARG A 1 178 ? 10.849  -17.192 1.161   1.00 42.52 ? 178 ARG A CA    1 
ATOM   1469 C  C     . ARG A 1 178 ? 10.803  -18.725 1.091   1.00 51.25 ? 178 ARG A C     1 
ATOM   1470 O  O     . ARG A 1 178 ? 11.818  -19.398 1.305   1.00 49.03 ? 178 ARG A O     1 
ATOM   1471 C  CB    . ARG A 1 178 ? 9.443   -16.575 1.227   1.00 47.24 ? 178 ARG A CB    1 
ATOM   1472 C  CG    . ARG A 1 178 ? 8.302   -17.448 0.713   1.00 49.36 ? 178 ARG A CG    1 
ATOM   1473 C  CD    . ARG A 1 178 ? 6.940   -16.836 1.020   1.00 54.49 ? 178 ARG A CD    1 
ATOM   1474 N  NE    . ARG A 1 178 ? 5.839   -17.450 0.275   1.00 58.39 ? 178 ARG A NE    1 
ATOM   1475 C  CZ    . ARG A 1 178 ? 5.510   -17.177 -0.997  1.00 60.02 ? 178 ARG A CZ    1 
ATOM   1476 N  NH1   . ARG A 1 178 ? 4.492   -17.799 -1.571  1.00 61.37 ? 178 ARG A NH1   1 
ATOM   1477 N  NH2   . ARG A 1 178 ? 6.189   -16.289 -1.698  1.00 56.78 ? 178 ARG A NH2   1 
HETATM 1478 P  PG    . AGS B 2 .   ? -9.575  0.845   6.057   1.00 16.48 ? 201 AGS A PG    1 
HETATM 1479 S  S1G   . AGS B 2 .   ? -10.659 0.091   7.549   1.00 20.07 ? 201 AGS A S1G   1 
HETATM 1480 O  O2G   . AGS B 2 .   ? -8.465  1.689   6.581   1.00 20.64 ? 201 AGS A O2G   1 
HETATM 1481 O  O3G   . AGS B 2 .   ? -10.353 1.512   4.913   1.00 16.59 ? 201 AGS A O3G   1 
HETATM 1482 P  PB    . AGS B 2 .   ? -7.739  -0.463  4.288   1.00 21.85 ? 201 AGS A PB    1 
HETATM 1483 O  O1B   . AGS B 2 .   ? -6.907  0.749   4.197   1.00 25.78 ? 201 AGS A O1B   1 
HETATM 1484 O  O2B   . AGS B 2 .   ? -8.527  -0.814  3.044   1.00 27.71 ? 201 AGS A O2B   1 
HETATM 1485 O  O3B   . AGS B 2 .   ? -8.820  -0.345  5.492   1.00 16.01 ? 201 AGS A O3B   1 
HETATM 1486 P  PA    . AGS B 2 .   ? -6.959  -3.275  4.793   1.00 25.67 ? 201 AGS A PA    1 
HETATM 1487 O  O1A   . AGS B 2 .   ? -6.065  -3.612  5.955   1.00 31.88 ? 201 AGS A O1A   1 
HETATM 1488 O  O2A   . AGS B 2 .   ? -8.420  -3.617  4.821   1.00 27.60 ? 201 AGS A O2A   1 
HETATM 1489 O  O3A   . AGS B 2 .   ? -6.843  -1.738  4.491   1.00 24.13 ? 201 AGS A O3A   1 
HETATM 1490 O  "O5'" . AGS B 2 .   ? -6.348  -3.920  3.458   1.00 22.09 ? 201 AGS A "O5'" 1 
HETATM 1491 C  "C5'" . AGS B 2 .   ? -7.294  -4.478  2.503   1.00 23.08 ? 201 AGS A "C5'" 1 
HETATM 1492 C  "C4'" . AGS B 2 .   ? -6.796  -5.818  2.004   1.00 23.09 ? 201 AGS A "C4'" 1 
HETATM 1493 O  "O4'" . AGS B 2 .   ? -5.400  -5.704  1.603   1.00 25.16 ? 201 AGS A "O4'" 1 
HETATM 1494 C  "C3'" . AGS B 2 .   ? -6.809  -6.980  2.998   1.00 29.42 ? 201 AGS A "C3'" 1 
HETATM 1495 O  "O3'" . AGS B 2 .   ? -6.870  -8.219  2.294   1.00 35.09 ? 201 AGS A "O3'" 1 
HETATM 1496 C  "C2'" . AGS B 2 .   ? -5.433  -6.871  3.631   1.00 26.01 ? 201 AGS A "C2'" 1 
HETATM 1497 O  "O2'" . AGS B 2 .   ? -4.966  -8.068  4.199   1.00 31.19 ? 201 AGS A "O2'" 1 
HETATM 1498 C  "C1'" . AGS B 2 .   ? -4.574  -6.495  2.427   1.00 24.07 ? 201 AGS A "C1'" 1 
HETATM 1499 N  N9    . AGS B 2 .   ? -3.421  -5.690  2.804   1.00 22.66 ? 201 AGS A N9    1 
HETATM 1500 C  C8    . AGS B 2 .   ? -3.439  -4.337  2.985   1.00 22.36 ? 201 AGS A C8    1 
HETATM 1501 N  N7    . AGS B 2 .   ? -2.269  -3.837  3.295   1.00 20.12 ? 201 AGS A N7    1 
HETATM 1502 C  C5    . AGS B 2 .   ? -1.424  -4.935  3.339   1.00 20.09 ? 201 AGS A C5    1 
HETATM 1503 C  C6    . AGS B 2 .   ? -0.044  -5.067  3.598   1.00 19.43 ? 201 AGS A C6    1 
HETATM 1504 N  N6    . AGS B 2 .   ? 0.786   -4.052  3.852   1.00 22.52 ? 201 AGS A N6    1 
HETATM 1505 N  N1    . AGS B 2 .   ? 0.470   -6.316  3.585   1.00 19.93 ? 201 AGS A N1    1 
HETATM 1506 C  C2    . AGS B 2 .   ? -0.346  -7.348  3.286   1.00 20.82 ? 201 AGS A C2    1 
HETATM 1507 N  N3    . AGS B 2 .   ? -1.641  -7.335  3.003   1.00 22.37 ? 201 AGS A N3    1 
HETATM 1508 C  C4    . AGS B 2 .   ? -2.129  -6.088  3.051   1.00 20.18 ? 201 AGS A C4    1 
HETATM 1509 CA CA    . CA  C 3 .   ? -6.565  2.679   3.107   1.00 11.18 ? 202 CA  A CA    1 
HETATM 1510 CA CA    . CA  D 3 .   ? -10.407 3.409   3.786   1.00 11.79 ? 203 CA  A CA    1 
HETATM 1511 O  O     . HOH E 4 .   ? 3.153   -11.163 -18.782 1.00 43.28 ? 301 HOH A O     1 
HETATM 1512 O  O     . HOH E 4 .   ? -9.109  4.754   8.080   1.00 22.88 ? 302 HOH A O     1 
HETATM 1513 O  O     . HOH E 4 .   ? 0.603   23.616  0.090   1.00 41.62 ? 303 HOH A O     1 
HETATM 1514 O  O     . HOH E 4 .   ? -6.483  -12.554 15.649  1.00 27.47 ? 304 HOH A O     1 
HETATM 1515 O  O     . HOH E 4 .   ? -6.777  14.771  -11.864 1.00 47.86 ? 305 HOH A O     1 
HETATM 1516 O  O     . HOH E 4 .   ? 20.691  -7.425  2.484   1.00 39.92 ? 306 HOH A O     1 
HETATM 1517 O  O     . HOH E 4 .   ? 7.568   4.504   15.257  1.00 38.42 ? 307 HOH A O     1 
HETATM 1518 O  O     . HOH E 4 .   ? 8.087   1.172   15.696  1.00 34.50 ? 308 HOH A O     1 
HETATM 1519 O  O     . HOH E 4 .   ? -3.069  -1.385  3.295   1.00 25.56 ? 309 HOH A O     1 
HETATM 1520 O  O     . HOH E 4 .   ? -15.471 0.354   1.953   1.00 30.35 ? 310 HOH A O     1 
HETATM 1521 O  O     . HOH E 4 .   ? -7.432  4.349   12.782  1.00 28.40 ? 311 HOH A O     1 
HETATM 1522 O  O     . HOH E 4 .   ? 0.212   -11.442 3.622   1.00 21.15 ? 312 HOH A O     1 
HETATM 1523 O  O     . HOH E 4 .   ? 11.608  -13.350 -10.540 1.00 24.92 ? 313 HOH A O     1 
HETATM 1524 O  O     . HOH E 4 .   ? 4.612   7.823   -15.164 1.00 44.41 ? 314 HOH A O     1 
HETATM 1525 O  O     . HOH E 4 .   ? 1.490   -6.090  13.677  1.00 20.86 ? 315 HOH A O     1 
HETATM 1526 O  O     . HOH E 4 .   ? -8.140  3.688   4.810   1.00 11.94 ? 316 HOH A O     1 
HETATM 1527 O  O     . HOH E 4 .   ? 3.751   5.360   -1.848  1.00 14.80 ? 317 HOH A O     1 
HETATM 1528 O  O     . HOH E 4 .   ? 7.531   1.623   -10.816 1.00 31.93 ? 318 HOH A O     1 
HETATM 1529 O  O     . HOH E 4 .   ? 8.423   -6.910  13.331  1.00 43.27 ? 319 HOH A O     1 
HETATM 1530 O  O     . HOH E 4 .   ? -8.032  -1.430  22.996  1.00 28.90 ? 320 HOH A O     1 
HETATM 1531 O  O     . HOH E 4 .   ? 5.824   -5.337  7.336   1.00 14.78 ? 321 HOH A O     1 
HETATM 1532 O  O     . HOH E 4 .   ? -7.107  0.066   12.684  1.00 26.42 ? 322 HOH A O     1 
HETATM 1533 O  O     . HOH E 4 .   ? -8.192  -2.650  -15.465 1.00 25.61 ? 323 HOH A O     1 
HETATM 1534 O  O     . HOH E 4 .   ? 12.380  6.315   17.966  1.00 25.49 ? 324 HOH A O     1 
HETATM 1535 O  O     . HOH E 4 .   ? -5.905  -3.382  -15.237 1.00 34.66 ? 325 HOH A O     1 
HETATM 1536 O  O     . HOH E 4 .   ? 11.399  -1.905  14.170  1.00 36.12 ? 326 HOH A O     1 
HETATM 1537 O  O     . HOH E 4 .   ? -3.100  -6.244  -14.451 1.00 30.81 ? 327 HOH A O     1 
HETATM 1538 O  O     . HOH E 4 .   ? 1.645   -3.544  -18.878 1.00 41.51 ? 328 HOH A O     1 
HETATM 1539 O  O     . HOH E 4 .   ? 11.956  -11.094 11.341  1.00 45.46 ? 329 HOH A O     1 
HETATM 1540 O  O     . HOH E 4 .   ? -6.269  4.873   2.120   1.00 12.21 ? 330 HOH A O     1 
HETATM 1541 O  O     . HOH E 4 .   ? -10.131 21.306  -1.423  1.00 38.28 ? 331 HOH A O     1 
HETATM 1542 O  O     . HOH E 4 .   ? -3.573  4.270   17.443  1.00 31.41 ? 332 HOH A O     1 
HETATM 1543 O  O     . HOH E 4 .   ? -11.958 11.205  -7.090  1.00 43.08 ? 333 HOH A O     1 
HETATM 1544 O  O     . HOH E 4 .   ? -2.228  -9.982  2.769   1.00 28.94 ? 334 HOH A O     1 
HETATM 1545 O  O     . HOH E 4 .   ? 8.130   -12.623 4.412   1.00 34.40 ? 335 HOH A O     1 
HETATM 1546 O  O     . HOH E 4 .   ? 12.777  -0.326  8.528   1.00 34.94 ? 336 HOH A O     1 
HETATM 1547 O  O     . HOH E 4 .   ? 12.733  8.833   10.012  1.00 31.15 ? 337 HOH A O     1 
HETATM 1548 O  O     . HOH E 4 .   ? -3.227  1.914   5.542   1.00 17.82 ? 338 HOH A O     1 
HETATM 1549 O  O     . HOH E 4 .   ? -5.329  -14.337 12.684  1.00 33.75 ? 339 HOH A O     1 
HETATM 1550 O  O     . HOH E 4 .   ? -6.939  22.699  7.484   1.00 37.03 ? 340 HOH A O     1 
HETATM 1551 O  O     . HOH E 4 .   ? 4.154   -11.553 12.044  1.00 39.25 ? 341 HOH A O     1 
HETATM 1552 O  O     . HOH E 4 .   ? 4.558   -8.688  15.838  1.00 33.28 ? 342 HOH A O     1 
HETATM 1553 O  O     . HOH E 4 .   ? 13.216  3.161   -8.609  1.00 47.32 ? 343 HOH A O     1 
HETATM 1554 O  O     . HOH E 4 .   ? -9.015  12.758  15.147  1.00 42.41 ? 344 HOH A O     1 
HETATM 1555 O  O     . HOH E 4 .   ? -10.085 18.884  -4.623  1.00 45.31 ? 345 HOH A O     1 
HETATM 1556 O  O     . HOH E 4 .   ? -3.585  -12.689 18.099  1.00 44.06 ? 346 HOH A O     1 
HETATM 1557 O  O     . HOH E 4 .   ? -13.531 4.952   9.298   1.00 32.93 ? 347 HOH A O     1 
HETATM 1558 O  O     . HOH E 4 .   ? -7.226  17.471  -7.883  1.00 24.37 ? 348 HOH A O     1 
HETATM 1559 O  O     . HOH E 4 .   ? 0.297   -1.117  3.668   1.00 28.68 ? 349 HOH A O     1 
HETATM 1560 O  O     . HOH E 4 .   ? 18.355  -1.457  -1.325  1.00 39.86 ? 350 HOH A O     1 
HETATM 1561 O  O     . HOH E 4 .   ? -5.722  10.420  7.782   1.00 14.12 ? 351 HOH A O     1 
HETATM 1562 O  O     . HOH E 4 .   ? -5.964  5.663   14.375  1.00 31.55 ? 352 HOH A O     1 
HETATM 1563 O  O     . HOH E 4 .   ? 16.201  -5.941  -6.137  1.00 38.32 ? 353 HOH A O     1 
HETATM 1564 O  O     . HOH E 4 .   ? 17.133  -3.157  -4.303  1.00 31.01 ? 354 HOH A O     1 
HETATM 1565 O  O     . HOH E 4 .   ? 9.276   7.020   16.696  1.00 18.76 ? 355 HOH A O     1 
HETATM 1566 O  O     . HOH E 4 .   ? 11.416  -2.314  10.454  1.00 20.83 ? 356 HOH A O     1 
HETATM 1567 O  O     . HOH E 4 .   ? -4.859  19.455  9.838   1.00 33.11 ? 357 HOH A O     1 
HETATM 1568 O  O     . HOH E 4 .   ? -10.306 12.356  -8.717  1.00 27.31 ? 358 HOH A O     1 
HETATM 1569 O  O     . HOH E 4 .   ? -10.951 -4.547  20.996  1.00 37.11 ? 359 HOH A O     1 
HETATM 1570 O  O     . HOH E 4 .   ? 5.917   -11.929 6.074   1.00 23.52 ? 360 HOH A O     1 
HETATM 1571 O  O     . HOH E 4 .   ? 11.215  8.105   1.131   1.00 28.41 ? 361 HOH A O     1 
HETATM 1572 O  O     . HOH E 4 .   ? 4.511   -4.893  14.704  1.00 33.03 ? 362 HOH A O     1 
HETATM 1573 O  O     . HOH E 4 .   ? 1.257   13.748  -6.926  1.00 36.79 ? 363 HOH A O     1 
HETATM 1574 O  O     . HOH E 4 .   ? 16.879  5.241   11.009  1.00 28.84 ? 364 HOH A O     1 
HETATM 1575 O  O     . HOH E 4 .   ? -2.445  -8.351  -12.840 1.00 28.03 ? 365 HOH A O     1 
HETATM 1576 O  O     . HOH E 4 .   ? 2.154   8.856   -13.710 1.00 23.05 ? 366 HOH A O     1 
HETATM 1577 O  O     . HOH E 4 .   ? -16.432 5.675   -2.606  1.00 28.29 ? 367 HOH A O     1 
HETATM 1578 O  O     . HOH E 4 .   ? 0.722   -11.865 -14.277 1.00 25.04 ? 368 HOH A O     1 
HETATM 1579 O  O     . HOH E 4 .   ? 10.221  -6.985  10.459  1.00 35.03 ? 369 HOH A O     1 
HETATM 1580 O  O     . HOH E 4 .   ? 12.855  7.199   3.200   1.00 31.58 ? 370 HOH A O     1 
HETATM 1581 O  O     . HOH E 4 .   ? 5.092   12.731  -9.103  1.00 35.98 ? 371 HOH A O     1 
HETATM 1582 O  O     . HOH E 4 .   ? 3.023   5.272   0.834   1.00 13.49 ? 372 HOH A O     1 
HETATM 1583 O  O     . HOH E 4 .   ? -15.097 3.819   -8.951  1.00 30.05 ? 373 HOH A O     1 
HETATM 1584 O  O     . HOH E 4 .   ? -7.007  8.550   14.459  1.00 35.66 ? 374 HOH A O     1 
HETATM 1585 O  O     . HOH E 4 .   ? -4.251  -0.392  5.018   1.00 22.79 ? 375 HOH A O     1 
HETATM 1586 O  O     . HOH E 4 .   ? 14.625  -19.896 2.201   1.00 35.89 ? 376 HOH A O     1 
HETATM 1587 O  O     . HOH E 4 .   ? 3.398   -6.562  -18.411 1.00 26.49 ? 377 HOH A O     1 
HETATM 1588 O  O     . HOH E 4 .   ? 19.239  -4.002  -1.693  1.00 44.60 ? 378 HOH A O     1 
HETATM 1589 O  O     . HOH E 4 .   ? 5.377   -13.388 8.607   1.00 36.34 ? 379 HOH A O     1 
HETATM 1590 O  O     . HOH E 4 .   ? -5.711  16.607  12.745  1.00 36.86 ? 380 HOH A O     1 
HETATM 1591 O  O     . HOH E 4 .   ? 15.423  -8.956  9.014   1.00 31.43 ? 381 HOH A O     1 
HETATM 1592 O  O     . HOH E 4 .   ? -5.980  -11.725 -12.437 1.00 38.94 ? 382 HOH A O     1 
HETATM 1593 O  O     . HOH E 4 .   ? -18.344 5.613   0.768   1.00 39.01 ? 383 HOH A O     1 
HETATM 1594 O  O     . HOH E 4 .   ? -9.237  1.570   12.740  1.00 35.06 ? 384 HOH A O     1 
HETATM 1595 O  O     . HOH E 4 .   ? 3.380   12.669  -11.879 1.00 27.02 ? 385 HOH A O     1 
HETATM 1596 O  O     . HOH E 4 .   ? -5.619  4.575   18.471  1.00 35.90 ? 386 HOH A O     1 
HETATM 1597 O  O     . HOH E 4 .   ? -16.842 4.659   3.703   1.00 24.25 ? 387 HOH A O     1 
HETATM 1598 O  O     . HOH E 4 .   ? 9.489   -2.951  -10.791 1.00 38.18 ? 388 HOH A O     1 
HETATM 1599 O  O     . HOH E 4 .   ? -8.474  15.988  -9.546  1.00 36.79 ? 389 HOH A O     1 
HETATM 1600 O  O     . HOH E 4 .   ? -17.331 4.940   6.452   1.00 31.94 ? 390 HOH A O     1 
HETATM 1601 O  O     . HOH E 4 .   ? 6.602   -6.953  15.546  1.00 33.08 ? 391 HOH A O     1 
HETATM 1602 O  O     . HOH E 4 .   ? 0.988   13.973  12.793  1.00 39.66 ? 392 HOH A O     1 
HETATM 1603 O  O     . HOH E 4 .   ? -9.528  5.552   11.177  1.00 38.59 ? 393 HOH A O     1 
HETATM 1604 O  O     . HOH E 4 .   ? 5.022   -10.868 14.755  1.00 38.49 ? 394 HOH A O     1 
HETATM 1605 O  O     . HOH E 4 .   ? 6.522   -4.468  -16.412 1.00 42.23 ? 395 HOH A O     1 
HETATM 1606 O  O     . HOH E 4 .   ? 14.383  -19.208 4.507   1.00 40.79 ? 396 HOH A O     1 
HETATM 1607 O  O     . HOH E 4 .   ? -2.389  9.841   -15.137 1.00 38.63 ? 397 HOH A O     1 
HETATM 1608 O  O     . HOH E 4 .   ? -7.147  5.736   17.116  1.00 38.18 ? 398 HOH A O     1 
HETATM 1609 O  O     . HOH E 4 .   ? -5.263  -4.964  -13.281 1.00 34.77 ? 399 HOH A O     1 
HETATM 1610 O  O     . HOH E 4 .   ? -10.994 -7.057  3.976   1.00 36.90 ? 400 HOH A O     1 
HETATM 1611 O  O     . HOH E 4 .   ? 1.209   -14.253 -12.697 1.00 32.74 ? 401 HOH A O     1 
HETATM 1612 O  O     . HOH E 4 .   ? 7.611   -0.867  -11.920 1.00 40.55 ? 402 HOH A O     1 
HETATM 1613 O  O     . HOH E 4 .   ? -0.484  18.914  6.293   1.00 36.22 ? 403 HOH A O     1 
HETATM 1614 O  O     . HOH E 4 .   ? -1.736  -10.600 -14.103 1.00 37.10 ? 404 HOH A O     1 
HETATM 1615 O  O     . HOH E 4 .   ? -8.743  19.691  -7.946  1.00 37.82 ? 405 HOH A O     1 
HETATM 1616 O  O     . HOH E 4 .   ? 0.273   11.251  -14.274 1.00 37.12 ? 406 HOH A O     1 
HETATM 1617 O  O     . HOH E 4 .   ? 14.032  -5.292  -11.219 1.00 43.15 ? 407 HOH A O     1 
# 
